data_7T5X
#
_entry.id   7T5X
#
_cell.length_a   79.740
_cell.length_b   82.280
_cell.length_c   220.560
_cell.angle_alpha   90.000
_cell.angle_beta   90.000
_cell.angle_gamma   90.000
#
_symmetry.space_group_name_H-M   'P 21 21 21'
#
loop_
_entity.id
_entity.type
_entity.pdbx_description
1 polymer 'Acyl-[acyl-carrier-protein]--UDP-N-acetylglucosamine O-acyltransferase'
2 non-polymer Nalpha-(tert-butoxycarbonyl)-N-1H-tetrazol-5-yl-D-tryptophanamide
3 water water
#
_entity_poly.entity_id   1
_entity_poly.type   'polypeptide(L)'
_entity_poly.pdbx_seq_one_letter_code
;MSLIDPRAIIDPSARLAADVQVGPWSIVGAEVEIGEGTVIGPHVVLKGPTKIGKHNRIYQFSSVGEDTPDLKYKGEPTRL
VIGDHNVIREGVTIHRGTVQDRAETTIGDHNLIMAYAHIGHDSVIGNHCILVNNTALAGHVHVDDWAILSGYTLVHQYCR
IGAHSFSGMGSAIGKDVPAYVTVFGNPAEARSMNFEGMRRRGFSSEAIHALRRAYKVVYRQGHTVEEALAELAESAAQFP
EVAVFRDSIQSATRGITR
;
_entity_poly.pdbx_strand_id   A,B,C,D,E,F
#
loop_
_chem_comp.id
_chem_comp.type
_chem_comp.name
_chem_comp.formula
F4L non-polymer Nalpha-(tert-butoxycarbonyl)-N-1H-tetrazol-5-yl-D-tryptophanamide 'C17 H21 N7 O3'
#
# COMPACT_ATOMS: atom_id res chain seq x y z
N SER A 2 -6.27 -24.93 -37.20
CA SER A 2 -5.89 -24.20 -38.47
C SER A 2 -5.33 -22.80 -38.16
N LEU A 3 -4.72 -22.18 -39.16
CA LEU A 3 -4.06 -20.85 -39.05
C LEU A 3 -5.10 -19.73 -39.15
N ILE A 4 -6.17 -19.92 -39.93
CA ILE A 4 -7.27 -18.94 -40.13
C ILE A 4 -8.39 -19.28 -39.16
N ASP A 5 -8.53 -18.51 -38.09
CA ASP A 5 -9.61 -18.69 -37.09
C ASP A 5 -10.94 -18.55 -37.81
N PRO A 6 -11.88 -19.49 -37.57
CA PRO A 6 -13.20 -19.46 -38.23
C PRO A 6 -14.13 -18.32 -37.76
N ARG A 7 -13.76 -17.63 -36.67
CA ARG A 7 -14.53 -16.45 -36.22
C ARG A 7 -14.03 -15.16 -36.91
N ALA A 8 -12.97 -15.23 -37.73
CA ALA A 8 -12.51 -14.10 -38.57
C ALA A 8 -13.31 -14.07 -39.87
N ILE A 9 -13.53 -12.88 -40.42
CA ILE A 9 -14.25 -12.67 -41.69
C ILE A 9 -13.20 -12.40 -42.75
N ILE A 10 -13.11 -13.30 -43.72
CA ILE A 10 -12.14 -13.26 -44.84
C ILE A 10 -12.95 -13.09 -46.12
N ASP A 11 -12.87 -11.90 -46.71
CA ASP A 11 -13.51 -11.57 -48.00
C ASP A 11 -12.97 -12.51 -49.08
N PRO A 12 -13.87 -12.99 -49.97
CA PRO A 12 -13.46 -13.79 -51.14
C PRO A 12 -12.31 -13.23 -51.98
N SER A 13 -12.19 -11.89 -52.12
CA SER A 13 -11.16 -11.20 -52.95
C SER A 13 -9.83 -11.07 -52.20
N ALA A 14 -9.78 -11.35 -50.90
CA ALA A 14 -8.55 -11.29 -50.08
C ALA A 14 -7.64 -12.44 -50.49
N ARG A 15 -6.33 -12.21 -50.56
CA ARG A 15 -5.30 -13.23 -50.89
C ARG A 15 -4.39 -13.48 -49.69
N LEU A 16 -4.45 -14.67 -49.09
CA LEU A 16 -3.61 -15.10 -47.94
C LEU A 16 -2.52 -16.04 -48.46
N ALA A 17 -1.26 -15.72 -48.17
CA ALA A 17 -0.08 -16.53 -48.56
C ALA A 17 0.16 -17.63 -47.51
N ALA A 18 1.18 -18.45 -47.76
CA ALA A 18 1.59 -19.57 -46.87
C ALA A 18 1.94 -19.05 -45.46
N ASP A 19 1.46 -19.74 -44.43
CA ASP A 19 1.85 -19.56 -43.01
C ASP A 19 1.20 -18.30 -42.42
N VAL A 20 0.18 -17.74 -43.07
CA VAL A 20 -0.53 -16.53 -42.55
C VAL A 20 -1.44 -17.00 -41.41
N GLN A 21 -1.50 -16.26 -40.30
CA GLN A 21 -2.45 -16.48 -39.20
C GLN A 21 -3.40 -15.30 -39.10
N VAL A 22 -4.69 -15.59 -38.92
CA VAL A 22 -5.71 -14.55 -38.62
C VAL A 22 -6.43 -14.97 -37.35
N GLY A 23 -6.28 -14.19 -36.29
CA GLY A 23 -6.93 -14.47 -35.01
C GLY A 23 -8.44 -14.23 -35.07
N PRO A 24 -9.18 -14.67 -34.04
CA PRO A 24 -10.63 -14.54 -34.03
C PRO A 24 -11.12 -13.09 -34.11
N TRP A 25 -12.28 -12.91 -34.76
CA TRP A 25 -13.05 -11.65 -34.86
C TRP A 25 -12.26 -10.57 -35.62
N SER A 26 -11.33 -10.99 -36.48
CA SER A 26 -10.57 -10.05 -37.34
C SER A 26 -11.30 -9.95 -38.69
N ILE A 27 -11.23 -8.77 -39.32
CA ILE A 27 -11.75 -8.59 -40.70
C ILE A 27 -10.58 -8.41 -41.67
N VAL A 28 -10.48 -9.35 -42.61
CA VAL A 28 -9.59 -9.24 -43.80
C VAL A 28 -10.48 -8.85 -44.99
N GLY A 29 -10.63 -7.56 -45.23
CA GLY A 29 -11.59 -6.98 -46.18
C GLY A 29 -11.20 -7.22 -47.63
N ALA A 30 -12.04 -6.76 -48.54
CA ALA A 30 -11.87 -6.93 -49.98
C ALA A 30 -10.52 -6.33 -50.39
N GLU A 31 -9.80 -7.05 -51.24
CA GLU A 31 -8.56 -6.63 -51.93
C GLU A 31 -7.44 -6.35 -50.92
N VAL A 32 -7.46 -7.08 -49.81
CA VAL A 32 -6.31 -7.14 -48.88
C VAL A 32 -5.46 -8.35 -49.25
N GLU A 33 -4.19 -8.10 -49.51
CA GLU A 33 -3.17 -9.13 -49.80
C GLU A 33 -2.25 -9.25 -48.58
N ILE A 34 -2.12 -10.44 -48.03
CA ILE A 34 -1.24 -10.68 -46.84
C ILE A 34 -0.14 -11.68 -47.21
N GLY A 35 1.11 -11.28 -47.03
CA GLY A 35 2.30 -12.03 -47.45
C GLY A 35 2.71 -13.09 -46.44
N GLU A 36 3.71 -13.87 -46.81
CA GLU A 36 4.10 -15.15 -46.16
C GLU A 36 4.42 -14.92 -44.68
N GLY A 37 3.82 -15.73 -43.81
CA GLY A 37 4.20 -15.83 -42.39
C GLY A 37 3.72 -14.64 -41.55
N THR A 38 2.90 -13.75 -42.13
CA THR A 38 2.35 -12.55 -41.45
C THR A 38 1.29 -13.06 -40.46
N VAL A 39 1.36 -12.58 -39.22
CA VAL A 39 0.42 -12.91 -38.12
C VAL A 39 -0.50 -11.70 -37.86
N ILE A 40 -1.76 -11.84 -38.19
CA ILE A 40 -2.85 -10.90 -37.80
C ILE A 40 -3.46 -11.40 -36.48
N GLY A 41 -3.38 -10.59 -35.43
CA GLY A 41 -3.95 -10.89 -34.11
C GLY A 41 -5.46 -10.98 -34.17
N PRO A 42 -6.13 -11.12 -33.01
CA PRO A 42 -7.58 -10.97 -32.94
C PRO A 42 -8.04 -9.50 -32.98
N HIS A 43 -9.32 -9.25 -33.26
CA HIS A 43 -9.93 -7.89 -33.20
C HIS A 43 -9.15 -6.90 -34.08
N VAL A 44 -8.63 -7.34 -35.22
CA VAL A 44 -7.92 -6.47 -36.20
C VAL A 44 -8.87 -6.20 -37.35
N VAL A 45 -8.94 -4.96 -37.80
CA VAL A 45 -9.70 -4.58 -39.02
C VAL A 45 -8.70 -4.19 -40.12
N LEU A 46 -8.56 -5.04 -41.14
CA LEU A 46 -7.83 -4.73 -42.41
C LEU A 46 -8.86 -4.36 -43.48
N LYS A 47 -8.68 -3.18 -44.08
CA LYS A 47 -9.49 -2.72 -45.23
C LYS A 47 -8.55 -2.41 -46.40
N GLY A 48 -9.01 -2.64 -47.62
CA GLY A 48 -8.20 -2.58 -48.83
C GLY A 48 -8.63 -1.43 -49.72
N PRO A 49 -8.03 -1.29 -50.92
CA PRO A 49 -6.94 -2.15 -51.37
C PRO A 49 -5.59 -1.94 -50.67
N THR A 50 -5.03 -3.04 -50.13
CA THR A 50 -3.89 -3.05 -49.21
C THR A 50 -3.02 -4.26 -49.53
N LYS A 51 -1.71 -4.04 -49.60
CA LYS A 51 -0.70 -5.10 -49.80
C LYS A 51 0.22 -5.13 -48.57
N ILE A 52 0.12 -6.19 -47.75
CA ILE A 52 1.01 -6.47 -46.58
C ILE A 52 1.99 -7.58 -46.97
N GLY A 53 3.28 -7.36 -46.74
CA GLY A 53 4.36 -8.31 -47.10
C GLY A 53 4.54 -9.42 -46.08
N LYS A 54 5.79 -9.88 -45.91
CA LYS A 54 6.10 -11.16 -45.21
C LYS A 54 6.47 -10.91 -43.74
N HIS A 55 6.16 -11.87 -42.88
CA HIS A 55 6.65 -12.01 -41.49
C HIS A 55 6.34 -10.73 -40.72
N ASN A 56 5.17 -10.13 -40.95
CA ASN A 56 4.66 -8.96 -40.20
C ASN A 56 3.87 -9.48 -38.99
N ARG A 57 3.73 -8.64 -37.98
CA ARG A 57 2.86 -8.90 -36.81
C ARG A 57 1.99 -7.67 -36.60
N ILE A 58 0.68 -7.85 -36.61
CA ILE A 58 -0.33 -6.78 -36.37
C ILE A 58 -1.19 -7.19 -35.18
N TYR A 59 -1.22 -6.36 -34.14
CA TYR A 59 -1.87 -6.62 -32.82
C TYR A 59 -3.34 -6.17 -32.86
N GLN A 60 -4.12 -6.71 -31.92
CA GLN A 60 -5.54 -6.40 -31.67
C GLN A 60 -5.84 -4.90 -31.75
N PHE A 61 -7.03 -4.58 -32.24
CA PHE A 61 -7.72 -3.28 -32.10
C PHE A 61 -7.17 -2.27 -33.12
N SER A 62 -6.29 -2.76 -33.99
CA SER A 62 -5.63 -1.99 -35.09
C SER A 62 -6.62 -1.87 -36.26
N SER A 63 -6.68 -0.70 -36.88
CA SER A 63 -7.43 -0.39 -38.11
C SER A 63 -6.42 -0.01 -39.19
N VAL A 64 -6.12 -0.97 -40.06
CA VAL A 64 -5.07 -0.87 -41.12
C VAL A 64 -5.76 -0.84 -42.49
N GLY A 65 -5.69 0.31 -43.15
CA GLY A 65 -6.24 0.52 -44.49
C GLY A 65 -7.55 1.27 -44.48
N GLU A 66 -7.84 2.01 -43.41
CA GLU A 66 -9.05 2.86 -43.41
C GLU A 66 -8.85 4.09 -44.29
N ASP A 67 -9.94 4.76 -44.61
CA ASP A 67 -9.96 6.04 -45.35
C ASP A 67 -9.71 7.17 -44.37
N THR A 68 -9.05 8.24 -44.83
CA THR A 68 -8.83 9.45 -44.01
C THR A 68 -10.19 10.08 -43.77
N PRO A 69 -10.46 10.61 -42.56
CA PRO A 69 -11.68 11.36 -42.33
C PRO A 69 -11.55 12.80 -42.86
N ASP A 70 -10.33 13.26 -43.15
CA ASP A 70 -9.96 14.62 -43.68
C ASP A 70 -10.70 14.96 -44.99
N LEU A 71 -11.18 13.94 -45.73
CA LEU A 71 -12.13 14.06 -46.88
C LEU A 71 -13.49 13.48 -46.45
N LYS A 72 -14.60 14.12 -46.83
CA LYS A 72 -15.96 13.62 -46.50
C LYS A 72 -16.45 12.68 -47.62
N TYR A 73 -16.07 12.98 -48.87
CA TYR A 73 -16.30 12.15 -50.08
C TYR A 73 -14.96 11.54 -50.51
N LYS A 74 -14.81 10.24 -50.29
CA LYS A 74 -13.51 9.52 -50.39
C LYS A 74 -13.21 9.21 -51.87
N GLY A 75 -11.97 8.77 -52.14
CA GLY A 75 -11.51 8.31 -53.47
C GLY A 75 -11.16 6.83 -53.47
N GLU A 76 -11.40 6.15 -54.59
CA GLU A 76 -10.95 4.77 -54.89
C GLU A 76 -10.37 4.72 -56.30
N PRO A 77 -9.36 3.89 -56.57
CA PRO A 77 -8.68 3.11 -55.54
C PRO A 77 -7.48 3.91 -54.98
N THR A 78 -7.45 4.12 -53.67
CA THR A 78 -6.21 4.51 -52.94
C THR A 78 -5.71 3.26 -52.22
N ARG A 79 -4.39 3.16 -52.06
CA ARG A 79 -3.65 1.92 -51.70
C ARG A 79 -2.94 2.13 -50.36
N LEU A 80 -2.64 1.03 -49.69
CA LEU A 80 -1.67 0.94 -48.57
C LEU A 80 -0.73 -0.21 -48.88
N VAL A 81 0.57 0.03 -48.85
CA VAL A 81 1.65 -0.96 -49.07
C VAL A 81 2.50 -1.04 -47.79
N ILE A 82 2.54 -2.21 -47.19
CA ILE A 82 3.38 -2.50 -46.00
C ILE A 82 4.38 -3.58 -46.44
N GLY A 83 5.66 -3.38 -46.20
CA GLY A 83 6.73 -4.35 -46.53
C GLY A 83 6.82 -5.50 -45.53
N ASP A 84 8.04 -5.90 -45.19
CA ASP A 84 8.35 -7.15 -44.48
C ASP A 84 8.84 -6.86 -43.05
N HIS A 85 8.53 -7.77 -42.12
CA HIS A 85 9.17 -7.89 -40.79
C HIS A 85 8.84 -6.64 -39.97
N ASN A 86 7.65 -6.07 -40.16
CA ASN A 86 7.12 -4.90 -39.41
C ASN A 86 6.35 -5.40 -38.19
N VAL A 87 6.38 -4.63 -37.10
CA VAL A 87 5.54 -4.89 -35.90
C VAL A 87 4.60 -3.69 -35.71
N ILE A 88 3.30 -3.91 -35.82
CA ILE A 88 2.22 -2.92 -35.60
C ILE A 88 1.47 -3.37 -34.35
N ARG A 89 1.53 -2.57 -33.29
CA ARG A 89 1.09 -2.96 -31.92
C ARG A 89 -0.38 -2.55 -31.77
N GLU A 90 -0.90 -2.62 -30.54
CA GLU A 90 -2.33 -2.52 -30.25
C GLU A 90 -2.86 -1.18 -30.73
N GLY A 91 -4.04 -1.18 -31.34
CA GLY A 91 -4.84 0.03 -31.53
C GLY A 91 -4.25 1.01 -32.54
N VAL A 92 -3.31 0.58 -33.39
CA VAL A 92 -2.64 1.44 -34.42
C VAL A 92 -3.64 1.74 -35.55
N THR A 93 -3.71 3.00 -36.00
CA THR A 93 -4.52 3.37 -37.20
C THR A 93 -3.57 3.77 -38.34
N ILE A 94 -3.69 3.09 -39.48
CA ILE A 94 -2.96 3.42 -40.72
C ILE A 94 -4.03 3.67 -41.79
N HIS A 95 -4.02 4.88 -42.35
CA HIS A 95 -4.92 5.32 -43.45
C HIS A 95 -4.25 5.10 -44.82
N ARG A 96 -5.05 4.72 -45.82
CA ARG A 96 -4.59 4.62 -47.22
C ARG A 96 -4.38 6.02 -47.77
N GLY A 97 -3.82 6.13 -48.99
CA GLY A 97 -3.53 7.41 -49.66
C GLY A 97 -4.80 8.10 -50.13
N THR A 98 -4.67 9.24 -50.83
CA THR A 98 -5.75 10.07 -51.42
C THR A 98 -5.50 10.20 -52.92
N VAL A 99 -6.57 10.28 -53.71
CA VAL A 99 -6.49 10.42 -55.19
C VAL A 99 -5.75 11.72 -55.55
N GLN A 100 -5.95 12.81 -54.80
CA GLN A 100 -5.31 14.13 -55.04
C GLN A 100 -3.77 14.01 -55.04
N ASP A 101 -3.21 13.23 -54.10
CA ASP A 101 -1.75 13.17 -53.78
C ASP A 101 -1.18 11.83 -54.27
N ARG A 102 -0.54 11.00 -53.40
CA ARG A 102 0.23 9.81 -53.88
C ARG A 102 -0.69 8.64 -54.25
N ALA A 103 -1.94 8.68 -53.82
CA ALA A 103 -2.87 7.53 -53.93
C ALA A 103 -2.32 6.27 -53.20
N GLU A 104 -1.27 6.41 -52.37
CA GLU A 104 -0.68 5.28 -51.60
C GLU A 104 -0.07 5.82 -50.29
N THR A 105 -0.34 5.13 -49.20
CA THR A 105 0.45 5.18 -47.95
C THR A 105 1.44 4.02 -48.01
N THR A 106 2.71 4.29 -47.77
CA THR A 106 3.83 3.32 -48.00
C THR A 106 4.59 3.15 -46.68
N ILE A 107 4.77 1.90 -46.26
CA ILE A 107 5.65 1.48 -45.13
C ILE A 107 6.63 0.42 -45.66
N GLY A 108 7.91 0.58 -45.37
CA GLY A 108 8.95 -0.37 -45.77
C GLY A 108 9.06 -1.54 -44.79
N ASP A 109 10.28 -1.86 -44.39
CA ASP A 109 10.66 -3.13 -43.70
C ASP A 109 11.17 -2.85 -42.29
N HIS A 110 11.00 -3.81 -41.38
CA HIS A 110 11.70 -3.88 -40.06
C HIS A 110 11.34 -2.65 -39.22
N ASN A 111 10.11 -2.12 -39.35
CA ASN A 111 9.60 -0.97 -38.58
C ASN A 111 8.86 -1.47 -37.35
N LEU A 112 8.89 -0.67 -36.29
CA LEU A 112 8.20 -0.93 -35.03
C LEU A 112 7.28 0.25 -34.77
N ILE A 113 5.98 0.04 -34.89
CA ILE A 113 4.90 1.06 -34.73
C ILE A 113 4.14 0.66 -33.48
N MET A 114 4.33 1.43 -32.40
CA MET A 114 3.91 1.01 -31.04
C MET A 114 2.44 1.42 -30.85
N ALA A 115 1.87 1.06 -29.73
CA ALA A 115 0.42 1.09 -29.46
C ALA A 115 -0.14 2.49 -29.76
N TYR A 116 -1.22 2.54 -30.51
CA TYR A 116 -2.12 3.71 -30.70
C TYR A 116 -1.44 4.79 -31.57
N ALA A 117 -0.34 4.44 -32.26
CA ALA A 117 0.30 5.35 -33.24
C ALA A 117 -0.66 5.53 -34.41
N HIS A 118 -0.59 6.68 -35.07
CA HIS A 118 -1.41 7.01 -36.25
C HIS A 118 -0.49 7.36 -37.43
N ILE A 119 -0.68 6.69 -38.57
CA ILE A 119 0.02 7.02 -39.83
C ILE A 119 -1.02 7.53 -40.84
N GLY A 120 -1.00 8.83 -41.11
CA GLY A 120 -2.00 9.52 -41.93
C GLY A 120 -1.77 9.33 -43.43
N HIS A 121 -2.82 9.59 -44.19
CA HIS A 121 -2.91 9.38 -45.65
C HIS A 121 -1.62 9.87 -46.34
N ASP A 122 -1.11 9.06 -47.27
CA ASP A 122 -0.04 9.40 -48.25
C ASP A 122 1.32 9.54 -47.57
N SER A 123 1.45 9.17 -46.29
CA SER A 123 2.74 9.19 -45.55
C SER A 123 3.61 8.07 -46.07
N VAL A 124 4.94 8.21 -45.97
CA VAL A 124 5.93 7.18 -46.39
C VAL A 124 6.84 6.91 -45.19
N ILE A 125 6.83 5.68 -44.67
CA ILE A 125 7.84 5.20 -43.70
C ILE A 125 8.88 4.34 -44.45
N GLY A 126 10.15 4.59 -44.17
CA GLY A 126 11.28 3.77 -44.67
C GLY A 126 11.42 2.48 -43.88
N ASN A 127 12.66 2.16 -43.54
CA ASN A 127 13.09 0.89 -42.90
C ASN A 127 13.64 1.20 -41.52
N HIS A 128 13.40 0.29 -40.58
CA HIS A 128 14.11 0.24 -39.27
C HIS A 128 13.72 1.46 -38.43
N CYS A 129 12.53 2.01 -38.66
CA CYS A 129 12.00 3.16 -37.90
C CYS A 129 11.33 2.68 -36.63
N ILE A 130 11.25 3.56 -35.63
CA ILE A 130 10.49 3.28 -34.37
C ILE A 130 9.53 4.45 -34.14
N LEU A 131 8.24 4.19 -34.22
CA LEU A 131 7.20 5.13 -33.77
C LEU A 131 6.67 4.65 -32.42
N VAL A 132 7.04 5.38 -31.36
CA VAL A 132 6.70 5.06 -29.96
C VAL A 132 5.24 5.45 -29.77
N ASN A 133 4.63 4.88 -28.74
CA ASN A 133 3.21 5.02 -28.36
C ASN A 133 2.63 6.36 -28.78
N ASN A 134 1.53 6.30 -29.51
CA ASN A 134 0.65 7.45 -29.78
C ASN A 134 1.35 8.51 -30.64
N THR A 135 2.47 8.19 -31.30
CA THR A 135 3.00 9.04 -32.40
C THR A 135 1.88 9.24 -33.41
N ALA A 136 1.69 10.47 -33.89
CA ALA A 136 0.65 10.78 -34.90
C ALA A 136 1.25 11.58 -36.05
N LEU A 137 1.21 11.02 -37.25
CA LEU A 137 1.69 11.62 -38.52
C LEU A 137 0.46 12.08 -39.29
N ALA A 138 0.37 13.38 -39.59
CA ALA A 138 -0.82 14.07 -40.14
C ALA A 138 -1.24 13.49 -41.51
N GLY A 139 -0.30 13.34 -42.43
CA GLY A 139 -0.62 13.37 -43.88
C GLY A 139 0.60 13.76 -44.69
N HIS A 140 1.05 12.92 -45.61
CA HIS A 140 2.21 13.16 -46.53
C HIS A 140 3.46 13.43 -45.68
N VAL A 141 3.59 12.70 -44.58
CA VAL A 141 4.82 12.73 -43.77
C VAL A 141 5.77 11.67 -44.32
N HIS A 142 7.05 12.01 -44.47
CA HIS A 142 8.10 11.07 -44.94
C HIS A 142 9.00 10.80 -43.73
N VAL A 143 9.05 9.57 -43.25
CA VAL A 143 10.01 9.17 -42.15
C VAL A 143 11.10 8.30 -42.79
N ASP A 144 12.34 8.81 -42.85
CA ASP A 144 13.46 8.09 -43.50
C ASP A 144 14.07 7.07 -42.50
N ASP A 145 14.94 6.21 -43.01
CA ASP A 145 15.46 5.00 -42.30
C ASP A 145 16.01 5.35 -40.91
N TRP A 146 15.69 4.52 -39.92
CA TRP A 146 16.28 4.51 -38.56
C TRP A 146 15.82 5.71 -37.71
N ALA A 147 14.93 6.58 -38.22
CA ALA A 147 14.27 7.60 -37.39
C ALA A 147 13.56 6.95 -36.22
N ILE A 148 13.63 7.57 -35.04
CA ILE A 148 12.87 7.21 -33.82
C ILE A 148 12.01 8.42 -33.41
N LEU A 149 10.72 8.23 -33.28
CA LEU A 149 9.82 9.26 -32.75
C LEU A 149 9.32 8.79 -31.37
N SER A 150 9.65 9.54 -30.32
CA SER A 150 9.26 9.24 -28.93
C SER A 150 7.76 9.33 -28.86
N GLY A 151 7.18 8.79 -27.78
CA GLY A 151 5.72 8.68 -27.63
C GLY A 151 5.06 10.04 -27.73
N TYR A 152 3.90 10.08 -28.35
CA TYR A 152 3.03 11.27 -28.43
C TYR A 152 3.72 12.38 -29.23
N THR A 153 4.61 12.01 -30.14
CA THR A 153 5.18 12.96 -31.14
C THR A 153 4.11 13.24 -32.20
N LEU A 154 3.84 14.51 -32.45
CA LEU A 154 2.89 14.99 -33.50
C LEU A 154 3.70 15.62 -34.63
N VAL A 155 3.40 15.21 -35.85
CA VAL A 155 4.11 15.70 -37.05
C VAL A 155 3.06 16.28 -37.97
N HIS A 156 3.26 17.54 -38.31
CA HIS A 156 2.38 18.25 -39.25
C HIS A 156 2.49 17.73 -40.68
N GLN A 157 1.41 17.83 -41.43
CA GLN A 157 1.32 17.55 -42.89
C GLN A 157 2.63 17.96 -43.57
N TYR A 158 3.11 17.11 -44.47
CA TYR A 158 4.14 17.37 -45.50
C TYR A 158 5.55 17.39 -44.88
N CYS A 159 5.69 17.21 -43.57
CA CYS A 159 7.00 17.35 -42.90
C CYS A 159 7.82 16.11 -43.20
N ARG A 160 9.14 16.27 -43.36
CA ARG A 160 10.11 15.15 -43.55
C ARG A 160 10.84 14.89 -42.22
N ILE A 161 10.86 13.63 -41.79
CA ILE A 161 11.63 13.17 -40.61
C ILE A 161 12.91 12.48 -41.15
N GLY A 162 14.07 13.09 -40.94
CA GLY A 162 15.32 12.65 -41.56
C GLY A 162 15.82 11.34 -40.95
N ALA A 163 16.71 10.65 -41.67
CA ALA A 163 17.25 9.34 -41.30
C ALA A 163 17.98 9.48 -39.97
N HIS A 164 17.85 8.49 -39.10
CA HIS A 164 18.58 8.40 -37.80
C HIS A 164 18.22 9.58 -36.89
N SER A 165 17.08 10.25 -37.10
CA SER A 165 16.65 11.42 -36.30
C SER A 165 15.96 10.90 -35.07
N PHE A 166 15.76 11.76 -34.09
CA PHE A 166 15.11 11.43 -32.81
C PHE A 166 14.25 12.59 -32.38
N SER A 167 13.01 12.31 -32.02
CA SER A 167 12.10 13.31 -31.40
C SER A 167 11.90 12.93 -29.94
N GLY A 168 11.86 13.94 -29.06
CA GLY A 168 11.60 13.76 -27.62
C GLY A 168 10.12 13.57 -27.42
N MET A 169 9.72 12.92 -26.33
CA MET A 169 8.31 12.63 -26.03
C MET A 169 7.49 13.92 -26.06
N GLY A 170 6.26 13.84 -26.57
CA GLY A 170 5.35 15.00 -26.68
C GLY A 170 5.82 16.08 -27.65
N SER A 171 6.83 15.81 -28.50
CA SER A 171 7.29 16.73 -29.55
C SER A 171 6.17 17.05 -30.54
N ALA A 172 6.00 18.32 -30.91
CA ALA A 172 5.11 18.74 -32.02
C ALA A 172 5.96 19.33 -33.15
N ILE A 173 6.23 18.53 -34.18
CA ILE A 173 7.14 18.85 -35.30
C ILE A 173 6.33 19.54 -36.39
N GLY A 174 6.69 20.79 -36.71
CA GLY A 174 6.00 21.65 -37.69
C GLY A 174 6.84 21.90 -38.92
N LYS A 175 8.13 21.57 -38.88
CA LYS A 175 9.07 21.74 -40.03
C LYS A 175 9.93 20.48 -40.15
N ASP A 176 10.62 20.33 -41.27
CA ASP A 176 11.49 19.16 -41.56
C ASP A 176 12.51 18.97 -40.45
N VAL A 177 12.71 17.72 -40.05
CA VAL A 177 13.80 17.33 -39.12
C VAL A 177 14.92 16.71 -39.95
N PRO A 178 16.08 17.38 -40.04
CA PRO A 178 17.18 16.87 -40.85
C PRO A 178 17.66 15.54 -40.30
N ALA A 179 18.36 14.79 -41.14
CA ALA A 179 18.92 13.49 -40.73
C ALA A 179 19.75 13.70 -39.46
N TYR A 180 19.71 12.72 -38.54
CA TYR A 180 20.52 12.66 -37.30
C TYR A 180 20.05 13.64 -36.22
N VAL A 181 19.17 14.60 -36.50
CA VAL A 181 18.94 15.74 -35.56
C VAL A 181 17.99 15.28 -34.45
N THR A 182 18.28 15.68 -33.22
CA THR A 182 17.41 15.48 -32.03
C THR A 182 16.55 16.75 -31.86
N VAL A 183 15.23 16.59 -31.72
CA VAL A 183 14.27 17.72 -31.49
C VAL A 183 13.40 17.41 -30.27
N PHE A 184 12.94 18.46 -29.59
CA PHE A 184 12.18 18.36 -28.33
C PHE A 184 11.17 19.49 -28.27
N GLY A 185 10.02 19.23 -27.66
CA GLY A 185 9.08 20.28 -27.23
C GLY A 185 8.02 20.57 -28.28
N ASN A 186 7.08 21.41 -27.88
CA ASN A 186 5.92 21.88 -28.68
C ASN A 186 5.95 23.41 -28.57
N PRO A 187 6.43 24.16 -29.58
CA PRO A 187 6.91 23.59 -30.84
C PRO A 187 8.31 22.98 -30.76
N ALA A 188 8.61 22.03 -31.65
CA ALA A 188 9.89 21.27 -31.65
C ALA A 188 11.05 22.25 -31.84
N GLU A 189 12.16 22.04 -31.13
CA GLU A 189 13.45 22.78 -31.31
C GLU A 189 14.60 21.78 -31.47
N ALA A 190 15.50 22.05 -32.41
CA ALA A 190 16.74 21.26 -32.61
C ALA A 190 17.59 21.45 -31.35
N ARG A 191 18.16 20.36 -30.81
CA ARG A 191 19.06 20.39 -29.64
C ARG A 191 20.46 19.93 -30.03
N SER A 192 20.58 18.73 -30.58
CA SER A 192 21.90 18.13 -30.90
C SER A 192 21.73 17.10 -32.03
N MET A 193 22.64 16.11 -32.09
CA MET A 193 22.53 14.92 -32.98
C MET A 193 22.49 13.63 -32.18
N ASN A 194 21.97 12.59 -32.84
CA ASN A 194 21.69 11.26 -32.28
C ASN A 194 22.99 10.47 -32.38
N PHE A 195 24.01 10.92 -31.63
CA PHE A 195 25.36 10.30 -31.53
C PHE A 195 25.19 8.86 -31.06
N GLU A 196 24.33 8.66 -30.06
CA GLU A 196 23.99 7.31 -29.53
C GLU A 196 23.61 6.38 -30.69
N GLY A 197 22.72 6.83 -31.57
CA GLY A 197 22.24 6.04 -32.73
C GLY A 197 23.33 5.84 -33.77
N MET A 198 24.24 6.81 -33.94
CA MET A 198 25.36 6.65 -34.89
C MET A 198 26.28 5.52 -34.41
N ARG A 199 26.61 5.50 -33.13
CA ARG A 199 27.51 4.49 -32.53
C ARG A 199 26.88 3.10 -32.72
N ARG A 200 25.56 2.96 -32.50
CA ARG A 200 24.84 1.66 -32.65
C ARG A 200 24.85 1.17 -34.10
N ARG A 201 24.89 2.07 -35.09
CA ARG A 201 24.97 1.71 -36.54
C ARG A 201 26.42 1.45 -36.96
N GLY A 202 27.37 1.56 -36.03
CA GLY A 202 28.80 1.32 -36.29
C GLY A 202 29.42 2.43 -37.14
N PHE A 203 29.02 3.69 -36.93
CA PHE A 203 29.60 4.87 -37.61
C PHE A 203 31.04 5.05 -37.09
N SER A 204 32.00 5.23 -38.00
CA SER A 204 33.39 5.58 -37.65
C SER A 204 33.36 6.88 -36.81
N SER A 205 34.20 6.97 -35.78
CA SER A 205 34.32 8.17 -34.92
C SER A 205 34.70 9.39 -35.78
N GLU A 206 35.35 9.19 -36.93
CA GLU A 206 35.69 10.27 -37.89
C GLU A 206 34.40 10.80 -38.52
N ALA A 207 33.49 9.89 -38.92
CA ALA A 207 32.17 10.18 -39.51
C ALA A 207 31.31 10.91 -38.46
N ILE A 208 31.37 10.46 -37.20
CA ILE A 208 30.67 11.13 -36.07
C ILE A 208 31.25 12.54 -35.85
N HIS A 209 32.56 12.73 -35.89
CA HIS A 209 33.22 14.05 -35.67
C HIS A 209 32.81 15.02 -36.80
N ALA A 210 32.72 14.52 -38.03
CA ALA A 210 32.31 15.27 -39.24
C ALA A 210 30.84 15.67 -39.13
N LEU A 211 30.00 14.83 -38.54
CA LEU A 211 28.56 15.14 -38.40
C LEU A 211 28.38 16.19 -37.30
N ARG A 212 29.20 16.15 -36.23
CA ARG A 212 29.18 17.18 -35.16
C ARG A 212 29.50 18.57 -35.75
N ARG A 213 30.60 18.67 -36.51
CA ARG A 213 31.00 19.91 -37.25
C ARG A 213 29.87 20.28 -38.22
N ALA A 214 29.21 19.31 -38.83
CA ALA A 214 28.16 19.56 -39.84
C ALA A 214 26.97 20.25 -39.16
N TYR A 215 26.65 19.89 -37.92
CA TYR A 215 25.55 20.51 -37.13
C TYR A 215 25.83 21.99 -36.90
N LYS A 216 27.07 22.34 -36.55
CA LYS A 216 27.53 23.73 -36.28
C LYS A 216 27.40 24.58 -37.55
N VAL A 217 27.88 24.06 -38.68
CA VAL A 217 27.76 24.71 -40.01
C VAL A 217 26.32 25.20 -40.24
N VAL A 218 25.32 24.36 -39.95
CA VAL A 218 23.90 24.61 -40.35
C VAL A 218 23.21 25.52 -39.31
N TYR A 219 23.47 25.26 -38.03
CA TYR A 219 22.69 25.77 -36.87
C TYR A 219 23.38 26.95 -36.18
N ARG A 220 24.71 26.94 -36.06
CA ARG A 220 25.42 27.77 -35.03
C ARG A 220 26.22 28.93 -35.64
N GLN A 221 26.27 29.12 -36.96
CA GLN A 221 27.25 30.07 -37.59
C GLN A 221 26.58 31.04 -38.58
N GLY A 222 25.29 31.30 -38.41
CA GLY A 222 24.53 32.37 -39.09
C GLY A 222 24.49 32.25 -40.60
N HIS A 223 24.75 31.06 -41.17
CA HIS A 223 24.83 30.86 -42.64
C HIS A 223 23.41 30.72 -43.22
N THR A 224 23.19 31.24 -44.43
CA THR A 224 22.07 30.81 -45.30
C THR A 224 22.15 29.28 -45.46
N VAL A 225 21.03 28.61 -45.70
CA VAL A 225 21.03 27.17 -46.07
C VAL A 225 21.95 27.00 -47.30
N GLU A 226 21.84 27.87 -48.31
CA GLU A 226 22.68 27.79 -49.55
C GLU A 226 24.18 27.82 -49.18
N GLU A 227 24.56 28.68 -48.23
CA GLU A 227 25.95 28.83 -47.75
C GLU A 227 26.34 27.56 -46.98
N ALA A 228 25.40 27.05 -46.19
CA ALA A 228 25.56 25.82 -45.38
C ALA A 228 25.88 24.66 -46.34
N LEU A 229 25.08 24.50 -47.39
CA LEU A 229 25.25 23.46 -48.43
C LEU A 229 26.65 23.56 -49.05
N ALA A 230 27.08 24.76 -49.48
CA ALA A 230 28.40 24.98 -50.11
C ALA A 230 29.51 24.61 -49.11
N GLU A 231 29.35 24.99 -47.84
CA GLU A 231 30.35 24.77 -46.77
C GLU A 231 30.46 23.28 -46.45
N LEU A 232 29.36 22.53 -46.63
CA LEU A 232 29.24 21.08 -46.30
C LEU A 232 29.75 20.21 -47.46
N ALA A 233 29.77 20.74 -48.69
CA ALA A 233 30.07 19.98 -49.94
C ALA A 233 31.27 19.03 -49.76
N GLU A 234 32.33 19.49 -49.08
CA GLU A 234 33.64 18.77 -49.01
C GLU A 234 33.49 17.60 -48.04
N SER A 235 33.01 17.89 -46.84
CA SER A 235 32.67 16.88 -45.80
C SER A 235 31.76 15.82 -46.43
N ALA A 236 30.74 16.26 -47.17
CA ALA A 236 29.73 15.41 -47.83
C ALA A 236 30.39 14.46 -48.84
N ALA A 237 31.30 14.95 -49.68
CA ALA A 237 32.04 14.11 -50.65
C ALA A 237 32.86 13.05 -49.91
N GLN A 238 33.49 13.41 -48.79
CA GLN A 238 34.38 12.51 -48.01
C GLN A 238 33.56 11.40 -47.35
N PHE A 239 32.40 11.74 -46.77
CA PHE A 239 31.61 10.83 -45.90
C PHE A 239 30.18 10.70 -46.40
N PRO A 240 29.74 9.51 -46.84
CA PRO A 240 28.33 9.31 -47.18
C PRO A 240 27.41 9.79 -46.04
N GLU A 241 27.85 9.61 -44.80
CA GLU A 241 27.04 9.90 -43.58
C GLU A 241 26.72 11.39 -43.52
N VAL A 242 27.68 12.23 -43.88
CA VAL A 242 27.48 13.71 -43.91
C VAL A 242 26.62 14.08 -45.13
N ALA A 243 26.71 13.33 -46.23
CA ALA A 243 25.92 13.53 -47.47
C ALA A 243 24.45 13.30 -47.14
N VAL A 244 24.12 12.31 -46.32
CA VAL A 244 22.72 12.08 -45.85
C VAL A 244 22.23 13.36 -45.15
N PHE A 245 23.09 13.99 -44.36
CA PHE A 245 22.73 15.21 -43.58
C PHE A 245 22.48 16.37 -44.56
N ARG A 246 23.47 16.65 -45.40
CA ARG A 246 23.42 17.75 -46.39
C ARG A 246 22.17 17.57 -47.26
N ASP A 247 21.91 16.33 -47.72
CA ASP A 247 20.79 16.03 -48.64
C ASP A 247 19.47 16.32 -47.92
N SER A 248 19.34 15.96 -46.64
CA SER A 248 18.11 16.24 -45.87
C SER A 248 17.92 17.76 -45.80
N ILE A 249 18.99 18.54 -45.77
CA ILE A 249 18.86 20.02 -45.64
C ILE A 249 18.55 20.64 -47.01
N GLN A 250 19.20 20.14 -48.05
CA GLN A 250 18.98 20.49 -49.47
C GLN A 250 17.51 20.28 -49.84
N SER A 251 16.84 19.24 -49.32
CA SER A 251 15.47 18.84 -49.75
C SER A 251 14.39 19.59 -48.96
N ALA A 252 14.74 20.35 -47.93
CA ALA A 252 13.79 21.14 -47.11
C ALA A 252 13.38 22.43 -47.83
N THR A 253 12.35 22.39 -48.68
CA THR A 253 11.77 23.59 -49.37
C THR A 253 11.09 24.51 -48.35
N ARG A 254 10.40 23.92 -47.35
CA ARG A 254 9.54 24.61 -46.35
C ARG A 254 10.33 24.89 -45.04
N GLY A 255 11.67 24.96 -45.10
CA GLY A 255 12.54 25.28 -43.95
C GLY A 255 12.75 24.09 -43.00
N ILE A 256 13.81 24.14 -42.19
CA ILE A 256 14.21 23.03 -41.28
C ILE A 256 13.82 23.41 -39.85
N THR A 257 13.62 22.43 -38.97
CA THR A 257 13.50 22.65 -37.50
C THR A 257 14.81 23.26 -36.97
N ARG A 258 14.72 24.45 -36.37
CA ARG A 258 15.85 25.24 -35.81
C ARG A 258 15.84 25.14 -34.27
N SER B 2 -24.95 -18.41 -17.34
CA SER B 2 -23.47 -18.56 -17.21
C SER B 2 -22.80 -17.18 -17.10
N LEU B 3 -21.85 -17.03 -16.16
CA LEU B 3 -21.06 -15.79 -15.89
C LEU B 3 -19.90 -15.68 -16.92
N ILE B 4 -19.39 -16.82 -17.39
CA ILE B 4 -18.50 -16.93 -18.58
C ILE B 4 -19.38 -16.90 -19.83
N ASP B 5 -19.37 -15.80 -20.59
CA ASP B 5 -20.08 -15.72 -21.90
C ASP B 5 -19.55 -16.83 -22.80
N PRO B 6 -20.43 -17.61 -23.48
CA PRO B 6 -19.99 -18.72 -24.33
C PRO B 6 -19.09 -18.31 -25.51
N ARG B 7 -19.12 -17.03 -25.87
CA ARG B 7 -18.37 -16.46 -27.03
C ARG B 7 -16.97 -16.04 -26.58
N ALA B 8 -16.69 -16.09 -25.27
CA ALA B 8 -15.37 -15.84 -24.66
C ALA B 8 -14.47 -17.05 -24.87
N ILE B 9 -13.14 -16.84 -24.89
CA ILE B 9 -12.11 -17.91 -25.00
C ILE B 9 -11.41 -18.03 -23.65
N ILE B 10 -11.60 -19.16 -22.96
CA ILE B 10 -10.97 -19.47 -21.64
C ILE B 10 -9.92 -20.57 -21.91
N ASP B 11 -8.64 -20.26 -21.77
CA ASP B 11 -7.59 -21.30 -21.97
C ASP B 11 -7.80 -22.37 -20.91
N PRO B 12 -7.66 -23.67 -21.26
CA PRO B 12 -7.80 -24.73 -20.25
C PRO B 12 -6.94 -24.46 -19.01
N SER B 13 -5.73 -23.90 -19.19
CA SER B 13 -4.75 -23.66 -18.09
C SER B 13 -5.12 -22.43 -17.25
N ALA B 14 -6.23 -21.73 -17.54
CA ALA B 14 -6.63 -20.49 -16.83
C ALA B 14 -7.26 -20.88 -15.49
N ARG B 15 -7.03 -20.09 -14.44
CA ARG B 15 -7.56 -20.34 -13.06
C ARG B 15 -8.51 -19.20 -12.67
N LEU B 16 -9.82 -19.40 -12.87
CA LEU B 16 -10.89 -18.41 -12.54
C LEU B 16 -11.60 -18.82 -11.23
N ALA B 17 -11.64 -17.92 -10.24
CA ALA B 17 -12.52 -18.00 -9.05
C ALA B 17 -13.96 -18.16 -9.54
N ALA B 18 -14.88 -18.53 -8.64
CA ALA B 18 -16.19 -19.14 -8.95
C ALA B 18 -17.12 -18.10 -9.61
N ASP B 19 -17.12 -16.85 -9.12
CA ASP B 19 -18.12 -15.81 -9.49
C ASP B 19 -17.52 -14.80 -10.49
N VAL B 20 -16.35 -15.10 -11.04
CA VAL B 20 -15.70 -14.25 -12.09
C VAL B 20 -16.70 -14.11 -13.24
N GLN B 21 -16.90 -12.90 -13.77
CA GLN B 21 -17.62 -12.66 -15.06
C GLN B 21 -16.61 -12.37 -16.18
N VAL B 22 -16.90 -12.88 -17.37
CA VAL B 22 -16.17 -12.55 -18.63
C VAL B 22 -17.22 -12.27 -19.71
N GLY B 23 -17.24 -11.06 -20.29
CA GLY B 23 -18.20 -10.71 -21.37
C GLY B 23 -17.80 -11.38 -22.69
N PRO B 24 -18.61 -11.25 -23.75
CA PRO B 24 -18.32 -11.91 -25.01
C PRO B 24 -17.06 -11.38 -25.74
N TRP B 25 -16.42 -12.29 -26.47
CA TRP B 25 -15.28 -12.07 -27.39
C TRP B 25 -14.06 -11.56 -26.62
N SER B 26 -13.95 -11.94 -25.35
CA SER B 26 -12.77 -11.68 -24.49
C SER B 26 -11.94 -12.96 -24.45
N ILE B 27 -10.62 -12.81 -24.30
CA ILE B 27 -9.63 -13.93 -24.28
C ILE B 27 -8.96 -13.94 -22.91
N VAL B 28 -9.17 -15.02 -22.15
CA VAL B 28 -8.41 -15.29 -20.91
C VAL B 28 -7.41 -16.40 -21.23
N GLY B 29 -6.17 -16.03 -21.54
CA GLY B 29 -5.15 -16.91 -22.13
C GLY B 29 -4.55 -17.86 -21.11
N ALA B 30 -3.56 -18.65 -21.54
CA ALA B 30 -2.79 -19.62 -20.72
C ALA B 30 -2.16 -18.90 -19.52
N GLU B 31 -2.24 -19.54 -18.35
CA GLU B 31 -1.59 -19.12 -17.08
C GLU B 31 -2.04 -17.71 -16.69
N VAL B 32 -3.28 -17.35 -17.00
CA VAL B 32 -3.93 -16.14 -16.45
C VAL B 32 -4.76 -16.59 -15.27
N GLU B 33 -4.61 -15.94 -14.12
CA GLU B 33 -5.42 -16.25 -12.92
C GLU B 33 -6.26 -15.01 -12.59
N ILE B 34 -7.56 -15.19 -12.36
CA ILE B 34 -8.50 -14.10 -11.99
C ILE B 34 -9.20 -14.46 -10.65
N GLY B 35 -8.97 -13.63 -9.62
CA GLY B 35 -9.60 -13.75 -8.30
C GLY B 35 -11.06 -13.35 -8.28
N GLU B 36 -11.75 -13.69 -7.17
CA GLU B 36 -13.22 -13.63 -6.97
C GLU B 36 -13.70 -12.19 -7.11
N GLY B 37 -14.87 -11.99 -7.71
CA GLY B 37 -15.54 -10.68 -7.86
C GLY B 37 -15.14 -9.95 -9.13
N THR B 38 -14.00 -10.30 -9.72
CA THR B 38 -13.47 -9.57 -10.92
C THR B 38 -14.46 -9.72 -12.06
N VAL B 39 -14.86 -8.60 -12.67
CA VAL B 39 -15.67 -8.54 -13.92
C VAL B 39 -14.76 -8.15 -15.09
N ILE B 40 -14.62 -9.03 -16.08
CA ILE B 40 -13.97 -8.76 -17.39
C ILE B 40 -15.06 -8.41 -18.39
N GLY B 41 -14.93 -7.25 -19.03
CA GLY B 41 -15.90 -6.77 -20.04
C GLY B 41 -15.79 -7.55 -21.34
N PRO B 42 -16.52 -7.11 -22.38
CA PRO B 42 -16.39 -7.70 -23.71
C PRO B 42 -15.11 -7.24 -24.40
N HIS B 43 -14.61 -7.99 -25.37
CA HIS B 43 -13.47 -7.57 -26.24
C HIS B 43 -12.22 -7.25 -25.40
N VAL B 44 -11.90 -8.04 -24.38
CA VAL B 44 -10.68 -7.85 -23.58
C VAL B 44 -9.72 -8.95 -23.96
N VAL B 45 -8.43 -8.64 -24.09
CA VAL B 45 -7.38 -9.67 -24.27
C VAL B 45 -6.58 -9.73 -22.98
N LEU B 46 -6.71 -10.83 -22.24
CA LEU B 46 -5.85 -11.12 -21.08
C LEU B 46 -4.81 -12.14 -21.51
N LYS B 47 -3.53 -11.81 -21.38
CA LYS B 47 -2.43 -12.76 -21.67
C LYS B 47 -1.62 -12.97 -20.39
N GLY B 48 -0.99 -14.13 -20.27
CA GLY B 48 -0.29 -14.61 -19.07
C GLY B 48 1.16 -14.82 -19.43
N PRO B 49 2.03 -15.17 -18.46
CA PRO B 49 1.63 -15.42 -17.08
C PRO B 49 1.20 -14.16 -16.27
N THR B 50 -0.03 -14.15 -15.80
CA THR B 50 -0.65 -12.95 -15.20
C THR B 50 -1.57 -13.36 -14.05
N LYS B 51 -1.48 -12.66 -12.93
CA LYS B 51 -2.39 -12.87 -11.78
C LYS B 51 -3.21 -11.60 -11.60
N ILE B 52 -4.53 -11.72 -11.64
CA ILE B 52 -5.47 -10.62 -11.29
C ILE B 52 -6.22 -11.03 -10.02
N GLY B 53 -6.26 -10.16 -9.00
CA GLY B 53 -6.93 -10.42 -7.72
C GLY B 53 -8.43 -10.23 -7.79
N LYS B 54 -9.02 -9.74 -6.70
CA LYS B 54 -10.47 -9.78 -6.38
C LYS B 54 -11.12 -8.43 -6.66
N HIS B 55 -12.39 -8.46 -7.08
CA HIS B 55 -13.27 -7.28 -7.28
C HIS B 55 -12.61 -6.24 -8.21
N ASN B 56 -11.87 -6.69 -9.23
CA ASN B 56 -11.35 -5.77 -10.28
C ASN B 56 -12.38 -5.64 -11.40
N ARG B 57 -12.20 -4.61 -12.22
CA ARG B 57 -13.08 -4.31 -13.38
C ARG B 57 -12.17 -3.90 -14.55
N ILE B 58 -12.31 -4.58 -15.68
CA ILE B 58 -11.43 -4.39 -16.87
C ILE B 58 -12.37 -4.22 -18.05
N TYR B 59 -12.35 -3.02 -18.64
CA TYR B 59 -13.27 -2.58 -19.72
C TYR B 59 -12.75 -3.05 -21.08
N GLN B 60 -13.65 -3.05 -22.05
CA GLN B 60 -13.47 -3.42 -23.47
C GLN B 60 -12.22 -2.78 -24.07
N PHE B 61 -11.59 -3.52 -25.00
CA PHE B 61 -10.50 -3.12 -25.93
C PHE B 61 -9.17 -3.04 -25.18
N SER B 62 -9.15 -3.48 -23.92
CA SER B 62 -7.92 -3.50 -23.08
C SER B 62 -7.08 -4.72 -23.45
N SER B 63 -5.75 -4.56 -23.47
CA SER B 63 -4.73 -5.61 -23.73
C SER B 63 -3.87 -5.73 -22.47
N VAL B 64 -4.25 -6.63 -21.56
CA VAL B 64 -3.60 -6.80 -20.23
C VAL B 64 -2.69 -8.04 -20.27
N GLY B 65 -1.37 -7.84 -20.27
CA GLY B 65 -0.38 -8.92 -20.13
C GLY B 65 0.35 -9.29 -21.42
N GLU B 66 0.41 -8.38 -22.40
CA GLU B 66 1.16 -8.61 -23.66
C GLU B 66 2.65 -8.48 -23.35
N ASP B 67 3.49 -9.05 -24.20
CA ASP B 67 4.94 -8.78 -24.21
C ASP B 67 5.15 -7.31 -24.54
N THR B 68 6.13 -6.67 -23.88
CA THR B 68 6.71 -5.37 -24.30
C THR B 68 7.35 -5.53 -25.68
N PRO B 69 7.22 -4.52 -26.55
CA PRO B 69 7.96 -4.48 -27.81
C PRO B 69 9.44 -4.15 -27.62
N ASP B 70 9.84 -3.73 -26.41
CA ASP B 70 11.24 -3.39 -26.03
C ASP B 70 12.18 -4.50 -26.54
N LEU B 71 13.19 -4.12 -27.34
CA LEU B 71 14.02 -5.05 -28.14
C LEU B 71 14.88 -5.95 -27.22
N LYS B 72 15.14 -5.50 -25.97
CA LYS B 72 15.96 -6.26 -24.99
C LYS B 72 15.19 -7.49 -24.49
N TYR B 73 13.85 -7.51 -24.57
CA TYR B 73 13.00 -8.69 -24.24
C TYR B 73 13.13 -9.73 -25.37
N LYS B 74 13.25 -11.03 -25.04
CA LYS B 74 13.47 -12.14 -26.02
C LYS B 74 12.59 -13.37 -25.67
N GLY B 75 11.33 -13.14 -25.33
CA GLY B 75 10.33 -14.20 -25.06
C GLY B 75 10.54 -14.96 -23.75
N GLU B 76 11.27 -14.40 -22.77
CA GLU B 76 11.53 -15.04 -21.44
C GLU B 76 10.22 -15.14 -20.64
N PRO B 77 10.11 -16.06 -19.63
CA PRO B 77 8.87 -16.26 -18.88
C PRO B 77 8.67 -15.22 -17.76
N THR B 78 8.12 -14.06 -18.11
CA THR B 78 7.93 -12.91 -17.19
C THR B 78 6.45 -12.75 -16.84
N ARG B 79 6.14 -12.00 -15.78
CA ARG B 79 4.81 -12.00 -15.11
C ARG B 79 4.21 -10.61 -15.07
N LEU B 80 2.89 -10.52 -15.00
CA LEU B 80 2.12 -9.33 -14.56
C LEU B 80 1.29 -9.73 -13.34
N VAL B 81 1.26 -8.88 -12.31
CA VAL B 81 0.48 -9.09 -11.04
C VAL B 81 -0.33 -7.82 -10.78
N ILE B 82 -1.66 -7.95 -10.81
CA ILE B 82 -2.66 -6.91 -10.44
C ILE B 82 -3.37 -7.38 -9.17
N GLY B 83 -3.57 -6.46 -8.22
CA GLY B 83 -4.19 -6.73 -6.90
C GLY B 83 -5.70 -6.71 -6.95
N ASP B 84 -6.34 -6.08 -5.97
CA ASP B 84 -7.81 -6.10 -5.77
C ASP B 84 -8.37 -4.70 -5.95
N HIS B 85 -9.65 -4.59 -6.29
CA HIS B 85 -10.47 -3.34 -6.29
C HIS B 85 -9.92 -2.28 -7.26
N ASN B 86 -9.28 -2.73 -8.36
CA ASN B 86 -8.73 -1.85 -9.44
C ASN B 86 -9.77 -1.71 -10.54
N VAL B 87 -9.89 -0.51 -11.11
CA VAL B 87 -10.70 -0.20 -12.33
C VAL B 87 -9.74 0.10 -13.48
N ILE B 88 -9.76 -0.73 -14.52
CA ILE B 88 -8.95 -0.56 -15.76
C ILE B 88 -9.92 -0.19 -16.88
N ARG B 89 -9.88 1.04 -17.36
CA ARG B 89 -10.91 1.52 -18.31
C ARG B 89 -10.57 1.06 -19.75
N GLU B 90 -11.32 1.56 -20.73
CA GLU B 90 -11.29 1.10 -22.13
C GLU B 90 -9.87 1.23 -22.72
N GLY B 91 -9.45 0.21 -23.47
CA GLY B 91 -8.26 0.28 -24.33
C GLY B 91 -6.98 0.50 -23.58
N VAL B 92 -6.91 0.11 -22.32
CA VAL B 92 -5.66 0.23 -21.50
C VAL B 92 -4.71 -0.86 -21.96
N THR B 93 -3.39 -0.61 -22.02
CA THR B 93 -2.37 -1.64 -22.34
C THR B 93 -1.44 -1.78 -21.14
N ILE B 94 -1.24 -3.01 -20.65
CA ILE B 94 -0.32 -3.33 -19.53
C ILE B 94 0.57 -4.49 -20.00
N HIS B 95 1.88 -4.27 -19.98
CA HIS B 95 2.89 -5.26 -20.42
C HIS B 95 3.51 -5.96 -19.20
N ARG B 96 3.87 -7.23 -19.39
CA ARG B 96 4.57 -8.05 -18.38
C ARG B 96 6.01 -7.52 -18.28
N GLY B 97 6.80 -8.06 -17.36
CA GLY B 97 8.16 -7.57 -17.08
C GLY B 97 9.19 -8.14 -18.03
N THR B 98 10.47 -7.90 -17.72
CA THR B 98 11.66 -8.39 -18.42
C THR B 98 12.62 -9.00 -17.38
N VAL B 99 13.40 -10.01 -17.80
CA VAL B 99 14.39 -10.72 -16.92
C VAL B 99 15.49 -9.74 -16.46
N GLN B 100 15.82 -8.71 -17.26
CA GLN B 100 16.86 -7.69 -16.93
C GLN B 100 16.55 -6.98 -15.61
N ASP B 101 15.28 -6.83 -15.23
CA ASP B 101 14.88 -6.24 -13.92
C ASP B 101 14.39 -7.35 -12.98
N ARG B 102 13.10 -7.42 -12.67
CA ARG B 102 12.55 -8.40 -11.70
C ARG B 102 11.55 -9.35 -12.39
N ALA B 103 11.52 -9.40 -13.72
CA ALA B 103 10.60 -10.26 -14.51
C ALA B 103 9.14 -10.07 -14.08
N GLU B 104 8.77 -8.88 -13.57
CA GLU B 104 7.37 -8.63 -13.19
C GLU B 104 6.94 -7.17 -13.34
N THR B 105 5.71 -6.97 -13.82
CA THR B 105 4.96 -5.68 -13.73
C THR B 105 3.94 -5.86 -12.61
N THR B 106 3.88 -4.92 -11.66
CA THR B 106 3.11 -5.04 -10.40
C THR B 106 2.16 -3.86 -10.29
N ILE B 107 0.87 -4.14 -10.12
CA ILE B 107 -0.16 -3.15 -9.73
C ILE B 107 -0.77 -3.62 -8.40
N GLY B 108 -0.86 -2.71 -7.42
CA GLY B 108 -1.46 -2.94 -6.10
C GLY B 108 -2.98 -2.93 -6.15
N ASP B 109 -3.61 -2.20 -5.22
CA ASP B 109 -5.07 -2.24 -4.98
C ASP B 109 -5.65 -0.84 -5.17
N HIS B 110 -6.94 -0.75 -5.46
CA HIS B 110 -7.79 0.48 -5.39
C HIS B 110 -7.28 1.55 -6.38
N ASN B 111 -6.62 1.13 -7.45
CA ASN B 111 -6.10 2.05 -8.51
C ASN B 111 -7.17 2.27 -9.56
N LEU B 112 -7.26 3.50 -10.08
CA LEU B 112 -8.16 3.83 -11.21
C LEU B 112 -7.29 4.13 -12.43
N ILE B 113 -7.33 3.28 -13.45
CA ILE B 113 -6.51 3.42 -14.68
C ILE B 113 -7.43 3.71 -15.86
N MET B 114 -7.43 4.97 -16.34
CA MET B 114 -8.48 5.47 -17.26
C MET B 114 -8.11 5.19 -18.73
N ALA B 115 -9.02 5.50 -19.65
CA ALA B 115 -9.03 5.00 -21.02
C ALA B 115 -7.69 5.33 -21.72
N TYR B 116 -7.07 4.31 -22.30
CA TYR B 116 -5.91 4.37 -23.21
C TYR B 116 -4.63 4.70 -22.45
N ALA B 117 -4.63 4.53 -21.13
CA ALA B 117 -3.39 4.58 -20.32
C ALA B 117 -2.51 3.41 -20.74
N HIS B 118 -1.19 3.57 -20.57
CA HIS B 118 -0.19 2.51 -20.86
C HIS B 118 0.68 2.32 -19.62
N ILE B 119 0.91 1.07 -19.25
CA ILE B 119 1.83 0.70 -18.13
C ILE B 119 2.89 -0.20 -18.74
N GLY B 120 4.10 0.34 -18.93
CA GLY B 120 5.23 -0.34 -19.58
C GLY B 120 5.81 -1.43 -18.70
N HIS B 121 6.65 -2.26 -19.30
CA HIS B 121 7.27 -3.44 -18.64
C HIS B 121 7.91 -3.04 -17.33
N ASP B 122 7.67 -3.83 -16.28
CA ASP B 122 8.45 -3.83 -15.01
C ASP B 122 8.07 -2.59 -14.18
N SER B 123 7.03 -1.86 -14.60
CA SER B 123 6.42 -0.75 -13.82
C SER B 123 5.79 -1.33 -12.54
N VAL B 124 5.87 -0.56 -11.46
CA VAL B 124 5.27 -0.88 -10.13
C VAL B 124 4.33 0.26 -9.78
N ILE B 125 3.04 -0.06 -9.72
CA ILE B 125 2.02 0.91 -9.28
C ILE B 125 1.50 0.42 -7.93
N GLY B 126 1.57 1.28 -6.93
CA GLY B 126 1.13 0.91 -5.58
C GLY B 126 -0.36 0.94 -5.40
N ASN B 127 -0.83 1.71 -4.43
CA ASN B 127 -2.28 1.69 -4.12
C ASN B 127 -2.92 3.07 -4.15
N HIS B 128 -4.17 3.15 -4.59
CA HIS B 128 -5.02 4.36 -4.54
C HIS B 128 -4.54 5.38 -5.59
N CYS B 129 -3.86 4.93 -6.64
CA CYS B 129 -3.31 5.80 -7.71
C CYS B 129 -4.40 6.07 -8.73
N ILE B 130 -4.40 7.26 -9.33
CA ILE B 130 -5.26 7.56 -10.52
C ILE B 130 -4.37 7.91 -11.71
N LEU B 131 -4.40 7.10 -12.74
CA LEU B 131 -3.77 7.39 -14.06
C LEU B 131 -4.89 7.83 -15.00
N VAL B 132 -5.05 9.14 -15.19
CA VAL B 132 -6.12 9.71 -16.07
C VAL B 132 -5.77 9.39 -17.54
N ASN B 133 -6.74 9.52 -18.45
CA ASN B 133 -6.65 9.17 -19.90
C ASN B 133 -5.25 9.33 -20.51
N ASN B 134 -4.77 8.26 -21.13
CA ASN B 134 -3.61 8.28 -22.06
C ASN B 134 -2.34 8.59 -21.29
N THR B 135 -2.35 8.49 -19.95
CA THR B 135 -1.09 8.49 -19.18
C THR B 135 -0.24 7.33 -19.72
N ALA B 136 1.04 7.57 -20.00
CA ALA B 136 1.94 6.53 -20.52
C ALA B 136 3.16 6.40 -19.60
N LEU B 137 3.37 5.20 -19.04
CA LEU B 137 4.59 4.89 -18.25
C LEU B 137 5.47 4.01 -19.13
N ALA B 138 6.71 4.42 -19.39
CA ALA B 138 7.63 3.81 -20.40
C ALA B 138 8.09 2.41 -19.98
N GLY B 139 8.56 2.24 -18.75
CA GLY B 139 9.22 1.01 -18.31
C GLY B 139 9.93 1.24 -16.99
N HIS B 140 9.80 0.32 -16.03
CA HIS B 140 10.51 0.38 -14.72
C HIS B 140 10.10 1.66 -14.00
N VAL B 141 8.89 2.16 -14.26
CA VAL B 141 8.35 3.37 -13.59
C VAL B 141 7.68 2.90 -12.31
N HIS B 142 8.02 3.55 -11.18
CA HIS B 142 7.40 3.32 -9.86
C HIS B 142 6.43 4.47 -9.54
N VAL B 143 5.15 4.18 -9.46
CA VAL B 143 4.12 5.18 -9.04
C VAL B 143 3.63 4.78 -7.63
N ASP B 144 4.04 5.54 -6.63
CA ASP B 144 3.80 5.23 -5.20
C ASP B 144 2.38 5.66 -4.83
N ASP B 145 1.87 5.24 -3.67
CA ASP B 145 0.44 5.35 -3.23
C ASP B 145 -0.14 6.76 -3.44
N TRP B 146 -1.42 6.84 -3.81
CA TRP B 146 -2.26 8.07 -3.92
C TRP B 146 -1.78 9.03 -5.05
N ALA B 147 -0.71 8.72 -5.79
CA ALA B 147 -0.27 9.59 -6.90
C ALA B 147 -1.42 9.73 -7.91
N ILE B 148 -1.71 10.96 -8.33
CA ILE B 148 -2.65 11.31 -9.44
C ILE B 148 -1.84 11.85 -10.62
N LEU B 149 -1.91 11.18 -11.79
CA LEU B 149 -1.34 11.68 -13.08
C LEU B 149 -2.47 12.07 -14.03
N SER B 150 -2.55 13.36 -14.36
CA SER B 150 -3.60 13.89 -15.26
C SER B 150 -3.36 13.32 -16.65
N GLY B 151 -4.35 13.46 -17.52
CA GLY B 151 -4.39 12.87 -18.87
C GLY B 151 -3.14 13.20 -19.64
N TYR B 152 -2.64 12.24 -20.42
CA TYR B 152 -1.53 12.43 -21.38
C TYR B 152 -0.25 12.79 -20.64
N THR B 153 -0.13 12.36 -19.39
CA THR B 153 1.16 12.46 -18.66
C THR B 153 2.10 11.39 -19.21
N LEU B 154 3.32 11.75 -19.58
CA LEU B 154 4.32 10.79 -20.11
C LEU B 154 5.42 10.65 -19.07
N VAL B 155 5.82 9.43 -18.74
CA VAL B 155 6.88 9.16 -17.74
C VAL B 155 7.98 8.33 -18.40
N HIS B 156 9.18 8.89 -18.46
CA HIS B 156 10.42 8.23 -18.93
C HIS B 156 10.69 6.96 -18.10
N GLN B 157 11.29 5.97 -18.73
CA GLN B 157 11.92 4.78 -18.10
C GLN B 157 12.62 5.14 -16.78
N TYR B 158 12.38 4.36 -15.72
CA TYR B 158 13.14 4.32 -14.43
C TYR B 158 12.70 5.47 -13.50
N CYS B 159 11.80 6.35 -13.95
CA CYS B 159 11.31 7.48 -13.11
C CYS B 159 10.44 6.94 -11.99
N ARG B 160 10.56 7.56 -10.82
CA ARG B 160 9.74 7.26 -9.61
C ARG B 160 8.78 8.43 -9.39
N ILE B 161 7.50 8.12 -9.26
CA ILE B 161 6.45 9.12 -8.96
C ILE B 161 6.10 8.96 -7.47
N GLY B 162 6.51 9.94 -6.67
CA GLY B 162 6.36 9.93 -5.22
C GLY B 162 4.91 9.82 -4.77
N ALA B 163 4.70 9.42 -3.52
CA ALA B 163 3.37 9.25 -2.90
C ALA B 163 2.68 10.61 -2.86
N HIS B 164 1.37 10.62 -3.11
CA HIS B 164 0.48 11.81 -3.07
C HIS B 164 0.95 12.90 -4.02
N SER B 165 1.79 12.58 -5.01
CA SER B 165 2.27 13.51 -6.05
C SER B 165 1.14 13.80 -7.06
N PHE B 166 1.22 14.92 -7.76
CA PHE B 166 0.21 15.31 -8.77
C PHE B 166 0.93 15.80 -10.01
N SER B 167 0.49 15.38 -11.18
CA SER B 167 1.00 15.92 -12.46
C SER B 167 -0.15 16.53 -13.23
N GLY B 168 0.06 17.70 -13.83
CA GLY B 168 -0.94 18.38 -14.66
C GLY B 168 -1.03 17.76 -16.04
N MET B 169 -2.14 18.05 -16.72
CA MET B 169 -2.49 17.71 -18.12
C MET B 169 -1.22 17.77 -18.97
N GLY B 170 -0.90 16.69 -19.67
CA GLY B 170 0.13 16.71 -20.71
C GLY B 170 1.52 16.85 -20.14
N SER B 171 1.76 16.53 -18.87
CA SER B 171 3.12 16.64 -18.30
C SER B 171 4.03 15.62 -18.97
N ALA B 172 5.32 15.94 -19.12
CA ALA B 172 6.38 15.02 -19.61
C ALA B 172 7.45 14.91 -18.53
N ILE B 173 7.39 13.84 -17.76
CA ILE B 173 8.27 13.59 -16.58
C ILE B 173 9.52 12.80 -17.04
N GLY B 174 10.70 13.44 -16.98
CA GLY B 174 12.00 12.84 -17.33
C GLY B 174 12.86 12.59 -16.09
N LYS B 175 12.40 13.05 -14.93
CA LYS B 175 13.15 12.99 -13.65
C LYS B 175 12.14 12.62 -12.55
N ASP B 176 12.65 12.14 -11.43
CA ASP B 176 11.80 11.61 -10.33
C ASP B 176 10.89 12.73 -9.86
N VAL B 177 9.67 12.40 -9.46
CA VAL B 177 8.74 13.35 -8.78
C VAL B 177 8.70 12.95 -7.31
N PRO B 178 9.33 13.74 -6.42
CA PRO B 178 9.23 13.48 -4.98
C PRO B 178 7.77 13.43 -4.51
N ALA B 179 7.54 12.78 -3.37
CA ALA B 179 6.21 12.65 -2.73
C ALA B 179 5.61 14.03 -2.54
N TYR B 180 4.28 14.15 -2.68
CA TYR B 180 3.48 15.37 -2.43
C TYR B 180 3.73 16.45 -3.51
N VAL B 181 4.79 16.35 -4.30
CA VAL B 181 5.17 17.44 -5.23
C VAL B 181 4.17 17.48 -6.39
N THR B 182 3.82 18.69 -6.81
CA THR B 182 2.95 19.02 -7.96
C THR B 182 3.89 19.43 -9.13
N VAL B 183 3.72 18.81 -10.30
CA VAL B 183 4.50 19.10 -11.54
C VAL B 183 3.55 19.34 -12.72
N PHE B 184 3.99 20.15 -13.68
CA PHE B 184 3.24 20.58 -14.88
C PHE B 184 4.19 20.79 -16.06
N GLY B 185 3.66 20.55 -17.26
CA GLY B 185 4.27 20.99 -18.52
C GLY B 185 5.26 19.99 -19.06
N ASN B 186 5.79 20.31 -20.23
CA ASN B 186 6.73 19.47 -20.99
C ASN B 186 7.92 20.36 -21.33
N PRO B 187 9.11 20.18 -20.72
CA PRO B 187 9.34 19.20 -19.66
C PRO B 187 8.71 19.57 -18.30
N ALA B 188 8.47 18.58 -17.45
CA ALA B 188 7.83 18.77 -16.13
C ALA B 188 8.61 19.78 -15.30
N GLU B 189 7.88 20.67 -14.61
CA GLU B 189 8.45 21.64 -13.63
C GLU B 189 7.79 21.43 -12.27
N ALA B 190 8.56 21.50 -11.19
CA ALA B 190 8.05 21.48 -9.80
C ALA B 190 7.37 22.83 -9.49
N ARG B 191 6.11 22.82 -9.08
CA ARG B 191 5.33 24.07 -8.86
C ARG B 191 5.20 24.32 -7.35
N SER B 192 4.59 23.38 -6.62
CA SER B 192 4.64 23.30 -5.13
C SER B 192 4.25 21.88 -4.71
N MET B 193 3.41 21.77 -3.68
CA MET B 193 2.99 20.48 -3.10
C MET B 193 1.47 20.38 -3.14
N ASN B 194 0.98 19.14 -3.12
CA ASN B 194 -0.43 18.71 -3.33
C ASN B 194 -1.21 18.92 -2.02
N PHE B 195 -1.33 20.17 -1.59
CA PHE B 195 -1.98 20.55 -0.30
C PHE B 195 -3.46 20.17 -0.36
N GLU B 196 -4.10 20.47 -1.49
CA GLU B 196 -5.52 20.12 -1.80
C GLU B 196 -5.72 18.62 -1.50
N GLY B 197 -4.85 17.77 -2.06
CA GLY B 197 -4.83 16.31 -1.88
C GLY B 197 -4.55 15.89 -0.45
N MET B 198 -3.58 16.54 0.21
CA MET B 198 -3.22 16.31 1.65
C MET B 198 -4.42 16.65 2.54
N ARG B 199 -4.89 17.90 2.48
CA ARG B 199 -6.01 18.42 3.30
C ARG B 199 -7.19 17.44 3.21
N ARG B 200 -7.59 17.07 1.98
CA ARG B 200 -8.73 16.16 1.68
C ARG B 200 -8.55 14.81 2.39
N ARG B 201 -7.39 14.18 2.29
CA ARG B 201 -7.09 12.85 2.90
C ARG B 201 -6.85 12.98 4.40
N GLY B 202 -6.81 14.22 4.94
CA GLY B 202 -6.91 14.51 6.39
C GLY B 202 -5.57 14.61 7.08
N PHE B 203 -4.50 14.92 6.33
CA PHE B 203 -3.15 15.17 6.88
C PHE B 203 -3.25 16.22 7.98
N SER B 204 -2.30 16.20 8.93
CA SER B 204 -2.23 17.13 10.07
C SER B 204 -1.69 18.49 9.60
N SER B 205 -2.21 19.58 10.16
CA SER B 205 -1.74 20.98 9.96
C SER B 205 -0.23 21.07 10.20
N GLU B 206 0.26 20.38 11.23
CA GLU B 206 1.68 20.38 11.68
C GLU B 206 2.54 19.74 10.58
N ALA B 207 2.04 18.64 9.99
CA ALA B 207 2.71 17.84 8.94
C ALA B 207 2.82 18.67 7.65
N ILE B 208 1.71 19.27 7.23
CA ILE B 208 1.66 20.17 6.03
C ILE B 208 2.70 21.28 6.18
N HIS B 209 2.75 21.92 7.36
CA HIS B 209 3.70 23.01 7.69
C HIS B 209 5.14 22.49 7.55
N ALA B 210 5.43 21.26 8.02
CA ALA B 210 6.79 20.68 7.93
C ALA B 210 7.12 20.38 6.46
N LEU B 211 6.18 19.83 5.72
CA LEU B 211 6.34 19.56 4.24
C LEU B 211 6.61 20.87 3.50
N ARG B 212 5.88 21.95 3.83
CA ARG B 212 6.12 23.28 3.20
C ARG B 212 7.59 23.67 3.43
N ARG B 213 8.10 23.59 4.67
CA ARG B 213 9.50 24.00 4.94
C ARG B 213 10.45 23.03 4.26
N ALA B 214 10.09 21.73 4.20
CA ALA B 214 10.88 20.67 3.54
C ALA B 214 11.02 21.01 2.06
N TYR B 215 9.92 21.44 1.43
CA TYR B 215 9.92 21.93 0.03
C TYR B 215 10.96 23.06 -0.12
N LYS B 216 10.89 24.08 0.74
CA LYS B 216 11.82 25.24 0.72
C LYS B 216 13.26 24.71 0.69
N VAL B 217 13.56 23.74 1.57
CA VAL B 217 14.92 23.20 1.83
C VAL B 217 15.48 22.58 0.54
N VAL B 218 14.68 21.75 -0.14
CA VAL B 218 15.14 21.04 -1.38
C VAL B 218 15.26 22.04 -2.53
N TYR B 219 14.24 22.90 -2.72
CA TYR B 219 14.03 23.65 -3.98
C TYR B 219 14.59 25.08 -3.93
N ARG B 220 14.51 25.77 -2.78
CA ARG B 220 14.58 27.26 -2.71
C ARG B 220 15.75 27.77 -1.86
N GLN B 221 16.77 26.95 -1.56
CA GLN B 221 17.87 27.36 -0.64
C GLN B 221 19.25 27.03 -1.23
N GLY B 222 19.36 26.86 -2.55
CA GLY B 222 20.64 26.66 -3.27
C GLY B 222 21.41 25.41 -2.82
N HIS B 223 20.81 24.57 -1.97
CA HIS B 223 21.38 23.28 -1.53
C HIS B 223 21.47 22.34 -2.74
N THR B 224 22.59 21.63 -2.91
CA THR B 224 22.68 20.42 -3.77
C THR B 224 21.87 19.32 -3.05
N VAL B 225 21.60 18.20 -3.72
CA VAL B 225 20.72 17.13 -3.17
C VAL B 225 21.26 16.66 -1.80
N GLU B 226 22.58 16.39 -1.72
CA GLU B 226 23.25 15.85 -0.50
C GLU B 226 23.01 16.82 0.67
N GLU B 227 23.30 18.13 0.48
CA GLU B 227 23.13 19.23 1.49
C GLU B 227 21.66 19.31 1.91
N ALA B 228 20.75 19.18 0.94
CA ALA B 228 19.28 19.15 1.15
C ALA B 228 18.91 17.98 2.07
N LEU B 229 19.32 16.76 1.73
CA LEU B 229 19.04 15.53 2.52
C LEU B 229 19.61 15.69 3.93
N ALA B 230 20.83 16.21 4.07
CA ALA B 230 21.51 16.45 5.36
C ALA B 230 20.70 17.46 6.19
N GLU B 231 20.19 18.53 5.54
CA GLU B 231 19.34 19.57 6.20
C GLU B 231 18.00 18.95 6.61
N LEU B 232 17.48 18.02 5.81
CA LEU B 232 16.14 17.38 6.00
C LEU B 232 16.18 16.38 7.15
N ALA B 233 17.37 15.83 7.45
CA ALA B 233 17.68 14.80 8.48
C ALA B 233 16.85 15.03 9.75
N GLU B 234 16.93 16.24 10.33
CA GLU B 234 16.21 16.70 11.55
C GLU B 234 14.68 16.47 11.40
N SER B 235 14.04 17.17 10.45
CA SER B 235 12.55 17.19 10.26
C SER B 235 12.06 15.80 9.81
N ALA B 236 12.81 15.13 8.92
CA ALA B 236 12.61 13.72 8.50
C ALA B 236 12.55 12.83 9.75
N ALA B 237 13.47 13.05 10.69
CA ALA B 237 13.51 12.33 11.99
C ALA B 237 12.22 12.57 12.79
N GLN B 238 11.65 13.79 12.72
CA GLN B 238 10.49 14.20 13.57
C GLN B 238 9.18 13.76 12.94
N PHE B 239 9.02 13.93 11.62
CA PHE B 239 7.73 13.75 10.88
C PHE B 239 7.87 12.61 9.85
N PRO B 240 6.96 11.61 9.85
CA PRO B 240 6.98 10.55 8.83
C PRO B 240 6.82 11.10 7.41
N GLU B 241 5.80 11.93 7.21
CA GLU B 241 5.51 12.60 5.91
C GLU B 241 6.81 13.19 5.37
N VAL B 242 7.63 13.82 6.21
CA VAL B 242 8.89 14.47 5.77
C VAL B 242 9.94 13.37 5.49
N ALA B 243 9.87 12.24 6.21
CA ALA B 243 10.74 11.06 5.97
C ALA B 243 10.43 10.47 4.57
N VAL B 244 9.16 10.28 4.24
CA VAL B 244 8.66 9.82 2.89
C VAL B 244 9.23 10.75 1.80
N PHE B 245 9.06 12.06 2.00
CA PHE B 245 9.63 13.12 1.13
C PHE B 245 11.13 12.89 1.02
N ARG B 246 11.83 12.95 2.16
CA ARG B 246 13.31 12.82 2.22
C ARG B 246 13.72 11.51 1.52
N ASP B 247 12.98 10.42 1.75
CA ASP B 247 13.27 9.06 1.20
C ASP B 247 13.12 9.06 -0.33
N SER B 248 12.01 9.61 -0.83
CA SER B 248 11.70 9.77 -2.28
C SER B 248 12.82 10.56 -2.96
N ILE B 249 13.41 11.53 -2.26
CA ILE B 249 14.60 12.27 -2.78
C ILE B 249 15.83 11.34 -2.71
N GLN B 250 15.94 10.55 -1.64
CA GLN B 250 17.15 9.73 -1.37
C GLN B 250 17.26 8.62 -2.41
N SER B 251 16.12 8.13 -2.91
CA SER B 251 16.00 6.99 -3.88
C SER B 251 15.96 7.49 -5.33
N ALA B 252 16.13 8.80 -5.58
CA ALA B 252 16.03 9.38 -6.94
C ALA B 252 17.30 9.07 -7.76
N THR B 253 17.13 8.31 -8.84
CA THR B 253 18.23 7.78 -9.70
C THR B 253 18.40 8.67 -10.94
N ARG B 254 17.39 9.44 -11.32
CA ARG B 254 17.41 10.24 -12.58
C ARG B 254 17.45 11.73 -12.23
N GLY B 255 17.83 12.04 -10.99
CA GLY B 255 17.67 13.38 -10.40
C GLY B 255 16.23 13.63 -10.01
N ILE B 256 15.92 14.85 -9.57
CA ILE B 256 14.55 15.25 -9.18
C ILE B 256 14.05 16.39 -10.08
N THR B 257 12.75 16.39 -10.35
CA THR B 257 12.05 17.47 -11.09
C THR B 257 12.22 18.77 -10.29
N ARG B 258 12.85 19.79 -10.89
CA ARG B 258 13.06 21.14 -10.33
C ARG B 258 12.16 22.14 -11.06
N LEU C 3 -28.81 -6.34 -42.63
CA LEU C 3 -28.54 -4.95 -42.12
C LEU C 3 -27.95 -5.07 -40.71
N ILE C 4 -28.70 -5.62 -39.77
CA ILE C 4 -28.21 -5.97 -38.40
C ILE C 4 -27.47 -7.31 -38.48
N ASP C 5 -26.13 -7.29 -38.46
CA ASP C 5 -25.29 -8.51 -38.55
C ASP C 5 -25.69 -9.46 -37.43
N PRO C 6 -25.83 -10.78 -37.71
CA PRO C 6 -26.33 -11.72 -36.71
C PRO C 6 -25.35 -12.04 -35.58
N ARG C 7 -24.08 -11.59 -35.68
CA ARG C 7 -23.03 -11.74 -34.64
C ARG C 7 -23.04 -10.53 -33.71
N ALA C 8 -23.91 -9.54 -33.92
CA ALA C 8 -24.15 -8.40 -32.99
C ALA C 8 -25.17 -8.80 -31.92
N ILE C 9 -25.00 -8.29 -30.69
CA ILE C 9 -25.98 -8.41 -29.57
C ILE C 9 -26.82 -7.13 -29.55
N ILE C 10 -28.09 -7.22 -29.94
CA ILE C 10 -29.08 -6.11 -29.82
C ILE C 10 -29.96 -6.39 -28.60
N ASP C 11 -29.91 -5.55 -27.59
CA ASP C 11 -30.75 -5.69 -26.37
C ASP C 11 -32.22 -5.59 -26.77
N PRO C 12 -33.13 -6.24 -26.03
CA PRO C 12 -34.58 -6.05 -26.24
C PRO C 12 -35.05 -4.58 -26.14
N SER C 13 -34.50 -3.82 -25.18
CA SER C 13 -34.88 -2.41 -24.86
C SER C 13 -34.47 -1.48 -26.00
N ALA C 14 -33.40 -1.81 -26.74
CA ALA C 14 -32.89 -0.99 -27.87
C ALA C 14 -34.06 -0.66 -28.81
N ARG C 15 -33.89 0.37 -29.62
CA ARG C 15 -34.92 0.88 -30.58
C ARG C 15 -34.18 1.38 -31.81
N LEU C 16 -34.13 0.54 -32.83
CA LEU C 16 -33.40 0.78 -34.10
C LEU C 16 -34.42 1.02 -35.21
N ALA C 17 -34.56 2.27 -35.63
CA ALA C 17 -35.23 2.67 -36.88
C ALA C 17 -34.78 1.71 -38.00
N ALA C 18 -35.59 1.55 -39.03
CA ALA C 18 -35.26 0.71 -40.20
C ALA C 18 -34.15 1.42 -40.98
N ASP C 19 -33.36 0.66 -41.74
CA ASP C 19 -32.27 1.20 -42.59
C ASP C 19 -30.96 1.12 -41.81
N VAL C 20 -31.03 1.01 -40.47
CA VAL C 20 -29.85 1.04 -39.56
C VAL C 20 -29.00 -0.21 -39.82
N GLN C 21 -27.69 -0.03 -40.01
CA GLN C 21 -26.70 -1.14 -40.08
C GLN C 21 -25.93 -1.24 -38.76
N VAL C 22 -25.73 -2.48 -38.28
CA VAL C 22 -24.88 -2.81 -37.09
C VAL C 22 -23.95 -3.95 -37.51
N GLY C 23 -22.64 -3.69 -37.58
CA GLY C 23 -21.65 -4.70 -37.99
C GLY C 23 -21.45 -5.76 -36.93
N PRO C 24 -20.65 -6.82 -37.20
CA PRO C 24 -20.52 -7.95 -36.29
C PRO C 24 -19.75 -7.59 -35.02
N TRP C 25 -20.11 -8.27 -33.92
CA TRP C 25 -19.47 -8.16 -32.59
C TRP C 25 -19.63 -6.75 -32.02
N SER C 26 -20.67 -6.04 -32.44
CA SER C 26 -21.09 -4.76 -31.81
C SER C 26 -22.21 -5.08 -30.81
N ILE C 27 -22.25 -4.32 -29.72
CA ILE C 27 -23.30 -4.40 -28.68
C ILE C 27 -24.12 -3.11 -28.72
N VAL C 28 -25.40 -3.21 -29.09
CA VAL C 28 -26.40 -2.11 -28.92
C VAL C 28 -27.13 -2.39 -27.61
N GLY C 29 -26.76 -1.71 -26.53
CA GLY C 29 -27.22 -2.02 -25.15
C GLY C 29 -28.63 -1.54 -24.86
N ALA C 30 -29.05 -1.65 -23.60
CA ALA C 30 -30.40 -1.29 -23.11
C ALA C 30 -30.62 0.23 -23.24
N GLU C 31 -31.75 0.61 -23.84
CA GLU C 31 -32.29 1.99 -23.92
C GLU C 31 -31.44 2.79 -24.93
N VAL C 32 -30.82 2.12 -25.90
CA VAL C 32 -30.08 2.80 -27.01
C VAL C 32 -31.01 2.91 -28.21
N GLU C 33 -31.34 4.14 -28.62
CA GLU C 33 -32.03 4.46 -29.89
C GLU C 33 -31.00 4.74 -30.98
N ILE C 34 -31.30 4.35 -32.21
CA ILE C 34 -30.49 4.70 -33.41
C ILE C 34 -31.46 5.13 -34.53
N GLY C 35 -31.20 6.25 -35.20
CA GLY C 35 -32.09 6.85 -36.20
C GLY C 35 -31.75 6.41 -37.61
N GLU C 36 -32.65 6.60 -38.56
CA GLU C 36 -32.50 6.03 -39.92
C GLU C 36 -31.15 6.48 -40.50
N GLY C 37 -30.53 5.58 -41.25
CA GLY C 37 -29.36 5.83 -42.12
C GLY C 37 -28.06 5.61 -41.36
N THR C 38 -28.12 5.48 -40.04
CA THR C 38 -26.94 5.35 -39.15
C THR C 38 -26.28 3.99 -39.38
N VAL C 39 -24.98 4.00 -39.67
CA VAL C 39 -24.13 2.79 -39.79
C VAL C 39 -23.30 2.70 -38.53
N ILE C 40 -23.59 1.71 -37.69
CA ILE C 40 -22.73 1.28 -36.55
C ILE C 40 -21.76 0.23 -37.10
N GLY C 41 -20.45 0.46 -36.90
CA GLY C 41 -19.40 -0.41 -37.45
C GLY C 41 -19.29 -1.72 -36.68
N PRO C 42 -18.28 -2.56 -37.00
CA PRO C 42 -17.96 -3.70 -36.16
C PRO C 42 -17.29 -3.27 -34.85
N HIS C 43 -17.35 -4.12 -33.83
CA HIS C 43 -16.61 -3.90 -32.55
C HIS C 43 -16.99 -2.57 -31.89
N VAL C 44 -18.26 -2.19 -31.94
CA VAL C 44 -18.72 -0.96 -31.23
C VAL C 44 -19.52 -1.34 -29.99
N VAL C 45 -19.25 -0.69 -28.86
CA VAL C 45 -20.04 -0.86 -27.60
C VAL C 45 -20.87 0.42 -27.44
N LEU C 46 -22.19 0.30 -27.63
CA LEU C 46 -23.17 1.37 -27.31
C LEU C 46 -23.84 1.00 -26.01
N LYS C 47 -23.75 1.86 -25.00
CA LYS C 47 -24.50 1.75 -23.73
C LYS C 47 -25.44 2.95 -23.66
N GLY C 48 -26.58 2.77 -22.99
CA GLY C 48 -27.64 3.79 -22.84
C GLY C 48 -27.81 4.16 -21.36
N PRO C 49 -28.81 5.00 -21.01
CA PRO C 49 -29.78 5.54 -21.97
C PRO C 49 -29.15 6.56 -22.92
N THR C 50 -29.23 6.29 -24.23
CA THR C 50 -28.53 7.02 -25.30
C THR C 50 -29.49 7.16 -26.47
N LYS C 51 -29.54 8.35 -27.08
CA LYS C 51 -30.19 8.58 -28.39
C LYS C 51 -29.14 8.95 -29.42
N ILE C 52 -29.09 8.24 -30.56
CA ILE C 52 -28.29 8.58 -31.78
C ILE C 52 -29.26 8.90 -32.92
N GLY C 53 -29.04 10.00 -33.63
CA GLY C 53 -29.94 10.45 -34.72
C GLY C 53 -29.69 9.69 -36.01
N LYS C 54 -29.63 10.42 -37.12
CA LYS C 54 -29.77 9.88 -38.49
C LYS C 54 -28.46 10.08 -39.26
N HIS C 55 -28.13 9.15 -40.15
CA HIS C 55 -26.98 9.24 -41.09
C HIS C 55 -25.68 9.50 -40.30
N ASN C 56 -25.61 8.96 -39.09
CA ASN C 56 -24.36 8.88 -38.28
C ASN C 56 -23.56 7.66 -38.73
N ARG C 57 -22.24 7.73 -38.53
CA ARG C 57 -21.28 6.63 -38.75
C ARG C 57 -20.44 6.53 -37.48
N ILE C 58 -20.45 5.37 -36.84
CA ILE C 58 -19.67 5.09 -35.61
C ILE C 58 -18.71 3.96 -35.97
N TYR C 59 -17.42 4.21 -35.83
CA TYR C 59 -16.34 3.33 -36.33
C TYR C 59 -15.99 2.33 -35.23
N GLN C 60 -15.31 1.25 -35.62
CA GLN C 60 -14.87 0.14 -34.75
C GLN C 60 -14.12 0.66 -33.51
N PHE C 61 -14.33 -0.03 -32.37
CA PHE C 61 -13.57 0.02 -31.09
C PHE C 61 -13.94 1.27 -30.29
N SER C 62 -14.98 1.98 -30.70
CA SER C 62 -15.59 3.12 -29.98
C SER C 62 -16.46 2.59 -28.84
N SER C 63 -16.43 3.26 -27.70
CA SER C 63 -17.30 3.04 -26.53
C SER C 63 -18.14 4.32 -26.33
N VAL C 64 -19.37 4.30 -26.85
CA VAL C 64 -20.30 5.45 -26.83
C VAL C 64 -21.37 5.19 -25.76
N GLY C 65 -21.37 6.00 -24.70
CA GLY C 65 -22.45 6.04 -23.70
C GLY C 65 -22.11 5.29 -22.43
N GLU C 66 -20.82 5.07 -22.14
CA GLU C 66 -20.36 4.46 -20.87
C GLU C 66 -20.46 5.50 -19.75
N ASP C 67 -20.36 5.03 -18.51
CA ASP C 67 -20.32 5.85 -17.29
C ASP C 67 -18.95 6.52 -17.20
N THR C 68 -18.93 7.74 -16.71
CA THR C 68 -17.70 8.46 -16.30
C THR C 68 -17.08 7.70 -15.12
N PRO C 69 -15.75 7.51 -15.09
CA PRO C 69 -15.08 6.94 -13.93
C PRO C 69 -14.86 7.99 -12.84
N ASP C 70 -15.23 9.25 -13.10
CA ASP C 70 -15.07 10.38 -12.16
C ASP C 70 -15.86 10.04 -10.89
N LEU C 71 -15.18 10.06 -9.74
CA LEU C 71 -15.65 9.47 -8.46
C LEU C 71 -16.92 10.21 -7.97
N LYS C 72 -17.26 11.35 -8.59
CA LYS C 72 -18.48 12.15 -8.32
C LYS C 72 -19.64 11.69 -9.21
N TYR C 73 -19.79 10.37 -9.40
CA TYR C 73 -20.89 9.71 -10.15
C TYR C 73 -21.15 8.33 -9.52
N LYS C 74 -22.37 8.10 -9.02
CA LYS C 74 -22.68 6.96 -8.11
C LYS C 74 -23.86 6.15 -8.65
N GLY C 75 -23.89 5.94 -9.98
CA GLY C 75 -24.76 4.96 -10.67
C GLY C 75 -26.13 5.51 -11.06
N GLU C 76 -26.31 6.84 -11.17
CA GLU C 76 -27.61 7.49 -11.46
C GLU C 76 -27.98 7.29 -12.93
N PRO C 77 -29.27 7.36 -13.32
CA PRO C 77 -29.70 7.13 -14.71
C PRO C 77 -29.63 8.38 -15.60
N THR C 78 -28.48 8.59 -16.27
CA THR C 78 -28.11 9.83 -17.01
C THR C 78 -28.08 9.54 -18.53
N ARG C 79 -28.08 10.59 -19.36
CA ARG C 79 -28.37 10.47 -20.82
C ARG C 79 -27.16 10.92 -21.67
N LEU C 80 -27.12 10.42 -22.91
CA LEU C 80 -26.25 10.90 -24.01
C LEU C 80 -27.11 11.05 -25.26
N VAL C 81 -27.06 12.21 -25.91
CA VAL C 81 -27.82 12.52 -27.17
C VAL C 81 -26.78 12.85 -28.23
N ILE C 82 -26.97 12.33 -29.44
CA ILE C 82 -26.14 12.62 -30.64
C ILE C 82 -27.10 12.88 -31.82
N GLY C 83 -26.95 14.03 -32.50
CA GLY C 83 -27.80 14.46 -33.64
C GLY C 83 -27.46 13.67 -34.88
N ASP C 84 -27.41 14.33 -36.03
CA ASP C 84 -27.40 13.67 -37.37
C ASP C 84 -26.10 13.95 -38.13
N HIS C 85 -25.71 13.08 -39.05
CA HIS C 85 -24.63 13.35 -40.03
C HIS C 85 -23.28 13.52 -39.32
N ASN C 86 -23.14 12.98 -38.11
CA ASN C 86 -21.86 12.91 -37.37
C ASN C 86 -21.03 11.73 -37.87
N VAL C 87 -19.70 11.87 -37.81
CA VAL C 87 -18.72 10.78 -38.07
C VAL C 87 -17.89 10.62 -36.78
N ILE C 88 -18.07 9.47 -36.12
CA ILE C 88 -17.29 9.06 -34.93
C ILE C 88 -16.33 7.93 -35.34
N ARG C 89 -15.03 8.23 -35.29
CA ARG C 89 -13.93 7.38 -35.84
C ARG C 89 -13.47 6.34 -34.80
N GLU C 90 -12.37 5.64 -35.12
CA GLU C 90 -11.87 4.46 -34.35
C GLU C 90 -11.57 4.83 -32.91
N GLY C 91 -12.15 4.09 -31.95
CA GLY C 91 -11.73 4.09 -30.53
C GLY C 91 -12.18 5.32 -29.74
N VAL C 92 -13.16 6.07 -30.23
CA VAL C 92 -13.67 7.26 -29.52
C VAL C 92 -14.41 6.78 -28.28
N THR C 93 -14.27 7.50 -27.17
CA THR C 93 -15.01 7.29 -25.91
C THR C 93 -15.88 8.52 -25.64
N ILE C 94 -17.18 8.32 -25.53
CA ILE C 94 -18.21 9.34 -25.15
C ILE C 94 -18.95 8.83 -23.92
N HIS C 95 -18.83 9.55 -22.81
CA HIS C 95 -19.47 9.23 -21.51
C HIS C 95 -20.78 9.98 -21.44
N ARG C 96 -21.76 9.43 -20.71
CA ARG C 96 -23.09 10.04 -20.49
C ARG C 96 -22.94 11.10 -19.39
N GLY C 97 -23.99 11.89 -19.18
CA GLY C 97 -24.00 12.97 -18.16
C GLY C 97 -23.87 12.45 -16.73
N THR C 98 -23.89 13.38 -15.78
CA THR C 98 -24.02 13.17 -14.32
C THR C 98 -25.20 14.00 -13.84
N VAL C 99 -25.85 13.61 -12.74
CA VAL C 99 -27.08 14.28 -12.23
C VAL C 99 -26.72 15.68 -11.71
N GLN C 100 -25.49 15.85 -11.19
CA GLN C 100 -24.93 17.08 -10.56
C GLN C 100 -25.07 18.27 -11.51
N ASP C 101 -24.83 18.05 -12.81
CA ASP C 101 -24.96 19.09 -13.87
C ASP C 101 -26.37 19.00 -14.49
N ARG C 102 -26.49 18.55 -15.73
CA ARG C 102 -27.78 18.56 -16.48
C ARG C 102 -28.15 17.13 -16.91
N ALA C 103 -27.40 16.13 -16.44
CA ALA C 103 -27.63 14.69 -16.65
C ALA C 103 -27.66 14.34 -18.14
N GLU C 104 -27.04 15.17 -18.99
CA GLU C 104 -26.97 14.94 -20.45
C GLU C 104 -25.56 15.32 -20.97
N THR C 105 -24.93 14.41 -21.72
CA THR C 105 -23.87 14.72 -22.71
C THR C 105 -24.60 14.96 -24.04
N THR C 106 -24.24 16.00 -24.79
CA THR C 106 -24.99 16.44 -25.99
C THR C 106 -24.01 16.68 -27.16
N ILE C 107 -24.30 16.10 -28.32
CA ILE C 107 -23.58 16.28 -29.60
C ILE C 107 -24.64 16.59 -30.65
N GLY C 108 -24.49 17.68 -31.40
CA GLY C 108 -25.40 18.11 -32.48
C GLY C 108 -25.10 17.36 -33.78
N ASP C 109 -24.94 18.09 -34.87
CA ASP C 109 -24.99 17.55 -36.25
C ASP C 109 -23.70 17.90 -37.00
N HIS C 110 -23.34 17.08 -37.99
CA HIS C 110 -22.24 17.35 -38.96
C HIS C 110 -20.89 17.50 -38.23
N ASN C 111 -20.73 16.88 -37.08
CA ASN C 111 -19.45 16.85 -36.32
C ASN C 111 -18.57 15.69 -36.80
N LEU C 112 -17.27 15.93 -36.85
CA LEU C 112 -16.24 14.95 -37.27
C LEU C 112 -15.32 14.74 -36.06
N ILE C 113 -15.52 13.62 -35.37
CA ILE C 113 -14.81 13.26 -34.13
C ILE C 113 -13.82 12.15 -34.49
N MET C 114 -12.55 12.52 -34.60
CA MET C 114 -11.49 11.63 -35.12
C MET C 114 -11.00 10.65 -34.04
N ALA C 115 -10.23 9.66 -34.48
CA ALA C 115 -9.85 8.45 -33.70
C ALA C 115 -9.34 8.81 -32.31
N TYR C 116 -9.82 8.10 -31.28
CA TYR C 116 -9.37 8.06 -29.86
C TYR C 116 -9.64 9.39 -29.16
N ALA C 117 -10.47 10.24 -29.75
CA ALA C 117 -11.03 11.42 -29.07
C ALA C 117 -11.79 10.96 -27.82
N HIS C 118 -11.88 11.82 -26.81
CA HIS C 118 -12.66 11.59 -25.58
C HIS C 118 -13.59 12.77 -25.31
N ILE C 119 -14.89 12.49 -25.22
CA ILE C 119 -15.95 13.48 -24.84
C ILE C 119 -16.44 13.11 -23.44
N GLY C 120 -15.96 13.86 -22.44
CA GLY C 120 -16.27 13.64 -21.03
C GLY C 120 -17.71 13.97 -20.71
N HIS C 121 -18.20 13.44 -19.59
CA HIS C 121 -19.57 13.64 -19.04
C HIS C 121 -20.02 15.10 -19.14
N ASP C 122 -21.23 15.30 -19.65
CA ASP C 122 -21.98 16.59 -19.57
C ASP C 122 -21.43 17.59 -20.59
N SER C 123 -20.46 17.19 -21.42
CA SER C 123 -19.90 18.08 -22.47
C SER C 123 -20.97 18.29 -23.53
N VAL C 124 -21.02 19.51 -24.09
CA VAL C 124 -21.97 19.90 -25.16
C VAL C 124 -21.15 20.24 -26.41
N ILE C 125 -21.32 19.44 -27.46
CA ILE C 125 -20.68 19.74 -28.75
C ILE C 125 -21.78 20.24 -29.68
N GLY C 126 -21.53 21.34 -30.36
CA GLY C 126 -22.52 21.92 -31.28
C GLY C 126 -22.50 21.24 -32.64
N ASN C 127 -22.36 22.02 -33.70
CA ASN C 127 -22.46 21.47 -35.07
C ASN C 127 -21.27 21.83 -35.95
N HIS C 128 -20.96 20.99 -36.93
CA HIS C 128 -19.86 21.22 -37.91
C HIS C 128 -18.53 21.44 -37.21
N CYS C 129 -18.36 20.84 -36.02
CA CYS C 129 -17.09 20.84 -35.25
C CYS C 129 -16.19 19.73 -35.74
N ILE C 130 -14.88 19.94 -35.67
CA ILE C 130 -13.88 18.88 -35.95
C ILE C 130 -13.03 18.70 -34.69
N LEU C 131 -13.06 17.51 -34.10
CA LEU C 131 -12.13 17.09 -33.02
C LEU C 131 -11.12 16.15 -33.67
N VAL C 132 -9.89 16.63 -33.85
CA VAL C 132 -8.85 15.81 -34.50
C VAL C 132 -8.31 14.80 -33.47
N ASN C 133 -7.64 13.74 -33.95
CA ASN C 133 -7.16 12.57 -33.19
C ASN C 133 -6.82 12.93 -31.74
N ASN C 134 -7.40 12.18 -30.80
CA ASN C 134 -6.94 12.10 -29.38
C ASN C 134 -7.24 13.42 -28.65
N THR C 135 -8.12 14.25 -29.21
CA THR C 135 -8.65 15.41 -28.46
C THR C 135 -9.38 14.86 -27.24
N ALA C 136 -9.21 15.46 -26.07
CA ALA C 136 -9.84 14.99 -24.84
C ALA C 136 -10.52 16.17 -24.16
N LEU C 137 -11.86 16.11 -24.07
CA LEU C 137 -12.73 17.07 -23.33
C LEU C 137 -13.00 16.46 -21.95
N ALA C 138 -12.63 17.17 -20.90
CA ALA C 138 -12.57 16.63 -19.52
C ALA C 138 -13.98 16.28 -19.03
N GLY C 139 -14.91 17.23 -19.11
CA GLY C 139 -16.19 17.18 -18.38
C GLY C 139 -16.83 18.57 -18.34
N HIS C 140 -18.09 18.71 -18.77
CA HIS C 140 -18.87 19.98 -18.77
C HIS C 140 -18.27 20.99 -19.75
N VAL C 141 -17.56 20.51 -20.80
CA VAL C 141 -16.92 21.34 -21.86
C VAL C 141 -17.97 21.64 -22.92
N HIS C 142 -18.10 22.90 -23.31
CA HIS C 142 -19.04 23.37 -24.35
C HIS C 142 -18.19 23.75 -25.57
N VAL C 143 -18.44 23.09 -26.70
CA VAL C 143 -17.77 23.39 -28.00
C VAL C 143 -18.84 23.93 -28.93
N ASP C 144 -18.80 25.22 -29.23
CA ASP C 144 -19.78 25.90 -30.11
C ASP C 144 -19.46 25.62 -31.59
N ASP C 145 -20.38 25.97 -32.48
CA ASP C 145 -20.40 25.47 -33.87
C ASP C 145 -19.10 25.84 -34.60
N TRP C 146 -18.64 24.94 -35.47
CA TRP C 146 -17.53 25.15 -36.42
C TRP C 146 -16.15 25.19 -35.74
N ALA C 147 -16.07 25.00 -34.42
CA ALA C 147 -14.78 24.98 -33.72
C ALA C 147 -13.94 23.81 -34.25
N ILE C 148 -12.63 24.01 -34.33
CA ILE C 148 -11.68 22.94 -34.72
C ILE C 148 -10.60 22.79 -33.64
N LEU C 149 -10.53 21.61 -33.04
CA LEU C 149 -9.49 21.23 -32.06
C LEU C 149 -8.52 20.24 -32.74
N SER C 150 -7.28 20.68 -32.95
CA SER C 150 -6.17 19.89 -33.56
C SER C 150 -5.84 18.71 -32.65
N GLY C 151 -5.09 17.74 -33.18
CA GLY C 151 -4.73 16.48 -32.49
C GLY C 151 -4.17 16.72 -31.10
N TYR C 152 -4.62 15.92 -30.13
CA TYR C 152 -4.09 15.86 -28.76
C TYR C 152 -4.36 17.18 -28.01
N THR C 153 -5.44 17.88 -28.37
CA THR C 153 -5.91 19.07 -27.62
C THR C 153 -6.61 18.56 -26.35
N LEU C 154 -6.17 19.02 -25.18
CA LEU C 154 -6.77 18.69 -23.86
C LEU C 154 -7.56 19.90 -23.43
N VAL C 155 -8.77 19.70 -22.93
CA VAL C 155 -9.64 20.82 -22.45
C VAL C 155 -10.04 20.52 -21.01
N HIS C 156 -9.65 21.41 -20.10
CA HIS C 156 -10.00 21.37 -18.65
C HIS C 156 -11.52 21.40 -18.50
N GLN C 157 -12.02 20.70 -17.47
CA GLN C 157 -13.42 20.77 -16.96
C GLN C 157 -13.96 22.18 -17.08
N TYR C 158 -15.21 22.30 -17.55
CA TYR C 158 -16.10 23.50 -17.50
C TYR C 158 -15.70 24.56 -18.53
N CYS C 159 -14.59 24.39 -19.27
CA CYS C 159 -14.11 25.37 -20.27
C CYS C 159 -15.08 25.45 -21.44
N ARG C 160 -15.26 26.65 -21.99
CA ARG C 160 -16.10 26.96 -23.18
C ARG C 160 -15.16 27.21 -24.37
N ILE C 161 -15.37 26.46 -25.46
CA ILE C 161 -14.69 26.61 -26.78
C ILE C 161 -15.65 27.31 -27.74
N GLY C 162 -15.36 28.56 -28.08
CA GLY C 162 -16.22 29.44 -28.89
C GLY C 162 -16.36 28.96 -30.32
N ALA C 163 -17.35 29.51 -31.02
CA ALA C 163 -17.61 29.22 -32.44
C ALA C 163 -16.43 29.68 -33.28
N HIS C 164 -16.06 28.88 -34.29
CA HIS C 164 -15.01 29.21 -35.29
C HIS C 164 -13.62 29.29 -34.65
N SER C 165 -13.50 28.90 -33.39
CA SER C 165 -12.19 28.87 -32.68
C SER C 165 -11.34 27.72 -33.21
N PHE C 166 -10.03 27.81 -33.09
CA PHE C 166 -9.09 26.76 -33.54
C PHE C 166 -8.03 26.59 -32.47
N SER C 167 -7.73 25.35 -32.12
CA SER C 167 -6.59 25.00 -31.25
C SER C 167 -5.52 24.31 -32.10
N GLY C 168 -4.26 24.65 -31.85
CA GLY C 168 -3.11 23.93 -32.43
C GLY C 168 -2.86 22.61 -31.72
N MET C 169 -2.07 21.78 -32.38
CA MET C 169 -1.83 20.38 -31.97
C MET C 169 -1.17 20.38 -30.58
N GLY C 170 -1.70 19.56 -29.68
CA GLY C 170 -1.13 19.35 -28.33
C GLY C 170 -1.42 20.52 -27.40
N SER C 171 -2.36 21.38 -27.77
CA SER C 171 -2.83 22.52 -26.91
C SER C 171 -3.41 21.95 -25.62
N ALA C 172 -3.20 22.64 -24.51
CA ALA C 172 -3.82 22.31 -23.21
C ALA C 172 -4.59 23.54 -22.74
N ILE C 173 -5.92 23.52 -22.90
CA ILE C 173 -6.82 24.67 -22.64
C ILE C 173 -7.38 24.60 -21.22
N GLY C 174 -7.08 25.60 -20.39
CA GLY C 174 -7.59 25.69 -19.00
C GLY C 174 -8.53 26.86 -18.81
N LYS C 175 -8.71 27.69 -19.84
CA LYS C 175 -9.61 28.87 -19.79
C LYS C 175 -10.46 28.94 -21.06
N ASP C 176 -11.50 29.75 -21.03
CA ASP C 176 -12.44 29.80 -22.17
C ASP C 176 -11.63 30.27 -23.38
N VAL C 177 -11.91 29.69 -24.54
CA VAL C 177 -11.45 30.22 -25.86
C VAL C 177 -12.61 30.99 -26.47
N PRO C 178 -12.50 32.33 -26.63
CA PRO C 178 -13.54 33.09 -27.31
C PRO C 178 -13.73 32.56 -28.74
N ALA C 179 -14.87 32.89 -29.33
CA ALA C 179 -15.21 32.59 -30.74
C ALA C 179 -14.12 33.17 -31.65
N TYR C 180 -13.81 32.49 -32.76
CA TYR C 180 -12.86 32.93 -33.81
C TYR C 180 -11.39 32.84 -33.35
N VAL C 181 -11.13 32.69 -32.06
CA VAL C 181 -9.74 32.82 -31.51
C VAL C 181 -8.97 31.52 -31.79
N THR C 182 -7.71 31.67 -32.20
CA THR C 182 -6.74 30.57 -32.37
C THR C 182 -5.84 30.53 -31.13
N VAL C 183 -5.63 29.34 -30.59
CA VAL C 183 -4.80 29.08 -29.38
C VAL C 183 -3.83 27.93 -29.66
N PHE C 184 -2.64 27.99 -29.05
CA PHE C 184 -1.49 27.10 -29.27
C PHE C 184 -0.76 26.88 -27.93
N GLY C 185 -0.21 25.68 -27.75
CA GLY C 185 0.76 25.36 -26.68
C GLY C 185 0.11 24.84 -25.40
N ASN C 186 0.96 24.50 -24.44
CA ASN C 186 0.61 24.02 -23.10
C ASN C 186 1.45 24.81 -22.09
N PRO C 187 0.87 25.79 -21.34
CA PRO C 187 -0.54 26.16 -21.45
C PRO C 187 -0.87 26.92 -22.74
N ALA C 188 -2.14 26.86 -23.13
CA ALA C 188 -2.66 27.47 -24.38
C ALA C 188 -2.62 28.99 -24.25
N GLU C 189 -2.27 29.66 -25.34
CA GLU C 189 -2.18 31.13 -25.41
C GLU C 189 -2.80 31.59 -26.73
N ALA C 190 -3.50 32.73 -26.70
CA ALA C 190 -4.17 33.33 -27.87
C ALA C 190 -3.10 33.79 -28.86
N ARG C 191 -3.25 33.52 -30.16
CA ARG C 191 -2.28 34.01 -31.19
C ARG C 191 -2.97 35.05 -32.08
N SER C 192 -4.16 34.73 -32.60
CA SER C 192 -4.81 35.46 -33.72
C SER C 192 -6.29 35.08 -33.83
N MET C 193 -6.95 35.48 -34.94
CA MET C 193 -8.34 35.11 -35.29
C MET C 193 -8.32 34.02 -36.38
N ASN C 194 -9.38 33.22 -36.45
CA ASN C 194 -9.52 32.17 -37.49
C ASN C 194 -10.09 32.81 -38.77
N PHE C 195 -9.28 33.59 -39.48
CA PHE C 195 -9.69 34.29 -40.73
C PHE C 195 -10.12 33.24 -41.78
N GLU C 196 -9.42 32.13 -41.91
CA GLU C 196 -9.77 31.07 -42.91
C GLU C 196 -11.17 30.56 -42.60
N GLY C 197 -11.49 30.34 -41.33
CA GLY C 197 -12.82 29.92 -40.86
C GLY C 197 -13.90 30.92 -41.27
N MET C 198 -13.59 32.21 -41.25
CA MET C 198 -14.53 33.29 -41.61
C MET C 198 -14.79 33.22 -43.13
N ARG C 199 -13.72 33.17 -43.91
CA ARG C 199 -13.75 33.02 -45.40
C ARG C 199 -14.44 31.70 -45.77
N ARG C 200 -14.31 30.63 -44.98
CA ARG C 200 -15.07 29.36 -45.21
C ARG C 200 -16.57 29.67 -45.21
N ARG C 201 -17.02 30.54 -44.31
CA ARG C 201 -18.45 30.87 -44.02
C ARG C 201 -18.98 31.96 -44.97
N GLY C 202 -18.13 32.49 -45.86
CA GLY C 202 -18.51 33.62 -46.73
C GLY C 202 -18.90 34.82 -45.90
N PHE C 203 -18.14 35.11 -44.83
CA PHE C 203 -18.26 36.35 -44.04
C PHE C 203 -17.98 37.52 -44.97
N SER C 204 -18.81 38.57 -44.92
CA SER C 204 -18.58 39.84 -45.64
C SER C 204 -17.19 40.36 -45.23
N SER C 205 -16.47 41.00 -46.15
CA SER C 205 -15.13 41.60 -45.89
C SER C 205 -15.24 42.63 -44.76
N GLU C 206 -16.42 43.21 -44.55
CA GLU C 206 -16.68 44.22 -43.50
C GLU C 206 -16.78 43.51 -42.14
N ALA C 207 -17.41 42.34 -42.10
CA ALA C 207 -17.53 41.49 -40.88
C ALA C 207 -16.12 41.05 -40.45
N ILE C 208 -15.30 40.53 -41.37
CA ILE C 208 -13.91 40.07 -41.09
C ILE C 208 -13.08 41.24 -40.53
N HIS C 209 -13.30 42.47 -41.01
CA HIS C 209 -12.59 43.68 -40.53
C HIS C 209 -13.10 44.06 -39.13
N ALA C 210 -14.40 43.98 -38.92
CA ALA C 210 -15.03 44.26 -37.60
C ALA C 210 -14.46 43.28 -36.56
N LEU C 211 -14.19 42.04 -36.97
CA LEU C 211 -13.68 40.98 -36.05
C LEU C 211 -12.19 41.20 -35.81
N ARG C 212 -11.43 41.51 -36.87
CA ARG C 212 -9.98 41.83 -36.82
C ARG C 212 -9.76 42.92 -35.76
N ARG C 213 -10.60 43.96 -35.79
CA ARG C 213 -10.54 45.11 -34.85
C ARG C 213 -10.97 44.62 -33.45
N ALA C 214 -12.06 43.87 -33.36
CA ALA C 214 -12.60 43.34 -32.08
C ALA C 214 -11.51 42.57 -31.31
N TYR C 215 -10.69 41.78 -32.01
CA TYR C 215 -9.54 41.06 -31.41
C TYR C 215 -8.64 42.09 -30.68
N LYS C 216 -8.24 43.17 -31.37
CA LYS C 216 -7.32 44.22 -30.83
C LYS C 216 -7.93 44.84 -29.57
N VAL C 217 -9.22 45.17 -29.59
CA VAL C 217 -9.96 45.71 -28.42
C VAL C 217 -9.73 44.81 -27.19
N VAL C 218 -9.83 43.49 -27.36
CA VAL C 218 -9.81 42.51 -26.25
C VAL C 218 -8.36 42.27 -25.80
N TYR C 219 -7.46 42.08 -26.75
CA TYR C 219 -6.14 41.40 -26.54
C TYR C 219 -4.96 42.38 -26.58
N ARG C 220 -4.92 43.31 -27.54
CA ARG C 220 -3.70 44.12 -27.82
C ARG C 220 -3.95 45.61 -27.55
N GLN C 221 -4.85 45.99 -26.64
CA GLN C 221 -5.11 47.42 -26.31
C GLN C 221 -5.19 47.70 -24.80
N GLY C 222 -4.66 46.79 -23.98
CA GLY C 222 -4.46 47.03 -22.54
C GLY C 222 -5.76 47.13 -21.78
N HIS C 223 -6.90 46.91 -22.44
CA HIS C 223 -8.25 46.98 -21.82
C HIS C 223 -8.45 45.80 -20.87
N THR C 224 -9.21 46.00 -19.80
CA THR C 224 -9.83 44.93 -18.98
C THR C 224 -10.96 44.31 -19.81
N VAL C 225 -11.55 43.22 -19.32
CA VAL C 225 -12.61 42.48 -20.06
C VAL C 225 -13.86 43.38 -20.08
N GLU C 226 -14.23 43.98 -18.94
CA GLU C 226 -15.43 44.87 -18.83
C GLU C 226 -15.22 46.10 -19.71
N GLU C 227 -13.99 46.63 -19.74
CA GLU C 227 -13.63 47.76 -20.63
C GLU C 227 -13.87 47.35 -22.08
N ALA C 228 -13.42 46.14 -22.46
CA ALA C 228 -13.45 45.61 -23.84
C ALA C 228 -14.90 45.34 -24.27
N LEU C 229 -15.70 44.72 -23.39
CA LEU C 229 -17.13 44.46 -23.67
C LEU C 229 -17.86 45.76 -24.00
N ALA C 230 -17.51 46.87 -23.34
CA ALA C 230 -18.13 48.21 -23.53
C ALA C 230 -17.80 48.73 -24.93
N GLU C 231 -16.52 48.69 -25.31
CA GLU C 231 -16.01 49.12 -26.64
C GLU C 231 -16.70 48.31 -27.77
N LEU C 232 -16.94 47.01 -27.55
CA LEU C 232 -17.45 46.07 -28.60
C LEU C 232 -18.97 46.19 -28.77
N ALA C 233 -19.68 46.84 -27.83
CA ALA C 233 -21.17 46.79 -27.73
C ALA C 233 -21.87 47.37 -28.97
N GLU C 234 -21.23 48.30 -29.70
CA GLU C 234 -21.81 48.93 -30.91
C GLU C 234 -21.49 48.08 -32.13
N SER C 235 -20.24 47.61 -32.23
CA SER C 235 -19.77 46.70 -33.31
C SER C 235 -20.58 45.39 -33.26
N ALA C 236 -21.05 45.00 -32.07
CA ALA C 236 -21.88 43.81 -31.79
C ALA C 236 -23.34 44.05 -32.18
N ALA C 237 -23.87 45.26 -31.94
CA ALA C 237 -25.24 45.69 -32.32
C ALA C 237 -25.36 45.73 -33.86
N GLN C 238 -24.27 46.09 -34.54
CA GLN C 238 -24.21 46.26 -36.01
C GLN C 238 -24.04 44.91 -36.71
N PHE C 239 -22.96 44.18 -36.38
CA PHE C 239 -22.59 42.88 -37.01
C PHE C 239 -22.97 41.74 -36.08
N PRO C 240 -23.82 40.77 -36.51
CA PRO C 240 -24.08 39.57 -35.72
C PRO C 240 -22.81 38.72 -35.46
N GLU C 241 -21.90 38.69 -36.44
CA GLU C 241 -20.61 37.95 -36.34
C GLU C 241 -19.84 38.42 -35.11
N VAL C 242 -19.83 39.73 -34.83
CA VAL C 242 -19.09 40.34 -33.68
C VAL C 242 -19.87 40.04 -32.40
N ALA C 243 -21.20 40.06 -32.44
CA ALA C 243 -22.06 39.71 -31.28
C ALA C 243 -21.67 38.31 -30.73
N VAL C 244 -21.39 37.35 -31.61
CA VAL C 244 -20.90 35.98 -31.29
C VAL C 244 -19.61 36.11 -30.48
N PHE C 245 -18.66 36.94 -30.96
CA PHE C 245 -17.34 37.14 -30.31
C PHE C 245 -17.54 37.75 -28.92
N ARG C 246 -18.34 38.83 -28.86
CA ARG C 246 -18.64 39.60 -27.63
C ARG C 246 -19.35 38.71 -26.61
N ASP C 247 -20.32 37.89 -27.06
CA ASP C 247 -21.12 36.99 -26.19
C ASP C 247 -20.20 35.92 -25.59
N SER C 248 -19.21 35.42 -26.36
CA SER C 248 -18.28 34.36 -25.90
C SER C 248 -17.40 34.89 -24.77
N ILE C 249 -17.03 36.18 -24.81
CA ILE C 249 -16.23 36.85 -23.75
C ILE C 249 -17.12 37.12 -22.53
N GLN C 250 -18.36 37.59 -22.74
CA GLN C 250 -19.33 37.91 -21.66
C GLN C 250 -19.62 36.66 -20.82
N SER C 251 -19.84 35.52 -21.48
CA SER C 251 -20.23 34.24 -20.83
C SER C 251 -19.00 33.51 -20.28
N ALA C 252 -17.82 34.14 -20.28
CA ALA C 252 -16.56 33.54 -19.79
C ALA C 252 -16.23 34.04 -18.38
N THR C 253 -17.00 33.62 -17.37
CA THR C 253 -16.88 34.07 -15.96
C THR C 253 -15.52 33.67 -15.37
N ARG C 254 -14.91 32.58 -15.86
CA ARG C 254 -13.64 32.02 -15.35
C ARG C 254 -12.45 32.52 -16.19
N GLY C 255 -12.58 33.70 -16.81
CA GLY C 255 -11.50 34.35 -17.57
C GLY C 255 -11.32 33.75 -18.97
N ILE C 256 -10.73 34.52 -19.88
CA ILE C 256 -10.48 34.09 -21.28
C ILE C 256 -9.03 33.65 -21.42
N THR C 257 -8.80 32.70 -22.32
CA THR C 257 -7.45 32.32 -22.78
C THR C 257 -6.77 33.58 -23.33
N ARG C 258 -5.68 33.99 -22.70
CA ARG C 258 -4.80 35.06 -23.22
C ARG C 258 -3.50 34.41 -23.66
N SER D 2 -33.49 -8.14 27.31
CA SER D 2 -32.90 -7.46 26.11
C SER D 2 -31.51 -8.08 25.81
N LEU D 3 -31.13 -8.12 24.52
CA LEU D 3 -29.77 -8.51 24.07
C LEU D 3 -28.75 -7.43 24.49
N ILE D 4 -29.19 -6.17 24.52
CA ILE D 4 -28.34 -4.97 24.80
C ILE D 4 -28.48 -4.65 26.29
N ASP D 5 -27.41 -4.92 27.04
CA ASP D 5 -27.35 -4.65 28.48
C ASP D 5 -27.48 -3.14 28.69
N PRO D 6 -28.39 -2.68 29.57
CA PRO D 6 -28.57 -1.24 29.81
C PRO D 6 -27.38 -0.54 30.48
N ARG D 7 -26.44 -1.32 31.02
CA ARG D 7 -25.22 -0.78 31.70
C ARG D 7 -24.16 -0.45 30.63
N ALA D 8 -24.37 -0.91 29.39
CA ALA D 8 -23.54 -0.58 28.22
C ALA D 8 -23.90 0.82 27.70
N ILE D 9 -22.96 1.52 27.05
CA ILE D 9 -23.21 2.83 26.40
C ILE D 9 -23.14 2.63 24.89
N ILE D 10 -24.28 2.83 24.20
CA ILE D 10 -24.44 2.75 22.71
C ILE D 10 -24.60 4.18 22.17
N ASP D 11 -23.61 4.66 21.43
CA ASP D 11 -23.68 5.97 20.75
C ASP D 11 -24.92 6.01 19.85
N PRO D 12 -25.64 7.16 19.76
CA PRO D 12 -26.79 7.25 18.85
C PRO D 12 -26.42 7.03 17.38
N SER D 13 -25.15 7.21 16.97
CA SER D 13 -24.71 7.01 15.55
C SER D 13 -24.20 5.59 15.31
N ALA D 14 -24.08 4.76 16.36
CA ALA D 14 -23.77 3.31 16.26
C ALA D 14 -24.94 2.60 15.58
N ARG D 15 -24.66 1.58 14.78
CA ARG D 15 -25.68 0.73 14.11
C ARG D 15 -25.47 -0.73 14.55
N LEU D 16 -26.52 -1.37 15.05
CA LEU D 16 -26.56 -2.77 15.54
C LEU D 16 -27.56 -3.57 14.69
N ALA D 17 -27.11 -4.67 14.10
CA ALA D 17 -27.94 -5.63 13.36
C ALA D 17 -28.65 -6.54 14.36
N ALA D 18 -29.66 -7.28 13.88
CA ALA D 18 -30.46 -8.25 14.67
C ALA D 18 -29.51 -9.22 15.40
N ASP D 19 -29.93 -9.71 16.58
CA ASP D 19 -29.25 -10.77 17.36
C ASP D 19 -27.89 -10.31 17.91
N VAL D 20 -27.58 -9.01 17.83
CA VAL D 20 -26.34 -8.46 18.42
C VAL D 20 -26.51 -8.39 19.93
N GLN D 21 -25.52 -8.91 20.66
CA GLN D 21 -25.49 -8.80 22.14
C GLN D 21 -24.38 -7.85 22.55
N VAL D 22 -24.64 -7.04 23.57
CA VAL D 22 -23.61 -6.15 24.16
C VAL D 22 -23.68 -6.34 25.66
N GLY D 23 -22.64 -6.96 26.21
CA GLY D 23 -22.49 -7.20 27.65
C GLY D 23 -22.43 -5.89 28.42
N PRO D 24 -22.60 -5.94 29.76
CA PRO D 24 -22.56 -4.74 30.60
C PRO D 24 -21.21 -4.03 30.56
N TRP D 25 -21.24 -2.70 30.71
CA TRP D 25 -20.08 -1.81 30.87
C TRP D 25 -19.23 -1.81 29.60
N SER D 26 -19.82 -2.15 28.45
CA SER D 26 -19.19 -2.04 27.11
C SER D 26 -19.60 -0.70 26.46
N ILE D 27 -18.71 -0.11 25.68
CA ILE D 27 -18.96 1.15 24.91
C ILE D 27 -18.90 0.83 23.42
N VAL D 28 -20.02 1.06 22.73
CA VAL D 28 -20.12 1.01 21.25
C VAL D 28 -20.13 2.47 20.79
N GLY D 29 -18.97 2.96 20.37
CA GLY D 29 -18.71 4.38 20.06
C GLY D 29 -19.41 4.82 18.78
N ALA D 30 -19.38 6.13 18.51
CA ALA D 30 -19.93 6.76 17.28
C ALA D 30 -19.28 6.10 16.06
N GLU D 31 -20.09 5.85 15.01
CA GLU D 31 -19.71 5.30 13.68
C GLU D 31 -19.25 3.83 13.82
N VAL D 32 -19.66 3.14 14.89
CA VAL D 32 -19.42 1.67 14.98
C VAL D 32 -20.66 0.91 14.48
N GLU D 33 -20.49 0.13 13.41
CA GLU D 33 -21.54 -0.76 12.88
C GLU D 33 -21.18 -2.18 13.31
N ILE D 34 -22.16 -2.90 13.86
CA ILE D 34 -21.98 -4.31 14.32
C ILE D 34 -23.00 -5.16 13.57
N GLY D 35 -22.53 -6.18 12.88
CA GLY D 35 -23.29 -7.09 12.03
C GLY D 35 -23.97 -8.20 12.81
N GLU D 36 -24.88 -8.87 12.11
CA GLU D 36 -25.89 -9.82 12.63
C GLU D 36 -25.18 -10.88 13.47
N GLY D 37 -25.66 -11.12 14.69
CA GLY D 37 -25.29 -12.28 15.51
C GLY D 37 -23.97 -12.09 16.24
N THR D 38 -23.34 -10.92 16.16
CA THR D 38 -22.04 -10.63 16.84
C THR D 38 -22.32 -10.45 18.35
N VAL D 39 -21.52 -11.13 19.17
CA VAL D 39 -21.54 -11.07 20.65
C VAL D 39 -20.36 -10.19 21.11
N ILE D 40 -20.69 -9.02 21.68
CA ILE D 40 -19.74 -8.14 22.41
C ILE D 40 -19.84 -8.46 23.89
N GLY D 41 -18.74 -8.92 24.48
CA GLY D 41 -18.65 -9.31 25.89
C GLY D 41 -18.82 -8.07 26.76
N PRO D 42 -18.71 -8.23 28.09
CA PRO D 42 -18.69 -7.07 28.98
C PRO D 42 -17.32 -6.38 28.95
N HIS D 43 -17.27 -5.12 29.37
CA HIS D 43 -16.01 -4.36 29.58
C HIS D 43 -15.26 -4.21 28.25
N VAL D 44 -15.97 -4.04 27.14
CA VAL D 44 -15.34 -3.89 25.80
C VAL D 44 -15.45 -2.42 25.39
N VAL D 45 -14.38 -1.87 24.80
CA VAL D 45 -14.39 -0.54 24.15
C VAL D 45 -14.22 -0.71 22.64
N LEU D 46 -15.29 -0.37 21.90
CA LEU D 46 -15.33 -0.27 20.43
C LEU D 46 -15.35 1.20 20.05
N LYS D 47 -14.38 1.65 19.25
CA LYS D 47 -14.30 3.06 18.76
C LYS D 47 -14.31 3.02 17.22
N GLY D 48 -14.82 4.08 16.58
CA GLY D 48 -15.01 4.10 15.13
C GLY D 48 -14.22 5.22 14.46
N PRO D 49 -14.38 5.45 13.14
CA PRO D 49 -15.28 4.67 12.29
C PRO D 49 -14.83 3.21 12.08
N THR D 50 -15.69 2.26 12.45
CA THR D 50 -15.39 0.81 12.43
C THR D 50 -16.59 0.04 11.92
N LYS D 51 -16.36 -0.99 11.11
CA LYS D 51 -17.41 -1.92 10.63
C LYS D 51 -17.02 -3.33 11.07
N ILE D 52 -17.81 -3.93 11.97
CA ILE D 52 -17.66 -5.35 12.40
C ILE D 52 -18.79 -6.15 11.74
N GLY D 53 -18.48 -7.27 11.08
CA GLY D 53 -19.46 -8.13 10.38
C GLY D 53 -20.25 -9.03 11.31
N LYS D 54 -20.56 -10.25 10.84
CA LYS D 54 -21.58 -11.15 11.44
C LYS D 54 -20.94 -12.23 12.29
N HIS D 55 -21.57 -12.59 13.43
CA HIS D 55 -21.24 -13.82 14.20
C HIS D 55 -19.79 -13.75 14.69
N ASN D 56 -19.33 -12.55 15.04
CA ASN D 56 -18.05 -12.36 15.74
C ASN D 56 -18.32 -12.51 17.24
N ARG D 57 -17.27 -12.76 18.00
CA ARG D 57 -17.25 -12.74 19.49
C ARG D 57 -16.03 -11.92 19.92
N ILE D 58 -16.27 -10.88 20.70
CA ILE D 58 -15.23 -9.99 21.29
C ILE D 58 -15.35 -10.09 22.81
N TYR D 59 -14.28 -10.53 23.45
CA TYR D 59 -14.23 -10.79 24.91
C TYR D 59 -13.82 -9.51 25.65
N GLN D 60 -14.10 -9.49 26.95
CA GLN D 60 -13.86 -8.41 27.92
C GLN D 60 -12.46 -7.81 27.76
N PHE D 61 -12.38 -6.51 28.01
CA PHE D 61 -11.13 -5.72 28.18
C PHE D 61 -10.43 -5.50 26.83
N SER D 62 -11.06 -5.86 25.71
CA SER D 62 -10.56 -5.54 24.35
C SER D 62 -10.81 -4.07 24.04
N SER D 63 -9.88 -3.45 23.31
CA SER D 63 -9.96 -2.09 22.73
C SER D 63 -9.88 -2.23 21.20
N VAL D 64 -11.04 -2.21 20.54
CA VAL D 64 -11.15 -2.41 19.09
C VAL D 64 -11.53 -1.06 18.46
N GLY D 65 -10.56 -0.43 17.77
CA GLY D 65 -10.79 0.73 16.90
C GLY D 65 -10.19 2.02 17.46
N GLU D 66 -9.22 1.94 18.38
CA GLU D 66 -8.46 3.12 18.87
C GLU D 66 -7.43 3.59 17.82
N ASP D 67 -6.89 4.79 18.02
CA ASP D 67 -5.84 5.39 17.16
C ASP D 67 -4.50 4.89 17.65
N THR D 68 -3.59 4.66 16.71
CA THR D 68 -2.21 4.29 17.04
C THR D 68 -1.63 5.33 17.96
N PRO D 69 -0.89 4.90 19.00
CA PRO D 69 -0.23 5.84 19.90
C PRO D 69 0.80 6.72 19.20
N ASP D 70 1.40 6.23 18.12
CA ASP D 70 2.35 7.07 17.34
C ASP D 70 1.60 8.33 16.88
N LEU D 71 1.36 9.28 17.79
CA LEU D 71 0.55 10.50 17.48
C LEU D 71 1.14 11.25 16.30
N LYS D 72 2.28 10.81 15.80
CA LYS D 72 2.76 11.44 14.54
C LYS D 72 1.80 10.98 13.44
N TYR D 73 1.06 9.90 13.68
CA TYR D 73 0.07 9.42 12.69
C TYR D 73 -1.32 10.01 13.00
N LYS D 74 -1.37 11.24 13.52
CA LYS D 74 -2.66 11.92 13.78
C LYS D 74 -3.33 12.27 12.45
N GLY D 75 -4.59 11.88 12.27
CA GLY D 75 -5.31 12.15 11.01
C GLY D 75 -6.57 11.33 10.89
N GLU D 76 -7.57 11.87 10.21
CA GLU D 76 -8.86 11.16 10.03
C GLU D 76 -9.43 11.62 8.69
N PRO D 77 -10.38 10.89 8.06
CA PRO D 77 -10.94 9.66 8.63
C PRO D 77 -10.04 8.44 8.37
N THR D 78 -9.86 7.60 9.39
CA THR D 78 -9.18 6.28 9.32
C THR D 78 -10.16 5.21 9.83
N ARG D 79 -10.13 4.02 9.24
CA ARG D 79 -11.17 2.97 9.39
C ARG D 79 -10.56 1.67 9.94
N LEU D 80 -11.44 0.83 10.48
CA LEU D 80 -11.15 -0.58 10.83
C LEU D 80 -12.32 -1.43 10.32
N VAL D 81 -11.98 -2.48 9.57
CA VAL D 81 -12.98 -3.41 8.98
C VAL D 81 -12.64 -4.81 9.46
N ILE D 82 -13.58 -5.43 10.18
CA ILE D 82 -13.53 -6.84 10.63
C ILE D 82 -14.69 -7.58 9.94
N GLY D 83 -14.42 -8.75 9.38
CA GLY D 83 -15.43 -9.55 8.65
C GLY D 83 -16.25 -10.40 9.62
N ASP D 84 -16.42 -11.68 9.29
CA ASP D 84 -17.41 -12.62 9.88
C ASP D 84 -16.72 -13.78 10.63
N HIS D 85 -17.33 -14.24 11.72
CA HIS D 85 -17.01 -15.49 12.45
C HIS D 85 -15.61 -15.39 13.09
N ASN D 86 -15.23 -14.20 13.54
CA ASN D 86 -13.92 -14.00 14.22
C ASN D 86 -14.13 -14.16 15.72
N VAL D 87 -13.09 -14.66 16.41
CA VAL D 87 -13.05 -14.69 17.89
C VAL D 87 -11.89 -13.81 18.32
N ILE D 88 -12.21 -12.73 19.02
CA ILE D 88 -11.26 -11.78 19.62
C ILE D 88 -11.36 -11.93 21.14
N ARG D 89 -10.25 -12.37 21.72
CA ARG D 89 -10.20 -12.85 23.11
C ARG D 89 -9.89 -11.68 24.04
N GLU D 90 -9.64 -11.98 25.31
CA GLU D 90 -9.47 -10.99 26.38
C GLU D 90 -8.35 -10.01 26.03
N GLY D 91 -8.63 -8.71 26.18
CA GLY D 91 -7.63 -7.65 26.20
C GLY D 91 -6.91 -7.45 24.87
N VAL D 92 -7.47 -7.91 23.76
CA VAL D 92 -6.90 -7.68 22.39
C VAL D 92 -7.01 -6.18 22.05
N THR D 93 -5.95 -5.59 21.48
CA THR D 93 -5.93 -4.19 20.98
C THR D 93 -5.84 -4.23 19.44
N ILE D 94 -6.75 -3.52 18.78
CA ILE D 94 -6.76 -3.41 17.30
C ILE D 94 -6.90 -1.93 16.97
N HIS D 95 -5.89 -1.35 16.31
CA HIS D 95 -5.84 0.08 15.95
C HIS D 95 -6.37 0.30 14.51
N ARG D 96 -6.89 1.49 14.25
CA ARG D 96 -7.44 1.87 12.93
C ARG D 96 -6.25 2.14 12.01
N GLY D 97 -6.48 2.37 10.74
CA GLY D 97 -5.39 2.75 9.80
C GLY D 97 -4.93 4.19 10.01
N THR D 98 -4.04 4.65 9.16
CA THR D 98 -3.41 5.99 9.21
C THR D 98 -3.52 6.61 7.81
N VAL D 99 -3.72 7.92 7.74
CA VAL D 99 -3.95 8.63 6.44
C VAL D 99 -2.69 8.52 5.55
N GLN D 100 -1.49 8.36 6.12
CA GLN D 100 -0.21 8.14 5.37
C GLN D 100 -0.37 6.95 4.41
N ASP D 101 -0.75 5.78 4.96
CA ASP D 101 -0.71 4.44 4.31
C ASP D 101 -2.11 4.12 3.78
N ARG D 102 -2.77 3.06 4.28
CA ARG D 102 -3.97 2.45 3.66
C ARG D 102 -5.26 3.11 4.15
N ALA D 103 -5.21 3.90 5.23
CA ALA D 103 -6.37 4.58 5.88
C ALA D 103 -7.34 3.56 6.50
N GLU D 104 -6.94 2.27 6.60
CA GLU D 104 -7.79 1.13 7.06
C GLU D 104 -6.94 -0.02 7.63
N THR D 105 -7.33 -0.53 8.80
CA THR D 105 -6.91 -1.84 9.32
C THR D 105 -8.02 -2.84 8.95
N THR D 106 -7.65 -3.99 8.38
CA THR D 106 -8.58 -4.94 7.74
C THR D 106 -8.37 -6.34 8.30
N ILE D 107 -9.44 -6.96 8.79
CA ILE D 107 -9.44 -8.38 9.25
C ILE D 107 -10.54 -9.09 8.48
N GLY D 108 -10.25 -10.27 7.94
CA GLY D 108 -11.21 -11.07 7.17
C GLY D 108 -12.08 -11.93 8.06
N ASP D 109 -12.20 -13.21 7.72
CA ASP D 109 -13.20 -14.12 8.35
C ASP D 109 -12.52 -15.27 9.08
N HIS D 110 -13.18 -15.79 10.13
CA HIS D 110 -12.83 -17.08 10.75
C HIS D 110 -11.43 -17.00 11.38
N ASN D 111 -11.04 -15.82 11.86
CA ASN D 111 -9.77 -15.64 12.59
C ASN D 111 -10.00 -15.90 14.09
N LEU D 112 -8.97 -16.40 14.76
CA LEU D 112 -8.89 -16.48 16.24
C LEU D 112 -7.71 -15.62 16.69
N ILE D 113 -8.01 -14.53 17.39
CA ILE D 113 -7.01 -13.57 17.93
C ILE D 113 -7.05 -13.70 19.44
N MET D 114 -6.03 -14.32 20.01
CA MET D 114 -6.08 -14.80 21.40
C MET D 114 -5.66 -13.62 22.27
N ALA D 115 -5.70 -13.85 23.58
CA ALA D 115 -5.62 -12.85 24.66
C ALA D 115 -4.42 -11.91 24.46
N TYR D 116 -4.68 -10.61 24.56
CA TYR D 116 -3.65 -9.56 24.67
C TYR D 116 -2.81 -9.44 23.38
N ALA D 117 -3.21 -10.09 22.28
CA ALA D 117 -2.62 -9.89 20.94
C ALA D 117 -2.85 -8.44 20.54
N HIS D 118 -1.96 -7.90 19.71
CA HIS D 118 -1.98 -6.48 19.24
C HIS D 118 -1.93 -6.46 17.71
N ILE D 119 -2.91 -5.81 17.11
CA ILE D 119 -2.94 -5.61 15.63
C ILE D 119 -2.77 -4.11 15.35
N GLY D 120 -1.59 -3.72 14.87
CA GLY D 120 -1.25 -2.30 14.65
C GLY D 120 -1.84 -1.76 13.36
N HIS D 121 -1.93 -0.44 13.31
CA HIS D 121 -2.51 0.37 12.21
C HIS D 121 -2.10 -0.17 10.84
N ASP D 122 -3.09 -0.26 9.95
CA ASP D 122 -2.90 -0.54 8.50
C ASP D 122 -2.53 -2.00 8.28
N SER D 123 -2.59 -2.85 9.30
CA SER D 123 -2.38 -4.32 9.14
C SER D 123 -3.58 -4.92 8.43
N VAL D 124 -3.36 -5.99 7.70
CA VAL D 124 -4.39 -6.76 6.94
C VAL D 124 -4.25 -8.21 7.39
N ILE D 125 -5.28 -8.75 8.01
CA ILE D 125 -5.34 -10.18 8.34
C ILE D 125 -6.38 -10.78 7.41
N GLY D 126 -6.02 -11.86 6.72
CA GLY D 126 -6.96 -12.59 5.84
C GLY D 126 -7.96 -13.42 6.64
N ASN D 127 -8.05 -14.72 6.31
CA ASN D 127 -9.08 -15.66 6.78
C ASN D 127 -8.40 -16.86 7.43
N HIS D 128 -8.98 -17.36 8.53
CA HIS D 128 -8.65 -18.65 9.16
C HIS D 128 -7.26 -18.57 9.80
N CYS D 129 -6.84 -17.38 10.24
CA CYS D 129 -5.56 -17.18 10.94
C CYS D 129 -5.77 -17.38 12.45
N ILE D 130 -4.68 -17.74 13.14
CA ILE D 130 -4.59 -17.87 14.63
C ILE D 130 -3.42 -17.00 15.09
N LEU D 131 -3.73 -15.94 15.83
CA LEU D 131 -2.72 -15.15 16.54
C LEU D 131 -2.83 -15.57 18.00
N VAL D 132 -1.80 -16.28 18.47
CA VAL D 132 -1.77 -16.85 19.83
C VAL D 132 -1.39 -15.70 20.76
N ASN D 133 -1.66 -15.88 22.04
CA ASN D 133 -1.51 -14.88 23.12
C ASN D 133 -0.38 -13.90 22.87
N ASN D 134 -0.69 -12.60 22.98
CA ASN D 134 0.32 -11.49 23.05
C ASN D 134 1.13 -11.40 21.75
N THR D 135 0.65 -11.98 20.65
CA THR D 135 1.22 -11.71 19.29
C THR D 135 1.03 -10.21 19.03
N ALA D 136 2.05 -9.51 18.53
CA ALA D 136 1.97 -8.06 18.25
C ALA D 136 2.48 -7.79 16.84
N LEU D 137 1.57 -7.26 16.03
CA LEU D 137 1.89 -6.78 14.67
C LEU D 137 2.15 -5.27 14.78
N ALA D 138 3.32 -4.80 14.34
CA ALA D 138 3.82 -3.42 14.51
C ALA D 138 2.91 -2.39 13.81
N GLY D 139 2.47 -2.67 12.60
CA GLY D 139 1.97 -1.63 11.67
C GLY D 139 2.21 -2.07 10.24
N HIS D 140 1.20 -1.97 9.37
CA HIS D 140 1.30 -2.37 7.94
C HIS D 140 1.75 -3.83 7.79
N VAL D 141 1.35 -4.70 8.72
CA VAL D 141 1.68 -6.15 8.58
C VAL D 141 0.54 -6.86 7.83
N HIS D 142 0.90 -7.74 6.90
N HIS D 142 0.88 -7.72 6.86
CA HIS D 142 -0.06 -8.54 6.09
CA HIS D 142 -0.10 -8.54 6.11
C HIS D 142 0.05 -10.00 6.55
C HIS D 142 0.04 -9.99 6.57
N VAL D 143 -1.04 -10.58 7.07
CA VAL D 143 -1.09 -12.01 7.47
C VAL D 143 -2.06 -12.72 6.52
N ASP D 144 -1.53 -13.62 5.72
CA ASP D 144 -2.32 -14.31 4.68
C ASP D 144 -2.99 -15.53 5.32
N ASP D 145 -3.92 -16.17 4.60
CA ASP D 145 -4.87 -17.16 5.17
C ASP D 145 -4.10 -18.29 5.86
N TRP D 146 -4.63 -18.74 7.00
CA TRP D 146 -4.26 -19.99 7.70
C TRP D 146 -2.90 -19.86 8.41
N ALA D 147 -2.29 -18.67 8.38
CA ALA D 147 -1.05 -18.38 9.15
C ALA D 147 -1.34 -18.57 10.65
N ILE D 148 -0.40 -19.17 11.37
CA ILE D 148 -0.43 -19.35 12.86
C ILE D 148 0.81 -18.66 13.44
N LEU D 149 0.64 -17.66 14.28
CA LEU D 149 1.73 -16.99 14.99
C LEU D 149 1.62 -17.40 16.46
N SER D 150 2.59 -18.19 16.96
CA SER D 150 2.64 -18.67 18.35
C SER D 150 2.71 -17.45 19.28
N GLY D 151 2.51 -17.68 20.58
CA GLY D 151 2.35 -16.57 21.52
C GLY D 151 3.58 -15.71 21.56
N TYR D 152 3.41 -14.41 21.77
CA TYR D 152 4.50 -13.42 21.93
C TYR D 152 5.35 -13.37 20.65
N THR D 153 4.76 -13.66 19.49
CA THR D 153 5.39 -13.41 18.15
C THR D 153 5.30 -11.90 17.91
N LEU D 154 6.43 -11.22 17.68
CA LEU D 154 6.51 -9.79 17.36
C LEU D 154 6.81 -9.70 15.84
N VAL D 155 6.03 -8.92 15.11
CA VAL D 155 6.21 -8.74 13.64
C VAL D 155 6.55 -7.26 13.37
N HIS D 156 7.75 -7.00 12.84
CA HIS D 156 8.20 -5.64 12.43
C HIS D 156 7.24 -5.09 11.38
N GLN D 157 7.09 -3.77 11.31
CA GLN D 157 6.22 -3.09 10.33
C GLN D 157 6.59 -3.54 8.91
N TYR D 158 5.56 -3.70 8.07
CA TYR D 158 5.60 -3.96 6.62
C TYR D 158 5.88 -5.43 6.30
N CYS D 159 6.15 -6.26 7.30
CA CYS D 159 6.46 -7.68 7.03
C CYS D 159 5.18 -8.37 6.61
N ARG D 160 5.33 -9.34 5.70
CA ARG D 160 4.24 -10.19 5.19
C ARG D 160 4.43 -11.59 5.80
N ILE D 161 3.38 -12.10 6.43
CA ILE D 161 3.30 -13.49 6.97
C ILE D 161 2.54 -14.35 5.95
N GLY D 162 3.26 -15.23 5.25
CA GLY D 162 2.70 -16.06 4.16
C GLY D 162 1.55 -16.96 4.59
N ALA D 163 0.67 -17.33 3.67
CA ALA D 163 -0.39 -18.33 3.94
C ALA D 163 0.19 -19.62 4.50
N HIS D 164 -0.41 -20.15 5.57
CA HIS D 164 -0.13 -21.49 6.15
C HIS D 164 1.24 -21.53 6.80
N SER D 165 1.90 -20.40 7.00
CA SER D 165 3.20 -20.30 7.71
C SER D 165 2.96 -20.46 9.23
N PHE D 166 4.04 -20.62 9.97
CA PHE D 166 4.01 -20.90 11.42
C PHE D 166 5.20 -20.20 12.07
N SER D 167 4.96 -19.41 13.13
CA SER D 167 6.04 -18.83 13.95
C SER D 167 6.08 -19.58 15.29
N GLY D 168 7.29 -19.91 15.77
CA GLY D 168 7.53 -20.42 17.12
C GLY D 168 7.31 -19.36 18.16
N MET D 169 7.13 -19.76 19.43
CA MET D 169 6.74 -18.82 20.50
C MET D 169 7.88 -17.84 20.71
N GLY D 170 7.56 -16.58 20.96
CA GLY D 170 8.55 -15.54 21.27
C GLY D 170 9.37 -15.13 20.06
N SER D 171 8.98 -15.57 18.86
CA SER D 171 9.65 -15.23 17.58
C SER D 171 9.60 -13.72 17.35
N ALA D 172 10.68 -13.15 16.80
CA ALA D 172 10.72 -11.73 16.35
C ALA D 172 11.03 -11.70 14.85
N ILE D 173 10.01 -11.37 14.05
CA ILE D 173 10.02 -11.44 12.57
C ILE D 173 10.32 -10.04 12.03
N GLY D 174 11.43 -9.90 11.32
CA GLY D 174 11.86 -8.62 10.69
C GLY D 174 11.87 -8.68 9.17
N LYS D 175 11.74 -9.87 8.59
CA LYS D 175 11.66 -10.09 7.12
C LYS D 175 10.41 -10.92 6.80
N ASP D 176 9.96 -10.84 5.56
CA ASP D 176 8.77 -11.58 5.06
C ASP D 176 8.96 -13.07 5.35
N VAL D 177 7.88 -13.72 5.77
CA VAL D 177 7.85 -15.18 5.98
C VAL D 177 7.09 -15.79 4.81
N PRO D 178 7.73 -16.60 3.96
CA PRO D 178 7.02 -17.20 2.84
C PRO D 178 5.88 -18.11 3.31
N ALA D 179 4.98 -18.43 2.39
CA ALA D 179 3.88 -19.40 2.64
C ALA D 179 4.47 -20.72 3.12
N TYR D 180 3.84 -21.33 4.12
CA TYR D 180 4.16 -22.69 4.62
C TYR D 180 5.41 -22.72 5.49
N VAL D 181 6.21 -21.67 5.52
CA VAL D 181 7.53 -21.74 6.20
C VAL D 181 7.32 -21.63 7.73
N THR D 182 8.10 -22.40 8.48
CA THR D 182 8.14 -22.37 9.96
C THR D 182 9.37 -21.54 10.35
N VAL D 183 9.18 -20.55 11.21
CA VAL D 183 10.26 -19.66 11.71
C VAL D 183 10.28 -19.68 13.24
N PHE D 184 11.47 -19.60 13.82
CA PHE D 184 11.73 -19.66 15.29
C PHE D 184 12.80 -18.62 15.64
N GLY D 185 12.68 -18.01 16.81
CA GLY D 185 13.76 -17.26 17.47
C GLY D 185 13.65 -15.76 17.28
N ASN D 186 14.53 -15.02 17.97
CA ASN D 186 14.69 -13.57 17.89
C ASN D 186 16.17 -13.29 17.66
N PRO D 187 16.62 -12.98 16.42
CA PRO D 187 15.74 -12.83 15.25
C PRO D 187 15.26 -14.15 14.62
N ALA D 188 14.12 -14.10 13.92
CA ALA D 188 13.49 -15.32 13.36
C ALA D 188 14.42 -15.97 12.33
N GLU D 189 14.46 -17.29 12.32
CA GLU D 189 15.20 -18.12 11.34
C GLU D 189 14.21 -19.13 10.76
N ALA D 190 14.21 -19.30 9.43
CA ALA D 190 13.46 -20.35 8.72
C ALA D 190 14.00 -21.71 9.22
N ARG D 191 13.13 -22.68 9.47
CA ARG D 191 13.56 -24.04 9.91
C ARG D 191 13.05 -25.11 8.92
N SER D 192 11.77 -25.09 8.56
CA SER D 192 11.16 -26.10 7.65
C SER D 192 9.83 -25.58 7.10
N MET D 193 8.96 -26.48 6.64
CA MET D 193 7.57 -26.13 6.23
C MET D 193 6.57 -26.74 7.22
N ASN D 194 5.39 -26.13 7.29
CA ASN D 194 4.23 -26.52 8.14
C ASN D 194 3.52 -27.72 7.49
N PHE D 195 4.18 -28.87 7.43
CA PHE D 195 3.62 -30.09 6.81
C PHE D 195 2.30 -30.51 7.47
N GLU D 196 2.21 -30.41 8.81
CA GLU D 196 1.01 -30.80 9.59
C GLU D 196 -0.19 -29.97 9.13
N GLY D 197 0.00 -28.65 9.02
CA GLY D 197 -1.01 -27.74 8.47
C GLY D 197 -1.47 -28.18 7.08
N MET D 198 -0.53 -28.56 6.21
CA MET D 198 -0.86 -29.03 4.84
C MET D 198 -1.82 -30.24 4.93
N ARG D 199 -1.54 -31.20 5.82
CA ARG D 199 -2.32 -32.46 5.96
C ARG D 199 -3.74 -32.13 6.44
N ARG D 200 -3.87 -31.25 7.44
CA ARG D 200 -5.18 -30.80 7.98
C ARG D 200 -6.02 -30.08 6.92
N ARG D 201 -5.41 -29.48 5.90
CA ARG D 201 -6.14 -28.85 4.76
C ARG D 201 -6.43 -29.90 3.67
N GLY D 202 -5.93 -31.13 3.84
CA GLY D 202 -6.13 -32.24 2.91
C GLY D 202 -5.38 -32.04 1.61
N PHE D 203 -4.19 -31.42 1.66
CA PHE D 203 -3.26 -31.33 0.50
C PHE D 203 -2.95 -32.75 0.03
N SER D 204 -2.79 -32.95 -1.28
CA SER D 204 -2.28 -34.21 -1.88
C SER D 204 -0.82 -34.46 -1.45
N SER D 205 -0.42 -35.73 -1.37
CA SER D 205 0.97 -36.17 -1.10
C SER D 205 1.88 -35.48 -2.11
N GLU D 206 1.46 -35.45 -3.36
CA GLU D 206 2.28 -34.93 -4.48
C GLU D 206 2.55 -33.44 -4.23
N ALA D 207 1.52 -32.68 -3.81
CA ALA D 207 1.59 -31.23 -3.54
C ALA D 207 2.51 -30.99 -2.32
N ILE D 208 2.49 -31.88 -1.34
CA ILE D 208 3.34 -31.81 -0.12
C ILE D 208 4.80 -32.07 -0.55
N HIS D 209 5.06 -33.12 -1.34
CA HIS D 209 6.39 -33.44 -1.93
C HIS D 209 6.90 -32.25 -2.75
N ALA D 210 6.05 -31.64 -3.59
CA ALA D 210 6.40 -30.46 -4.42
C ALA D 210 6.82 -29.28 -3.53
N LEU D 211 6.20 -29.11 -2.36
CA LEU D 211 6.49 -27.96 -1.46
C LEU D 211 7.80 -28.25 -0.72
N ARG D 212 8.01 -29.48 -0.25
CA ARG D 212 9.31 -29.88 0.35
C ARG D 212 10.43 -29.56 -0.65
N ARG D 213 10.25 -29.85 -1.93
CA ARG D 213 11.29 -29.63 -2.98
C ARG D 213 11.42 -28.12 -3.19
N ALA D 214 10.31 -27.39 -3.23
CA ALA D 214 10.29 -25.92 -3.41
C ALA D 214 11.06 -25.26 -2.26
N TYR D 215 10.89 -25.76 -1.02
CA TYR D 215 11.64 -25.29 0.18
C TYR D 215 13.16 -25.37 -0.07
N LYS D 216 13.67 -26.52 -0.49
CA LYS D 216 15.12 -26.74 -0.76
C LYS D 216 15.60 -25.81 -1.90
N VAL D 217 14.80 -25.59 -2.96
CA VAL D 217 15.18 -24.69 -4.09
C VAL D 217 15.47 -23.26 -3.57
N VAL D 218 14.71 -22.78 -2.58
CA VAL D 218 14.80 -21.38 -2.07
C VAL D 218 15.93 -21.30 -1.03
N TYR D 219 16.10 -22.33 -0.20
CA TYR D 219 16.77 -22.22 1.12
C TYR D 219 18.07 -23.01 1.20
N ARG D 220 18.17 -24.14 0.47
CA ARG D 220 19.21 -25.18 0.69
C ARG D 220 20.00 -25.52 -0.59
N GLN D 221 20.01 -24.67 -1.62
CA GLN D 221 20.78 -24.93 -2.87
C GLN D 221 21.58 -23.69 -3.31
N GLY D 222 21.65 -22.66 -2.47
CA GLY D 222 22.47 -21.44 -2.71
C GLY D 222 21.92 -20.50 -3.78
N HIS D 223 20.74 -20.77 -4.35
CA HIS D 223 20.16 -19.96 -5.48
C HIS D 223 19.90 -18.53 -4.98
N THR D 224 20.05 -17.52 -5.83
CA THR D 224 19.49 -16.16 -5.56
C THR D 224 17.95 -16.25 -5.57
N VAL D 225 17.25 -15.22 -5.10
CA VAL D 225 15.75 -15.17 -5.13
C VAL D 225 15.27 -15.30 -6.58
N GLU D 226 15.76 -14.43 -7.47
CA GLU D 226 15.47 -14.40 -8.93
C GLU D 226 15.68 -15.81 -9.53
N GLU D 227 16.78 -16.47 -9.16
CA GLU D 227 17.12 -17.83 -9.69
C GLU D 227 16.11 -18.85 -9.17
N ALA D 228 15.75 -18.72 -7.88
CA ALA D 228 14.85 -19.65 -7.16
C ALA D 228 13.43 -19.50 -7.72
N LEU D 229 12.96 -18.26 -7.88
CA LEU D 229 11.63 -17.90 -8.45
C LEU D 229 11.49 -18.49 -9.85
N ALA D 230 12.48 -18.26 -10.74
CA ALA D 230 12.47 -18.75 -12.13
C ALA D 230 12.55 -20.29 -12.14
N GLU D 231 13.20 -20.91 -11.14
CA GLU D 231 13.37 -22.39 -11.07
C GLU D 231 12.04 -23.06 -10.69
N LEU D 232 11.18 -22.35 -9.94
CA LEU D 232 9.89 -22.87 -9.40
C LEU D 232 8.77 -22.69 -10.42
N ALA D 233 8.99 -21.88 -11.46
CA ALA D 233 7.98 -21.54 -12.50
C ALA D 233 7.20 -22.80 -12.93
N GLU D 234 7.90 -23.90 -13.20
CA GLU D 234 7.29 -25.17 -13.70
C GLU D 234 6.36 -25.76 -12.64
N SER D 235 6.91 -26.03 -11.45
CA SER D 235 6.17 -26.62 -10.30
C SER D 235 4.96 -25.72 -9.94
N ALA D 236 5.16 -24.39 -9.92
CA ALA D 236 4.11 -23.39 -9.63
C ALA D 236 2.96 -23.54 -10.64
N ALA D 237 3.27 -23.66 -11.93
CA ALA D 237 2.26 -23.85 -13.01
C ALA D 237 1.50 -25.18 -12.80
N GLN D 238 2.20 -26.22 -12.33
CA GLN D 238 1.60 -27.56 -12.09
C GLN D 238 0.77 -27.59 -10.80
N PHE D 239 1.25 -27.02 -9.69
CA PHE D 239 0.57 -27.06 -8.35
C PHE D 239 0.25 -25.64 -7.87
N PRO D 240 -1.05 -25.28 -7.72
CA PRO D 240 -1.41 -24.00 -7.10
C PRO D 240 -0.78 -23.87 -5.70
N GLU D 241 -0.54 -24.97 -4.99
CA GLU D 241 0.06 -24.98 -3.62
C GLU D 241 1.48 -24.39 -3.69
N VAL D 242 2.24 -24.80 -4.70
CA VAL D 242 3.62 -24.30 -4.99
C VAL D 242 3.54 -22.86 -5.50
N ALA D 243 2.48 -22.50 -6.25
CA ALA D 243 2.29 -21.13 -6.74
C ALA D 243 2.10 -20.17 -5.56
N VAL D 244 1.37 -20.61 -4.53
CA VAL D 244 1.16 -19.77 -3.30
C VAL D 244 2.54 -19.46 -2.71
N PHE D 245 3.42 -20.45 -2.60
CA PHE D 245 4.80 -20.30 -2.08
C PHE D 245 5.59 -19.33 -2.98
N ARG D 246 5.71 -19.65 -4.28
CA ARG D 246 6.42 -18.81 -5.27
C ARG D 246 5.94 -17.36 -5.16
N ASP D 247 4.63 -17.13 -5.07
CA ASP D 247 4.00 -15.77 -5.04
C ASP D 247 4.44 -15.02 -3.76
N SER D 248 4.53 -15.73 -2.63
CA SER D 248 4.92 -15.12 -1.34
C SER D 248 6.38 -14.65 -1.43
N ILE D 249 7.23 -15.41 -2.12
CA ILE D 249 8.66 -15.02 -2.32
C ILE D 249 8.72 -13.85 -3.31
N GLN D 250 7.93 -13.89 -4.40
CA GLN D 250 7.73 -12.77 -5.39
C GLN D 250 7.53 -11.45 -4.64
N SER D 251 6.50 -11.37 -3.79
CA SER D 251 6.00 -10.11 -3.16
C SER D 251 6.99 -9.60 -2.10
N ALA D 252 7.99 -10.41 -1.71
CA ALA D 252 9.02 -10.06 -0.70
C ALA D 252 10.10 -9.16 -1.32
N THR D 253 9.87 -7.85 -1.37
CA THR D 253 10.81 -6.88 -1.99
C THR D 253 11.99 -6.62 -1.05
N ARG D 254 11.73 -6.61 0.27
CA ARG D 254 12.74 -6.33 1.33
C ARG D 254 13.28 -7.66 1.91
N GLY D 255 13.34 -8.72 1.10
CA GLY D 255 14.02 -9.98 1.43
C GLY D 255 13.16 -10.94 2.26
N ILE D 256 13.53 -12.22 2.25
CA ILE D 256 12.77 -13.31 2.94
C ILE D 256 13.52 -13.69 4.22
N THR D 257 12.78 -14.25 5.19
CA THR D 257 13.34 -14.77 6.46
C THR D 257 14.24 -15.97 6.11
N ARG D 258 15.55 -15.82 6.33
CA ARG D 258 16.55 -16.88 6.03
C ARG D 258 16.71 -17.80 7.24
N SER E 2 -21.54 15.93 30.78
CA SER E 2 -20.83 15.98 32.11
C SER E 2 -19.35 15.60 31.96
N LEU E 3 -18.45 16.38 32.59
CA LEU E 3 -16.97 16.20 32.52
C LEU E 3 -16.56 14.93 33.28
N ILE E 4 -16.80 14.90 34.60
CA ILE E 4 -16.73 13.67 35.44
C ILE E 4 -18.01 12.88 35.20
N ASP E 5 -17.89 11.66 34.64
CA ASP E 5 -19.05 10.75 34.37
C ASP E 5 -19.67 10.34 35.71
N PRO E 6 -21.02 10.34 35.85
CA PRO E 6 -21.67 9.97 37.11
C PRO E 6 -21.59 8.48 37.48
N ARG E 7 -21.11 7.62 36.57
CA ARG E 7 -20.89 6.17 36.81
C ARG E 7 -19.47 5.94 37.38
N ALA E 8 -18.58 6.94 37.29
CA ALA E 8 -17.24 6.89 37.91
C ALA E 8 -17.40 7.01 39.43
N ILE E 9 -16.54 6.32 40.19
CA ILE E 9 -16.44 6.39 41.68
C ILE E 9 -15.26 7.29 42.01
N ILE E 10 -15.55 8.50 42.48
CA ILE E 10 -14.55 9.43 43.08
C ILE E 10 -14.56 9.21 44.59
N ASP E 11 -13.40 8.93 45.19
CA ASP E 11 -13.26 8.86 46.67
C ASP E 11 -13.31 10.29 47.22
N PRO E 12 -13.98 10.51 48.37
CA PRO E 12 -14.09 11.86 48.95
C PRO E 12 -12.75 12.61 49.03
N SER E 13 -11.69 11.92 49.48
CA SER E 13 -10.36 12.49 49.82
C SER E 13 -9.49 12.71 48.57
N ALA E 14 -10.06 12.56 47.37
CA ALA E 14 -9.38 12.81 46.08
C ALA E 14 -9.46 14.30 45.74
N ARG E 15 -8.49 14.83 45.00
CA ARG E 15 -8.38 16.27 44.68
C ARG E 15 -8.26 16.48 43.17
N LEU E 16 -9.36 16.29 42.43
CA LEU E 16 -9.42 16.57 40.96
C LEU E 16 -9.51 18.09 40.76
N ALA E 17 -8.76 18.66 39.81
CA ALA E 17 -8.98 20.04 39.33
C ALA E 17 -10.36 20.09 38.67
N ALA E 18 -10.91 21.29 38.46
CA ALA E 18 -12.33 21.50 38.06
C ALA E 18 -12.60 20.93 36.65
N ASP E 19 -11.62 20.96 35.74
CA ASP E 19 -11.81 20.57 34.31
C ASP E 19 -11.25 19.17 34.03
N VAL E 20 -10.92 18.39 35.05
CA VAL E 20 -10.47 16.97 34.92
C VAL E 20 -11.63 16.13 34.37
N GLN E 21 -11.43 15.50 33.21
CA GLN E 21 -12.34 14.48 32.61
C GLN E 21 -12.04 13.09 33.20
N VAL E 22 -13.08 12.38 33.64
CA VAL E 22 -13.03 10.97 34.14
C VAL E 22 -14.17 10.19 33.48
N GLY E 23 -13.83 9.19 32.67
CA GLY E 23 -14.80 8.36 31.93
C GLY E 23 -15.57 7.44 32.87
N PRO E 24 -16.60 6.74 32.34
CA PRO E 24 -17.41 5.83 33.15
C PRO E 24 -16.62 4.62 33.68
N TRP E 25 -17.00 4.17 34.87
CA TRP E 25 -16.56 2.93 35.55
C TRP E 25 -15.08 3.03 35.92
N SER E 26 -14.58 4.26 36.10
CA SER E 26 -13.20 4.54 36.57
C SER E 26 -13.25 4.76 38.09
N ILE E 27 -12.19 4.38 38.79
CA ILE E 27 -12.00 4.58 40.25
C ILE E 27 -10.83 5.54 40.45
N VAL E 28 -11.10 6.78 40.89
CA VAL E 28 -10.07 7.71 41.43
C VAL E 28 -10.12 7.53 42.96
N GLY E 29 -9.20 6.73 43.49
CA GLY E 29 -9.27 6.21 44.86
C GLY E 29 -8.78 7.21 45.88
N ALA E 30 -8.72 6.79 47.14
CA ALA E 30 -8.25 7.62 48.28
C ALA E 30 -6.89 8.24 47.91
N GLU E 31 -6.71 9.52 48.27
CA GLU E 31 -5.41 10.25 48.27
C GLU E 31 -4.80 10.27 46.87
N VAL E 32 -5.62 10.49 45.84
CA VAL E 32 -5.18 10.67 44.43
C VAL E 32 -5.46 12.11 43.99
N GLU E 33 -4.43 12.83 43.54
CA GLU E 33 -4.54 14.19 42.93
C GLU E 33 -4.41 14.08 41.41
N ILE E 34 -5.08 14.98 40.68
CA ILE E 34 -5.04 15.05 39.19
C ILE E 34 -5.06 16.53 38.77
N GLY E 35 -4.11 16.94 37.95
CA GLY E 35 -3.97 18.33 37.49
C GLY E 35 -4.95 18.63 36.38
N GLU E 36 -5.17 19.91 36.10
CA GLU E 36 -6.11 20.40 35.06
C GLU E 36 -5.73 19.83 33.69
N GLY E 37 -6.71 19.66 32.80
CA GLY E 37 -6.53 19.26 31.39
C GLY E 37 -6.35 17.75 31.24
N THR E 38 -6.28 17.02 32.36
CA THR E 38 -6.09 15.55 32.37
C THR E 38 -7.41 14.86 32.02
N VAL E 39 -7.33 13.89 31.10
CA VAL E 39 -8.41 12.95 30.68
C VAL E 39 -8.09 11.54 31.19
N ILE E 40 -8.83 11.07 32.19
CA ILE E 40 -8.88 9.66 32.62
C ILE E 40 -9.98 8.96 31.80
N GLY E 41 -9.62 7.92 31.04
CA GLY E 41 -10.57 7.18 30.21
C GLY E 41 -11.51 6.34 31.05
N PRO E 42 -12.38 5.51 30.42
CA PRO E 42 -13.23 4.60 31.18
C PRO E 42 -12.39 3.42 31.71
N HIS E 43 -12.87 2.74 32.75
CA HIS E 43 -12.30 1.44 33.20
C HIS E 43 -10.84 1.63 33.62
N VAL E 44 -10.54 2.76 34.25
CA VAL E 44 -9.21 3.08 34.82
C VAL E 44 -9.31 2.91 36.33
N VAL E 45 -8.36 2.19 36.96
CA VAL E 45 -8.19 2.17 38.43
C VAL E 45 -6.98 3.03 38.81
N LEU E 46 -7.22 4.17 39.49
CA LEU E 46 -6.18 5.02 40.11
C LEU E 46 -6.18 4.73 41.62
N LYS E 47 -5.04 4.34 42.17
CA LYS E 47 -4.86 4.13 43.63
C LYS E 47 -3.81 5.13 44.11
N GLY E 48 -3.84 5.51 45.39
CA GLY E 48 -2.91 6.51 45.97
C GLY E 48 -2.12 5.96 47.16
N PRO E 49 -1.26 6.77 47.81
CA PRO E 49 -1.06 8.18 47.49
C PRO E 49 -0.38 8.40 46.12
N THR E 50 -1.02 9.16 45.24
CA THR E 50 -0.60 9.36 43.83
C THR E 50 -0.90 10.80 43.44
N LYS E 51 0.05 11.48 42.80
CA LYS E 51 -0.11 12.83 42.21
C LYS E 51 0.04 12.71 40.70
N ILE E 52 -0.94 13.24 39.95
CA ILE E 52 -0.96 13.21 38.45
C ILE E 52 -1.13 14.66 37.98
N GLY E 53 -0.23 15.12 37.12
CA GLY E 53 -0.16 16.53 36.70
C GLY E 53 -1.18 16.88 35.63
N LYS E 54 -0.74 17.63 34.63
CA LYS E 54 -1.62 18.39 33.71
C LYS E 54 -1.47 17.81 32.31
N HIS E 55 -2.57 17.80 31.56
CA HIS E 55 -2.63 17.45 30.12
C HIS E 55 -2.17 15.99 29.92
N ASN E 56 -2.43 15.12 30.90
CA ASN E 56 -2.16 13.67 30.80
C ASN E 56 -3.40 12.94 30.28
N ARG E 57 -3.18 11.88 29.50
CA ARG E 57 -4.23 10.96 29.01
C ARG E 57 -3.94 9.55 29.54
N ILE E 58 -4.88 8.98 30.29
CA ILE E 58 -4.77 7.58 30.79
C ILE E 58 -5.92 6.78 30.19
N TYR E 59 -5.57 5.79 29.34
CA TYR E 59 -6.53 4.94 28.59
C TYR E 59 -7.08 3.81 29.48
N GLN E 60 -8.23 3.29 29.06
CA GLN E 60 -8.95 2.12 29.63
C GLN E 60 -8.01 0.98 30.06
N PHE E 61 -8.32 0.39 31.21
CA PHE E 61 -7.82 -0.91 31.73
C PHE E 61 -6.45 -0.73 32.37
N SER E 62 -6.00 0.52 32.50
CA SER E 62 -4.75 0.85 33.21
C SER E 62 -4.97 0.76 34.72
N SER E 63 -3.96 0.29 35.46
CA SER E 63 -3.90 0.22 36.94
C SER E 63 -2.74 1.08 37.42
N VAL E 64 -3.03 2.32 37.83
CA VAL E 64 -2.02 3.37 38.14
C VAL E 64 -2.06 3.63 39.65
N GLY E 65 -0.99 3.25 40.35
CA GLY E 65 -0.76 3.53 41.78
C GLY E 65 -0.97 2.30 42.64
N GLU E 66 -0.86 1.09 42.10
CA GLU E 66 -1.14 -0.14 42.89
C GLU E 66 0.11 -0.46 43.73
N ASP E 67 -0.05 -1.27 44.77
CA ASP E 67 1.09 -1.84 45.52
C ASP E 67 1.82 -2.77 44.57
N THR E 68 3.13 -2.82 44.71
CA THR E 68 3.97 -3.87 44.09
C THR E 68 3.61 -5.17 44.78
N PRO E 69 3.52 -6.29 44.04
CA PRO E 69 3.40 -7.61 44.64
C PRO E 69 4.72 -8.07 45.28
N ASP E 70 5.81 -7.32 45.06
CA ASP E 70 7.16 -7.58 45.65
C ASP E 70 6.98 -7.82 47.16
N LEU E 71 7.55 -8.91 47.68
CA LEU E 71 7.26 -9.44 49.03
C LEU E 71 7.93 -8.59 50.12
N LYS E 72 8.88 -7.73 49.74
CA LYS E 72 9.64 -6.81 50.64
C LYS E 72 8.77 -5.62 51.05
N TYR E 73 7.89 -5.13 50.17
CA TYR E 73 6.83 -4.12 50.46
C TYR E 73 5.84 -4.70 51.49
N LYS E 74 5.53 -3.91 52.55
CA LYS E 74 4.66 -4.33 53.69
C LYS E 74 3.61 -3.24 53.96
N GLY E 75 2.93 -2.80 52.90
CA GLY E 75 1.79 -1.85 52.95
C GLY E 75 2.13 -0.51 53.56
N GLU E 76 3.35 0.01 53.33
CA GLU E 76 3.80 1.33 53.83
C GLU E 76 3.11 2.42 53.01
N PRO E 77 3.11 3.70 53.46
CA PRO E 77 2.40 4.77 52.75
C PRO E 77 3.21 5.42 51.62
N THR E 78 3.72 4.61 50.68
CA THR E 78 4.64 5.00 49.57
C THR E 78 3.84 5.70 48.47
N ARG E 79 4.51 6.30 47.48
CA ARG E 79 3.88 7.29 46.56
C ARG E 79 4.16 6.94 45.08
N LEU E 80 3.42 7.59 44.17
CA LEU E 80 3.63 7.62 42.70
C LEU E 80 3.41 9.05 42.23
N VAL E 81 4.36 9.60 41.48
CA VAL E 81 4.31 10.98 40.94
C VAL E 81 4.38 10.86 39.43
N ILE E 82 3.43 11.47 38.74
CA ILE E 82 3.42 11.49 37.26
C ILE E 82 3.33 12.94 36.84
N GLY E 83 4.15 13.37 35.91
CA GLY E 83 4.19 14.79 35.51
C GLY E 83 3.08 15.18 34.57
N ASP E 84 3.44 15.80 33.45
CA ASP E 84 2.41 16.38 32.56
C ASP E 84 2.63 16.01 31.08
N HIS E 85 1.59 16.14 30.26
CA HIS E 85 1.64 15.84 28.81
C HIS E 85 2.02 14.36 28.57
N ASN E 86 1.75 13.50 29.55
CA ASN E 86 2.00 12.04 29.43
C ASN E 86 0.80 11.36 28.76
N VAL E 87 1.07 10.44 27.82
CA VAL E 87 0.08 9.45 27.30
C VAL E 87 0.38 8.05 27.88
N ILE E 88 -0.51 7.56 28.75
CA ILE E 88 -0.49 6.18 29.30
C ILE E 88 -1.61 5.39 28.62
N ARG E 89 -1.27 4.42 27.78
CA ARG E 89 -2.20 3.70 26.86
C ARG E 89 -2.87 2.50 27.55
N GLU E 90 -3.57 1.65 26.79
CA GLU E 90 -4.48 0.60 27.31
C GLU E 90 -3.72 -0.39 28.22
N GLY E 91 -4.25 -0.68 29.40
CA GLY E 91 -3.82 -1.81 30.25
C GLY E 91 -2.47 -1.63 30.94
N VAL E 92 -1.91 -0.42 30.96
CA VAL E 92 -0.57 -0.16 31.57
C VAL E 92 -0.70 -0.31 33.09
N THR E 93 0.33 -0.89 33.72
CA THR E 93 0.44 -1.00 35.20
C THR E 93 1.66 -0.22 35.68
N ILE E 94 1.43 0.63 36.68
CA ILE E 94 2.46 1.46 37.38
C ILE E 94 2.30 1.25 38.88
N HIS E 95 3.36 0.82 39.57
CA HIS E 95 3.34 0.54 41.02
C HIS E 95 3.94 1.73 41.75
N ARG E 96 3.48 1.99 42.98
CA ARG E 96 4.04 2.99 43.91
C ARG E 96 5.38 2.43 44.43
N GLY E 97 6.13 3.23 45.18
CA GLY E 97 7.50 2.90 45.62
C GLY E 97 7.54 1.97 46.83
N THR E 98 8.73 1.83 47.40
CA THR E 98 9.05 1.06 48.62
C THR E 98 9.90 1.96 49.52
N VAL E 99 9.91 1.70 50.84
CA VAL E 99 10.68 2.51 51.82
C VAL E 99 12.18 2.26 51.61
N GLN E 100 12.53 1.05 51.16
CA GLN E 100 13.94 0.57 50.96
C GLN E 100 14.67 1.48 49.96
N ASP E 101 13.94 2.18 49.11
CA ASP E 101 14.54 3.16 48.15
C ASP E 101 14.13 4.56 48.59
N ARG E 102 13.16 5.17 47.91
CA ARG E 102 12.76 6.59 48.14
C ARG E 102 11.24 6.69 48.31
N ALA E 103 10.55 5.55 48.47
CA ALA E 103 9.08 5.45 48.70
C ALA E 103 8.31 6.21 47.60
N GLU E 104 8.84 6.22 46.37
CA GLU E 104 8.21 6.94 45.23
C GLU E 104 8.61 6.33 43.87
N THR E 105 7.61 6.09 43.03
CA THR E 105 7.79 5.88 41.58
C THR E 105 7.55 7.23 40.91
N THR E 106 8.49 7.67 40.06
CA THR E 106 8.51 9.01 39.45
C THR E 106 8.46 8.87 37.93
N ILE E 107 7.58 9.63 37.30
CA ILE E 107 7.47 9.79 35.81
C ILE E 107 7.38 11.27 35.51
N GLY E 108 8.26 11.77 34.65
CA GLY E 108 8.35 13.19 34.30
C GLY E 108 7.21 13.60 33.39
N ASP E 109 7.54 14.18 32.23
CA ASP E 109 6.65 14.94 31.33
C ASP E 109 6.86 14.40 29.91
N HIS E 110 5.84 14.47 29.06
CA HIS E 110 5.98 14.12 27.61
C HIS E 110 6.41 12.66 27.37
N ASN E 111 6.07 11.78 28.30
CA ASN E 111 6.33 10.33 28.14
C ASN E 111 5.15 9.68 27.39
N LEU E 112 5.45 8.82 26.41
CA LEU E 112 4.44 7.95 25.76
C LEU E 112 4.61 6.51 26.28
N ILE E 113 3.66 6.01 27.06
CA ILE E 113 3.72 4.64 27.64
C ILE E 113 2.62 3.78 26.98
N MET E 114 3.02 2.90 26.06
CA MET E 114 2.09 2.15 25.20
C MET E 114 1.48 0.93 25.93
N ALA E 115 0.56 0.22 25.26
CA ALA E 115 -0.37 -0.74 25.87
C ALA E 115 0.39 -1.82 26.63
N TYR E 116 -0.04 -2.09 27.86
CA TYR E 116 0.39 -3.23 28.71
C TYR E 116 1.86 -3.06 29.15
N ALA E 117 2.44 -1.87 29.00
CA ALA E 117 3.74 -1.52 29.59
C ALA E 117 3.60 -1.64 31.11
N HIS E 118 4.67 -2.03 31.78
CA HIS E 118 4.75 -2.17 33.26
C HIS E 118 5.88 -1.26 33.77
N ILE E 119 5.54 -0.35 34.70
CA ILE E 119 6.53 0.49 35.45
C ILE E 119 6.59 -0.03 36.88
N GLY E 120 7.69 -0.70 37.22
CA GLY E 120 7.88 -1.36 38.51
C GLY E 120 8.15 -0.35 39.61
N HIS E 121 7.98 -0.77 40.86
CA HIS E 121 8.10 0.07 42.08
C HIS E 121 9.41 0.86 42.05
N ASP E 122 9.36 2.17 42.35
CA ASP E 122 10.54 3.04 42.61
C ASP E 122 11.32 3.30 41.33
N SER E 123 10.78 2.94 40.18
CA SER E 123 11.37 3.28 38.86
C SER E 123 11.28 4.79 38.67
N VAL E 124 12.19 5.35 37.90
CA VAL E 124 12.19 6.79 37.58
C VAL E 124 12.32 6.90 36.08
N ILE E 125 11.31 7.48 35.44
CA ILE E 125 11.27 7.78 33.99
C ILE E 125 11.40 9.29 33.88
N GLY E 126 12.31 9.78 33.04
CA GLY E 126 12.52 11.21 32.78
C GLY E 126 11.42 11.79 31.91
N ASN E 127 11.81 12.34 30.75
CA ASN E 127 10.92 13.14 29.88
C ASN E 127 11.14 12.71 28.44
N HIS E 128 10.09 12.73 27.62
CA HIS E 128 10.18 12.42 26.18
C HIS E 128 10.64 10.97 25.92
N CYS E 129 10.46 10.09 26.90
CA CYS E 129 10.70 8.64 26.67
C CYS E 129 9.49 8.01 25.96
N ILE E 130 9.74 6.95 25.19
CA ILE E 130 8.68 6.09 24.57
C ILE E 130 8.86 4.64 25.06
N LEU E 131 7.92 4.13 25.84
CA LEU E 131 7.86 2.70 26.23
C LEU E 131 6.81 2.05 25.33
N VAL E 132 7.26 1.34 24.30
CA VAL E 132 6.40 0.63 23.32
C VAL E 132 5.80 -0.63 23.96
N ASN E 133 4.70 -1.12 23.41
CA ASN E 133 3.81 -2.17 23.98
C ASN E 133 4.61 -3.18 24.82
N ASN E 134 4.16 -3.42 26.05
CA ASN E 134 4.56 -4.63 26.82
C ASN E 134 6.02 -4.46 27.26
N THR E 135 6.54 -3.24 27.23
CA THR E 135 7.80 -2.95 27.95
C THR E 135 7.55 -3.15 29.44
N ALA E 136 8.40 -3.93 30.12
CA ALA E 136 8.35 -4.20 31.57
C ALA E 136 9.66 -3.76 32.23
N LEU E 137 9.58 -2.75 33.11
CA LEU E 137 10.65 -2.30 34.02
C LEU E 137 10.40 -2.97 35.37
N ALA E 138 11.37 -3.74 35.90
CA ALA E 138 11.23 -4.64 37.07
C ALA E 138 11.03 -3.83 38.35
N GLY E 139 11.84 -2.79 38.58
CA GLY E 139 11.97 -2.15 39.90
C GLY E 139 13.23 -1.32 39.99
N HIS E 140 13.15 -0.07 40.49
CA HIS E 140 14.32 0.82 40.66
C HIS E 140 15.01 1.06 39.31
N VAL E 141 14.28 0.94 38.22
CA VAL E 141 14.89 1.17 36.87
C VAL E 141 14.80 2.66 36.61
N HIS E 142 15.90 3.26 36.13
CA HIS E 142 16.01 4.71 35.80
C HIS E 142 16.07 4.85 34.28
N VAL E 143 15.06 5.49 33.68
CA VAL E 143 14.98 5.76 32.21
C VAL E 143 15.25 7.24 32.00
N ASP E 144 16.40 7.58 31.44
CA ASP E 144 16.82 8.97 31.18
C ASP E 144 16.02 9.49 29.97
N ASP E 145 16.03 10.82 29.76
CA ASP E 145 15.17 11.56 28.80
C ASP E 145 15.40 11.00 27.39
N TRP E 146 14.33 10.85 26.59
CA TRP E 146 14.37 10.53 25.13
C TRP E 146 14.74 9.06 24.83
N ALA E 147 14.91 8.22 25.85
CA ALA E 147 15.09 6.77 25.67
C ALA E 147 13.84 6.24 24.97
N ILE E 148 14.05 5.33 24.02
CA ILE E 148 12.98 4.54 23.36
C ILE E 148 13.25 3.07 23.65
N LEU E 149 12.32 2.41 24.33
CA LEU E 149 12.37 0.92 24.50
C LEU E 149 11.35 0.31 23.56
N SER E 150 11.81 -0.54 22.66
CA SER E 150 10.93 -1.26 21.69
C SER E 150 9.99 -2.18 22.45
N GLY E 151 8.91 -2.59 21.78
CA GLY E 151 7.91 -3.48 22.40
C GLY E 151 8.55 -4.70 23.02
N TYR E 152 8.05 -5.09 24.18
CA TYR E 152 8.39 -6.34 24.86
C TYR E 152 9.85 -6.29 25.31
N THR E 153 10.37 -5.09 25.57
CA THR E 153 11.69 -4.88 26.19
C THR E 153 11.51 -5.13 27.67
N LEU E 154 12.38 -5.95 28.25
CA LEU E 154 12.44 -6.32 29.70
C LEU E 154 13.73 -5.73 30.29
N VAL E 155 13.56 -4.99 31.38
CA VAL E 155 14.67 -4.29 32.10
C VAL E 155 14.72 -4.83 33.53
N HIS E 156 15.84 -5.47 33.86
CA HIS E 156 16.16 -6.01 35.20
C HIS E 156 16.21 -4.84 36.19
N GLN E 157 15.83 -5.11 37.44
CA GLN E 157 15.94 -4.23 38.63
C GLN E 157 17.23 -3.41 38.56
N TYR E 158 17.17 -2.13 38.91
CA TYR E 158 18.32 -1.24 39.18
C TYR E 158 19.03 -0.83 37.87
N CYS E 159 18.69 -1.43 36.74
CA CYS E 159 19.36 -1.08 35.47
C CYS E 159 19.07 0.37 35.11
N ARG E 160 20.04 1.04 34.49
CA ARG E 160 19.91 2.46 34.08
C ARG E 160 19.88 2.46 32.56
N ILE E 161 18.83 3.06 32.00
CA ILE E 161 18.63 3.23 30.54
C ILE E 161 19.00 4.67 30.20
N GLY E 162 20.06 4.85 29.45
CA GLY E 162 20.66 6.17 29.18
C GLY E 162 19.76 7.00 28.25
N ALA E 163 19.92 8.33 28.32
CA ALA E 163 19.22 9.32 27.48
C ALA E 163 19.47 8.99 26.01
N HIS E 164 18.43 9.10 25.17
CA HIS E 164 18.56 8.90 23.69
C HIS E 164 18.96 7.46 23.33
N SER E 165 18.93 6.56 24.30
CA SER E 165 19.19 5.12 24.04
C SER E 165 17.97 4.50 23.34
N PHE E 166 18.19 3.36 22.71
CA PHE E 166 17.17 2.59 21.97
C PHE E 166 17.35 1.11 22.23
N SER E 167 16.27 0.37 22.52
CA SER E 167 16.31 -1.12 22.57
C SER E 167 15.52 -1.71 21.39
N GLY E 168 16.07 -2.74 20.75
CA GLY E 168 15.32 -3.59 19.80
C GLY E 168 14.17 -4.37 20.47
N MET E 169 13.27 -4.84 19.62
CA MET E 169 12.08 -5.68 19.93
C MET E 169 12.50 -6.89 20.77
N GLY E 170 11.81 -7.15 21.89
CA GLY E 170 12.07 -8.31 22.75
C GLY E 170 13.45 -8.31 23.39
N SER E 171 14.08 -7.14 23.55
CA SER E 171 15.41 -7.03 24.22
C SER E 171 15.19 -7.43 25.70
N ALA E 172 16.17 -8.11 26.29
CA ALA E 172 16.24 -8.44 27.73
C ALA E 172 17.49 -7.77 28.29
N ILE E 173 17.31 -6.67 29.01
CA ILE E 173 18.40 -5.78 29.50
C ILE E 173 18.71 -6.15 30.94
N GLY E 174 19.96 -6.60 31.18
CA GLY E 174 20.48 -7.02 32.48
C GLY E 174 21.58 -6.10 33.01
N LYS E 175 22.06 -5.14 32.22
CA LYS E 175 23.12 -4.18 32.66
C LYS E 175 22.76 -2.79 32.15
N ASP E 176 23.45 -1.78 32.65
CA ASP E 176 23.19 -0.38 32.28
C ASP E 176 23.39 -0.25 30.77
N VAL E 177 22.58 0.59 30.14
CA VAL E 177 22.69 0.94 28.70
C VAL E 177 23.14 2.38 28.69
N PRO E 178 24.37 2.67 28.23
CA PRO E 178 24.88 4.03 28.20
C PRO E 178 23.99 4.89 27.30
N ALA E 179 24.01 6.21 27.52
CA ALA E 179 23.27 7.20 26.70
C ALA E 179 23.58 6.98 25.22
N TYR E 180 22.57 7.08 24.35
CA TYR E 180 22.70 7.02 22.87
C TYR E 180 22.86 5.58 22.37
N VAL E 181 23.15 4.61 23.23
CA VAL E 181 23.50 3.24 22.73
C VAL E 181 22.20 2.49 22.33
N THR E 182 22.33 1.70 21.26
CA THR E 182 21.28 0.82 20.69
C THR E 182 21.65 -0.61 21.08
N VAL E 183 20.68 -1.33 21.63
CA VAL E 183 20.89 -2.71 22.13
C VAL E 183 19.77 -3.61 21.58
N PHE E 184 20.08 -4.88 21.40
CA PHE E 184 19.17 -5.87 20.77
C PHE E 184 19.41 -7.23 21.44
N GLY E 185 18.37 -8.05 21.50
CA GLY E 185 18.50 -9.47 21.84
C GLY E 185 18.26 -9.77 23.31
N ASN E 186 18.21 -11.07 23.60
CA ASN E 186 18.14 -11.68 24.94
C ASN E 186 19.27 -12.69 25.11
N PRO E 187 20.38 -12.38 25.82
CA PRO E 187 20.56 -11.10 26.53
C PRO E 187 20.93 -9.93 25.61
N ALA E 188 20.68 -8.69 26.05
CA ALA E 188 20.87 -7.46 25.26
C ALA E 188 22.36 -7.26 24.94
N GLU E 189 22.67 -6.88 23.71
CA GLU E 189 24.06 -6.58 23.27
C GLU E 189 24.07 -5.22 22.57
N ALA E 190 25.12 -4.46 22.80
CA ALA E 190 25.30 -3.14 22.16
C ALA E 190 25.57 -3.38 20.68
N ARG E 191 25.05 -2.51 19.80
CA ARG E 191 25.26 -2.63 18.34
C ARG E 191 25.85 -1.32 17.80
N SER E 192 25.20 -0.17 18.02
CA SER E 192 25.58 1.14 17.44
C SER E 192 25.07 2.27 18.34
N MET E 193 24.93 3.49 17.81
CA MET E 193 24.36 4.67 18.51
C MET E 193 23.04 5.08 17.85
N ASN E 194 22.14 5.72 18.60
CA ASN E 194 20.84 6.25 18.11
C ASN E 194 21.10 7.58 17.37
N PHE E 195 21.74 7.50 16.20
CA PHE E 195 22.01 8.68 15.34
C PHE E 195 20.69 9.42 15.01
N GLU E 196 19.64 8.66 14.66
CA GLU E 196 18.31 9.23 14.28
C GLU E 196 17.80 10.16 15.39
N GLY E 197 17.96 9.74 16.66
CA GLY E 197 17.52 10.49 17.87
C GLY E 197 18.31 11.77 18.07
N MET E 198 19.59 11.76 17.70
CA MET E 198 20.49 12.94 17.75
C MET E 198 19.95 14.00 16.77
N ARG E 199 19.71 13.59 15.52
CA ARG E 199 19.02 14.43 14.49
C ARG E 199 17.73 15.03 15.08
N ARG E 200 16.80 14.19 15.57
CA ARG E 200 15.46 14.61 16.06
C ARG E 200 15.56 15.78 17.05
N ARG E 201 16.63 15.86 17.85
CA ARG E 201 16.85 16.93 18.87
C ARG E 201 17.57 18.13 18.26
N GLY E 202 18.08 17.98 17.03
CA GLY E 202 18.82 19.02 16.28
C GLY E 202 20.26 19.05 16.74
N PHE E 203 20.93 17.89 16.70
CA PHE E 203 22.35 17.71 17.10
C PHE E 203 23.21 18.23 15.95
N SER E 204 24.24 19.00 16.28
CA SER E 204 25.26 19.49 15.31
C SER E 204 25.91 18.26 14.65
N SER E 205 26.42 18.41 13.43
CA SER E 205 27.31 17.43 12.74
C SER E 205 28.53 17.13 13.62
N GLU E 206 29.04 18.14 14.33
CA GLU E 206 30.25 18.05 15.20
C GLU E 206 29.94 17.13 16.39
N ALA E 207 28.81 17.37 17.06
CA ALA E 207 28.31 16.55 18.18
C ALA E 207 28.25 15.08 17.75
N ILE E 208 27.67 14.84 16.57
CA ILE E 208 27.37 13.46 16.07
C ILE E 208 28.69 12.74 15.76
N HIS E 209 29.62 13.39 15.07
CA HIS E 209 30.94 12.83 14.70
C HIS E 209 31.77 12.53 15.96
N ALA E 210 31.62 13.33 17.03
CA ALA E 210 32.32 13.13 18.33
C ALA E 210 31.75 11.92 19.05
N LEU E 211 30.41 11.79 19.10
CA LEU E 211 29.73 10.65 19.76
C LEU E 211 30.11 9.34 19.04
N ARG E 212 30.16 9.34 17.70
CA ARG E 212 30.58 8.18 16.87
C ARG E 212 32.03 7.79 17.19
N ARG E 213 32.86 8.76 17.53
CA ARG E 213 34.25 8.54 18.00
C ARG E 213 34.17 7.96 19.42
N ALA E 214 33.39 8.59 20.31
CA ALA E 214 33.22 8.20 21.72
C ALA E 214 32.84 6.72 21.81
N TYR E 215 31.97 6.26 20.91
CA TYR E 215 31.46 4.86 20.87
C TYR E 215 32.64 3.92 20.65
N LYS E 216 33.52 4.27 19.70
CA LYS E 216 34.68 3.43 19.27
C LYS E 216 35.68 3.35 20.43
N VAL E 217 35.89 4.45 21.17
CA VAL E 217 36.76 4.47 22.38
C VAL E 217 36.24 3.40 23.35
N VAL E 218 34.93 3.41 23.62
CA VAL E 218 34.28 2.58 24.68
C VAL E 218 34.21 1.11 24.24
N TYR E 219 33.86 0.85 22.97
CA TYR E 219 33.40 -0.49 22.50
C TYR E 219 34.40 -1.14 21.54
N ARG E 220 35.06 -0.39 20.65
CA ARG E 220 35.82 -0.96 19.51
C ARG E 220 37.27 -0.45 19.50
N GLN E 221 37.93 -0.36 20.66
CA GLN E 221 39.39 -0.05 20.80
C GLN E 221 40.04 -0.80 21.99
N GLY E 222 39.47 -1.92 22.43
CA GLY E 222 40.07 -2.86 23.40
C GLY E 222 40.38 -2.22 24.74
N HIS E 223 39.78 -1.07 25.09
CA HIS E 223 40.05 -0.34 26.36
C HIS E 223 39.18 -0.90 27.49
N THR E 224 39.70 -0.94 28.71
CA THR E 224 38.88 -1.09 29.93
C THR E 224 37.99 0.14 30.05
N VAL E 225 36.93 0.06 30.85
CA VAL E 225 36.01 1.19 31.12
C VAL E 225 36.87 2.33 31.65
N GLU E 226 37.77 2.01 32.58
CA GLU E 226 38.70 2.96 33.24
C GLU E 226 39.45 3.79 32.19
N GLU E 227 40.08 3.11 31.24
CA GLU E 227 40.95 3.73 30.19
C GLU E 227 40.11 4.62 29.27
N ALA E 228 38.94 4.12 28.86
CA ALA E 228 38.02 4.80 27.91
C ALA E 228 37.52 6.11 28.52
N LEU E 229 37.07 6.07 29.78
CA LEU E 229 36.60 7.27 30.53
C LEU E 229 37.69 8.36 30.52
N ALA E 230 38.97 7.98 30.65
CA ALA E 230 40.14 8.90 30.66
C ALA E 230 40.37 9.48 29.25
N GLU E 231 40.19 8.69 28.19
CA GLU E 231 40.32 9.15 26.78
C GLU E 231 39.15 10.10 26.43
N LEU E 232 37.93 9.78 26.89
CA LEU E 232 36.71 10.58 26.63
C LEU E 232 36.79 11.94 27.33
N ALA E 233 37.51 12.03 28.46
CA ALA E 233 37.65 13.25 29.30
C ALA E 233 37.86 14.47 28.40
N GLU E 234 38.80 14.33 27.44
CA GLU E 234 39.15 15.36 26.42
C GLU E 234 37.87 15.80 25.69
N SER E 235 37.25 14.90 24.92
CA SER E 235 36.05 15.17 24.08
C SER E 235 34.85 15.57 24.94
N ALA E 236 34.75 15.06 26.17
CA ALA E 236 33.62 15.33 27.08
C ALA E 236 33.60 16.81 27.51
N ALA E 237 34.77 17.45 27.59
CA ALA E 237 34.96 18.86 27.99
C ALA E 237 34.42 19.80 26.90
N GLN E 238 34.68 19.48 25.62
CA GLN E 238 34.27 20.28 24.44
C GLN E 238 32.76 20.15 24.20
N PHE E 239 32.21 18.92 24.23
CA PHE E 239 30.82 18.56 23.83
C PHE E 239 29.99 18.11 25.03
N PRO E 240 29.01 18.92 25.51
CA PRO E 240 28.09 18.48 26.57
C PRO E 240 27.29 17.23 26.18
N GLU E 241 27.20 16.97 24.86
CA GLU E 241 26.62 15.74 24.28
C GLU E 241 27.51 14.55 24.68
N VAL E 242 28.82 14.67 24.45
CA VAL E 242 29.80 13.58 24.68
C VAL E 242 29.95 13.34 26.19
N ALA E 243 29.57 14.33 27.01
CA ALA E 243 29.67 14.29 28.49
C ALA E 243 28.53 13.45 29.08
N VAL E 244 27.35 13.53 28.45
CA VAL E 244 26.16 12.71 28.83
C VAL E 244 26.55 11.25 28.60
N PHE E 245 27.26 10.96 27.50
CA PHE E 245 27.75 9.60 27.17
C PHE E 245 28.73 9.17 28.27
N ARG E 246 29.76 9.97 28.51
CA ARG E 246 30.83 9.71 29.52
C ARG E 246 30.16 9.50 30.88
N ASP E 247 29.29 10.41 31.32
CA ASP E 247 28.70 10.35 32.69
C ASP E 247 27.88 9.07 32.84
N SER E 248 27.16 8.68 31.79
CA SER E 248 26.28 7.48 31.80
C SER E 248 27.17 6.26 32.04
N ILE E 249 28.39 6.25 31.48
CA ILE E 249 29.36 5.13 31.65
C ILE E 249 29.97 5.17 33.06
N GLN E 250 30.31 6.36 33.57
CA GLN E 250 30.88 6.56 34.93
C GLN E 250 29.82 6.15 35.98
N SER E 251 28.54 6.42 35.71
CA SER E 251 27.39 6.07 36.59
C SER E 251 27.17 4.55 36.60
N ALA E 252 27.55 3.85 35.53
CA ALA E 252 27.27 2.40 35.32
C ALA E 252 28.10 1.58 36.30
N THR E 253 27.61 1.47 37.53
CA THR E 253 28.31 0.84 38.68
C THR E 253 28.33 -0.68 38.49
N ARG E 254 27.22 -1.26 37.98
CA ARG E 254 27.03 -2.72 37.80
C ARG E 254 27.19 -3.10 36.32
N GLY E 255 28.25 -2.58 35.67
CA GLY E 255 28.63 -2.89 34.28
C GLY E 255 27.74 -2.20 33.25
N ILE E 256 28.26 -2.00 32.03
CA ILE E 256 27.50 -1.49 30.84
C ILE E 256 27.16 -2.67 29.94
N THR E 257 26.07 -2.54 29.21
CA THR E 257 25.63 -3.48 28.14
C THR E 257 26.73 -3.47 27.06
N ARG E 258 27.31 -4.64 26.80
CA ARG E 258 28.46 -4.78 25.88
C ARG E 258 27.97 -5.42 24.57
N SER F 2 -21.43 -2.51 51.95
CA SER F 2 -21.33 -3.95 52.33
C SER F 2 -20.18 -4.64 51.57
N LEU F 3 -19.92 -5.90 51.93
CA LEU F 3 -18.79 -6.68 51.39
C LEU F 3 -19.00 -6.91 49.87
N ILE F 4 -20.23 -7.19 49.43
CA ILE F 4 -20.59 -7.32 47.99
C ILE F 4 -21.17 -6.00 47.48
N ASP F 5 -20.44 -5.35 46.57
CA ASP F 5 -20.81 -4.03 46.00
C ASP F 5 -22.09 -4.22 45.18
N PRO F 6 -23.08 -3.30 45.28
CA PRO F 6 -24.36 -3.48 44.60
C PRO F 6 -24.30 -3.45 43.05
N ARG F 7 -23.23 -2.89 42.49
CA ARG F 7 -22.95 -2.83 41.03
C ARG F 7 -22.27 -4.13 40.54
N ALA F 8 -21.95 -5.06 41.43
CA ALA F 8 -21.47 -6.41 41.07
C ALA F 8 -22.65 -7.29 40.66
N ILE F 9 -22.42 -8.19 39.71
CA ILE F 9 -23.36 -9.24 39.24
C ILE F 9 -23.00 -10.52 39.98
N ILE F 10 -23.90 -11.00 40.86
CA ILE F 10 -23.75 -12.31 41.57
C ILE F 10 -24.83 -13.24 41.02
N ASP F 11 -24.46 -14.19 40.16
CA ASP F 11 -25.39 -15.22 39.64
C ASP F 11 -26.09 -15.85 40.83
N PRO F 12 -27.42 -16.12 40.73
CA PRO F 12 -28.15 -16.76 41.82
C PRO F 12 -27.53 -18.10 42.25
N SER F 13 -26.95 -18.86 41.32
CA SER F 13 -26.33 -20.21 41.54
C SER F 13 -24.87 -20.10 42.04
N ALA F 14 -24.36 -18.90 42.36
CA ALA F 14 -23.01 -18.69 42.92
C ALA F 14 -23.09 -18.92 44.44
N ARG F 15 -22.00 -19.38 45.05
CA ARG F 15 -21.90 -19.67 46.50
C ARG F 15 -20.71 -18.91 47.10
N LEU F 16 -20.99 -17.83 47.83
CA LEU F 16 -19.98 -16.96 48.48
C LEU F 16 -20.04 -17.21 49.99
N ALA F 17 -18.91 -17.57 50.62
CA ALA F 17 -18.75 -17.59 52.08
C ALA F 17 -19.16 -16.22 52.64
N ALA F 18 -19.56 -16.17 53.90
CA ALA F 18 -20.26 -15.02 54.54
C ALA F 18 -19.50 -13.71 54.29
N ASP F 19 -18.17 -13.69 54.46
CA ASP F 19 -17.35 -12.44 54.53
C ASP F 19 -16.59 -12.17 53.22
N VAL F 20 -16.96 -12.83 52.11
CA VAL F 20 -16.34 -12.61 50.77
C VAL F 20 -16.59 -11.16 50.36
N GLN F 21 -15.55 -10.41 49.96
CA GLN F 21 -15.73 -9.06 49.35
C GLN F 21 -15.68 -9.20 47.83
N VAL F 22 -16.48 -8.39 47.13
CA VAL F 22 -16.51 -8.30 45.64
C VAL F 22 -16.62 -6.83 45.24
N GLY F 23 -15.69 -6.33 44.44
CA GLY F 23 -15.64 -4.91 44.02
C GLY F 23 -16.68 -4.59 42.94
N PRO F 24 -16.92 -3.29 42.67
CA PRO F 24 -17.90 -2.86 41.69
C PRO F 24 -17.54 -3.37 40.28
N TRP F 25 -18.57 -3.73 39.53
CA TRP F 25 -18.54 -4.04 38.08
C TRP F 25 -17.85 -5.38 37.84
N SER F 26 -17.84 -6.25 38.86
CA SER F 26 -17.29 -7.62 38.80
C SER F 26 -18.44 -8.59 38.55
N ILE F 27 -18.15 -9.73 37.93
CA ILE F 27 -19.15 -10.79 37.63
C ILE F 27 -18.68 -12.05 38.35
N VAL F 28 -19.48 -12.51 39.33
CA VAL F 28 -19.40 -13.89 39.85
C VAL F 28 -20.51 -14.69 39.15
N GLY F 29 -20.11 -15.49 38.17
CA GLY F 29 -21.04 -16.21 37.30
C GLY F 29 -21.54 -17.49 37.94
N ALA F 30 -22.38 -18.21 37.20
CA ALA F 30 -23.05 -19.46 37.61
C ALA F 30 -22.00 -20.50 38.00
N GLU F 31 -22.26 -21.25 39.08
CA GLU F 31 -21.45 -22.40 39.56
C GLU F 31 -20.04 -21.90 39.92
N VAL F 32 -19.90 -20.66 40.38
CA VAL F 32 -18.62 -20.17 40.95
C VAL F 32 -18.79 -20.15 42.48
N GLU F 33 -18.01 -20.97 43.20
CA GLU F 33 -17.89 -20.94 44.67
C GLU F 33 -16.68 -20.10 45.08
N ILE F 34 -16.84 -19.21 46.07
CA ILE F 34 -15.77 -18.39 46.70
C ILE F 34 -15.77 -18.64 48.22
N GLY F 35 -14.62 -19.14 48.73
CA GLY F 35 -14.34 -19.48 50.13
C GLY F 35 -14.12 -18.25 51.00
N GLU F 36 -14.13 -18.47 52.33
CA GLU F 36 -14.00 -17.47 53.42
C GLU F 36 -12.80 -16.55 53.21
N GLY F 37 -12.97 -15.25 53.40
CA GLY F 37 -11.85 -14.29 53.42
C GLY F 37 -11.37 -13.88 52.03
N THR F 38 -11.85 -14.49 50.94
CA THR F 38 -11.37 -14.16 49.57
C THR F 38 -11.88 -12.76 49.18
N VAL F 39 -11.01 -11.93 48.60
CA VAL F 39 -11.30 -10.54 48.12
C VAL F 39 -11.20 -10.48 46.57
N ILE F 40 -12.34 -10.27 45.91
CA ILE F 40 -12.46 -9.96 44.46
C ILE F 40 -12.43 -8.45 44.31
N GLY F 41 -11.44 -7.94 43.57
CA GLY F 41 -11.32 -6.52 43.24
C GLY F 41 -12.42 -6.11 42.27
N PRO F 42 -12.41 -4.85 41.80
CA PRO F 42 -13.39 -4.41 40.81
C PRO F 42 -13.01 -4.91 39.41
N HIS F 43 -13.98 -4.94 38.50
CA HIS F 43 -13.78 -5.24 37.06
C HIS F 43 -13.21 -6.66 36.87
N VAL F 44 -13.64 -7.62 37.69
CA VAL F 44 -13.16 -9.03 37.60
C VAL F 44 -14.25 -9.84 36.92
N VAL F 45 -13.86 -10.77 36.06
CA VAL F 45 -14.81 -11.76 35.48
C VAL F 45 -14.46 -13.12 36.04
N LEU F 46 -15.38 -13.70 36.82
CA LEU F 46 -15.29 -15.11 37.26
C LEU F 46 -16.36 -15.92 36.52
N LYS F 47 -15.94 -17.01 35.88
CA LYS F 47 -16.89 -17.92 35.18
C LYS F 47 -16.67 -19.32 35.77
N GLY F 48 -17.72 -20.15 35.79
CA GLY F 48 -17.70 -21.47 36.44
C GLY F 48 -17.97 -22.56 35.41
N PRO F 49 -18.04 -23.85 35.78
CA PRO F 49 -17.80 -24.33 37.15
C PRO F 49 -16.39 -24.09 37.71
N THR F 50 -16.32 -23.26 38.76
CA THR F 50 -15.04 -22.78 39.37
C THR F 50 -15.16 -22.85 40.89
N LYS F 51 -14.13 -23.39 41.55
CA LYS F 51 -14.00 -23.33 43.02
C LYS F 51 -12.77 -22.50 43.38
N ILE F 52 -12.97 -21.45 44.18
CA ILE F 52 -11.93 -20.60 44.80
C ILE F 52 -12.01 -20.79 46.32
N GLY F 53 -10.88 -21.13 46.94
CA GLY F 53 -10.73 -21.37 48.38
C GLY F 53 -10.69 -20.08 49.18
N LYS F 54 -9.92 -20.07 50.26
CA LYS F 54 -9.96 -19.03 51.31
C LYS F 54 -8.79 -18.06 51.14
N HIS F 55 -8.99 -16.82 51.60
CA HIS F 55 -7.92 -15.78 51.66
C HIS F 55 -7.22 -15.52 50.33
N ASN F 56 -7.97 -15.57 49.25
CA ASN F 56 -7.40 -15.26 47.91
C ASN F 56 -7.61 -13.78 47.66
N ARG F 57 -6.75 -13.17 46.84
CA ARG F 57 -6.96 -11.78 46.35
C ARG F 57 -6.88 -11.80 44.82
N ILE F 58 -7.97 -11.44 44.16
CA ILE F 58 -8.07 -11.35 42.66
C ILE F 58 -8.25 -9.89 42.25
N TYR F 59 -7.30 -9.37 41.48
CA TYR F 59 -7.19 -7.96 41.06
C TYR F 59 -8.02 -7.75 39.79
N GLN F 60 -8.32 -6.49 39.53
CA GLN F 60 -9.11 -5.98 38.40
C GLN F 60 -8.65 -6.58 37.07
N PHE F 61 -9.58 -6.69 36.13
CA PHE F 61 -9.33 -6.99 34.70
C PHE F 61 -8.89 -8.44 34.50
N SER F 62 -8.90 -9.23 35.57
CA SER F 62 -8.60 -10.68 35.52
C SER F 62 -9.84 -11.40 34.96
N SER F 63 -9.63 -12.43 34.14
CA SER F 63 -10.70 -13.29 33.59
C SER F 63 -10.42 -14.71 34.03
N VAL F 64 -11.06 -15.16 35.13
CA VAL F 64 -10.79 -16.46 35.81
C VAL F 64 -11.95 -17.44 35.59
N GLY F 65 -11.67 -18.53 34.87
CA GLY F 65 -12.61 -19.63 34.62
C GLY F 65 -13.18 -19.55 33.22
N GLU F 66 -12.54 -18.80 32.33
CA GLU F 66 -12.99 -18.67 30.92
C GLU F 66 -12.74 -20.02 30.25
N ASP F 67 -13.50 -20.31 29.20
CA ASP F 67 -13.23 -21.44 28.28
C ASP F 67 -11.92 -21.19 27.52
N THR F 68 -11.12 -22.22 27.31
CA THR F 68 -9.99 -22.17 26.37
C THR F 68 -10.54 -21.87 24.97
N PRO F 69 -9.84 -21.05 24.16
CA PRO F 69 -10.18 -20.92 22.74
C PRO F 69 -9.77 -22.15 21.92
N ASP F 70 -9.03 -23.09 22.50
CA ASP F 70 -8.55 -24.36 21.85
C ASP F 70 -9.76 -25.07 21.22
N LEU F 71 -9.74 -25.31 19.91
CA LEU F 71 -10.92 -25.72 19.07
C LEU F 71 -11.36 -27.14 19.46
N LYS F 72 -10.53 -27.90 20.19
CA LYS F 72 -10.84 -29.26 20.72
C LYS F 72 -11.88 -29.17 21.84
N TYR F 73 -11.94 -28.05 22.57
CA TYR F 73 -12.99 -27.71 23.56
C TYR F 73 -14.31 -27.38 22.82
N LYS F 74 -15.46 -27.79 23.37
CA LYS F 74 -16.81 -27.64 22.75
C LYS F 74 -17.90 -27.40 23.82
N GLY F 75 -17.63 -26.54 24.81
CA GLY F 75 -18.59 -26.08 25.84
C GLY F 75 -19.04 -27.17 26.82
N GLU F 76 -18.16 -28.13 27.19
CA GLU F 76 -18.49 -29.26 28.11
C GLU F 76 -18.31 -28.81 29.57
N PRO F 77 -18.84 -29.56 30.58
CA PRO F 77 -18.82 -29.11 31.98
C PRO F 77 -17.50 -29.36 32.71
N THR F 78 -16.47 -28.55 32.38
CA THR F 78 -15.08 -28.67 32.91
C THR F 78 -14.81 -27.65 34.02
N ARG F 79 -13.75 -27.90 34.82
CA ARG F 79 -13.55 -27.27 36.15
C ARG F 79 -12.26 -26.42 36.23
N LEU F 80 -12.32 -25.39 37.06
CA LEU F 80 -11.16 -24.68 37.64
C LEU F 80 -11.29 -24.76 39.16
N VAL F 81 -10.20 -25.14 39.82
CA VAL F 81 -10.08 -25.17 41.30
C VAL F 81 -8.87 -24.31 41.70
N ILE F 82 -9.12 -23.28 42.48
CA ILE F 82 -8.08 -22.44 43.12
C ILE F 82 -8.12 -22.74 44.63
N GLY F 83 -6.96 -22.99 45.23
CA GLY F 83 -6.81 -23.29 46.67
C GLY F 83 -6.91 -22.02 47.50
N ASP F 84 -6.01 -21.85 48.46
CA ASP F 84 -6.05 -20.75 49.46
C ASP F 84 -4.80 -19.85 49.40
N HIS F 85 -4.93 -18.58 49.82
CA HIS F 85 -3.82 -17.62 50.07
C HIS F 85 -3.11 -17.26 48.76
N ASN F 86 -3.82 -17.40 47.65
CA ASN F 86 -3.30 -17.03 46.31
C ASN F 86 -3.56 -15.54 46.06
N VAL F 87 -2.60 -14.90 45.41
CA VAL F 87 -2.73 -13.51 44.88
C VAL F 87 -2.67 -13.58 43.35
N ILE F 88 -3.73 -13.05 42.72
CA ILE F 88 -3.91 -13.00 41.25
C ILE F 88 -4.01 -11.53 40.85
N ARG F 89 -2.95 -11.05 40.19
CA ARG F 89 -2.75 -9.61 39.87
C ARG F 89 -3.62 -9.22 38.65
N GLU F 90 -3.43 -7.99 38.21
CA GLU F 90 -4.18 -7.34 37.12
C GLU F 90 -4.08 -8.16 35.83
N GLY F 91 -5.23 -8.34 35.15
CA GLY F 91 -5.34 -8.82 33.75
C GLY F 91 -4.96 -10.29 33.59
N VAL F 92 -4.94 -11.05 34.68
CA VAL F 92 -4.57 -12.49 34.62
C VAL F 92 -5.72 -13.24 33.94
N THR F 93 -5.38 -14.18 33.08
CA THR F 93 -6.38 -15.09 32.46
C THR F 93 -6.06 -16.51 32.92
N ILE F 94 -7.09 -17.23 33.35
CA ILE F 94 -6.98 -18.65 33.79
C ILE F 94 -8.15 -19.38 33.18
N HIS F 95 -7.86 -20.41 32.41
CA HIS F 95 -8.87 -21.18 31.66
C HIS F 95 -9.13 -22.48 32.43
N ARG F 96 -10.36 -22.97 32.28
CA ARG F 96 -10.85 -24.25 32.83
C ARG F 96 -10.29 -25.36 31.97
N GLY F 97 -10.43 -26.59 32.44
CA GLY F 97 -9.91 -27.77 31.73
C GLY F 97 -10.73 -28.18 30.51
N THR F 98 -10.35 -29.32 29.94
CA THR F 98 -10.98 -29.94 28.76
C THR F 98 -11.22 -31.43 29.09
N VAL F 99 -12.29 -32.03 28.56
CA VAL F 99 -12.64 -33.47 28.79
C VAL F 99 -11.57 -34.34 28.11
N GLN F 100 -10.97 -33.86 27.01
CA GLN F 100 -9.88 -34.58 26.30
C GLN F 100 -8.77 -34.97 27.28
N ASP F 101 -8.53 -34.20 28.34
CA ASP F 101 -7.44 -34.48 29.32
C ASP F 101 -8.05 -34.74 30.70
N ARG F 102 -8.00 -33.78 31.61
CA ARG F 102 -8.24 -33.93 33.08
C ARG F 102 -9.60 -33.35 33.45
N ALA F 103 -10.20 -32.56 32.55
CA ALA F 103 -11.48 -31.83 32.76
C ALA F 103 -11.33 -30.81 33.89
N GLU F 104 -10.09 -30.40 34.20
CA GLU F 104 -9.78 -29.53 35.37
C GLU F 104 -8.45 -28.80 35.19
N THR F 105 -8.46 -27.50 35.47
CA THR F 105 -7.28 -26.66 35.76
C THR F 105 -7.22 -26.49 37.28
N THR F 106 -6.06 -26.75 37.87
CA THR F 106 -5.87 -26.79 39.34
C THR F 106 -4.75 -25.83 39.74
N ILE F 107 -5.04 -24.96 40.72
CA ILE F 107 -4.05 -24.13 41.43
C ILE F 107 -4.18 -24.46 42.92
N GLY F 108 -3.04 -24.68 43.60
CA GLY F 108 -2.90 -24.90 45.06
C GLY F 108 -2.94 -23.61 45.84
N ASP F 109 -2.03 -23.42 46.78
CA ASP F 109 -2.08 -22.40 47.84
C ASP F 109 -0.84 -21.53 47.81
N HIS F 110 -0.98 -20.28 48.29
CA HIS F 110 0.13 -19.31 48.53
C HIS F 110 0.91 -19.04 47.22
N ASN F 111 0.26 -19.15 46.06
CA ASN F 111 0.88 -18.79 44.76
C ASN F 111 0.71 -17.29 44.58
N LEU F 112 1.68 -16.66 43.92
CA LEU F 112 1.61 -15.25 43.46
C LEU F 112 1.65 -15.25 41.92
N ILE F 113 0.57 -14.80 41.29
CA ILE F 113 0.43 -14.79 39.80
C ILE F 113 0.35 -13.33 39.40
N MET F 114 1.41 -12.84 38.79
CA MET F 114 1.56 -11.39 38.56
C MET F 114 0.90 -11.02 37.23
N ALA F 115 0.86 -9.72 36.97
CA ALA F 115 0.03 -9.08 35.95
C ALA F 115 0.18 -9.77 34.59
N TYR F 116 -0.97 -10.03 33.94
CA TYR F 116 -1.13 -10.51 32.55
C TYR F 116 -0.47 -11.86 32.34
N ALA F 117 -0.23 -12.60 33.41
CA ALA F 117 0.14 -14.02 33.32
C ALA F 117 -1.07 -14.76 32.75
N HIS F 118 -0.80 -15.88 32.10
CA HIS F 118 -1.82 -16.78 31.50
C HIS F 118 -1.56 -18.20 31.99
N ILE F 119 -2.61 -18.84 32.51
CA ILE F 119 -2.63 -20.27 32.89
C ILE F 119 -3.61 -20.99 31.98
N GLY F 120 -3.10 -21.80 31.05
CA GLY F 120 -3.92 -22.49 30.05
C GLY F 120 -4.62 -23.71 30.65
N HIS F 121 -5.67 -24.16 29.96
CA HIS F 121 -6.51 -25.35 30.27
C HIS F 121 -5.65 -26.51 30.76
N ASP F 122 -6.08 -27.15 31.84
CA ASP F 122 -5.58 -28.47 32.31
C ASP F 122 -4.21 -28.31 32.96
N SER F 123 -3.77 -27.07 33.17
CA SER F 123 -2.49 -26.78 33.88
C SER F 123 -2.71 -27.06 35.36
N VAL F 124 -1.65 -27.51 36.02
CA VAL F 124 -1.63 -27.81 37.48
C VAL F 124 -0.49 -27.00 38.08
N ILE F 125 -0.85 -26.00 38.86
CA ILE F 125 0.11 -25.26 39.71
C ILE F 125 -0.09 -25.81 41.14
N GLY F 126 1.02 -26.22 41.76
CA GLY F 126 1.10 -26.58 43.19
C GLY F 126 1.06 -25.37 44.10
N ASN F 127 2.03 -25.25 45.00
CA ASN F 127 2.02 -24.31 46.13
C ASN F 127 3.26 -23.43 46.07
N HIS F 128 3.13 -22.18 46.52
CA HIS F 128 4.23 -21.21 46.76
C HIS F 128 4.96 -20.88 45.45
N CYS F 129 4.36 -21.14 44.31
CA CYS F 129 4.92 -20.77 42.99
C CYS F 129 4.79 -19.26 42.81
N ILE F 130 5.64 -18.67 41.95
CA ILE F 130 5.59 -17.24 41.54
C ILE F 130 5.71 -17.20 40.02
N LEU F 131 4.64 -16.73 39.37
CA LEU F 131 4.56 -16.48 37.93
C LEU F 131 4.65 -14.97 37.78
N VAL F 132 5.82 -14.47 37.39
CA VAL F 132 6.04 -13.01 37.21
C VAL F 132 5.32 -12.59 35.92
N ASN F 133 5.09 -11.29 35.79
CA ASN F 133 4.36 -10.60 34.70
C ASN F 133 4.47 -11.39 33.39
N ASN F 134 3.31 -11.68 32.77
CA ASN F 134 3.19 -12.14 31.37
C ASN F 134 3.84 -13.51 31.18
N THR F 135 4.09 -14.26 32.25
CA THR F 135 4.33 -15.72 32.20
C THR F 135 3.10 -16.33 31.53
N ALA F 136 3.29 -17.18 30.53
CA ALA F 136 2.21 -17.85 29.79
C ALA F 136 2.43 -19.36 29.81
N LEU F 137 1.46 -20.12 30.33
CA LEU F 137 1.46 -21.61 30.31
C LEU F 137 0.43 -22.05 29.29
N ALA F 138 0.86 -22.84 28.30
CA ALA F 138 0.07 -23.21 27.10
C ALA F 138 -1.19 -23.99 27.45
N GLY F 139 -1.06 -25.03 28.26
CA GLY F 139 -2.06 -26.10 28.37
C GLY F 139 -1.41 -27.37 28.90
N HIS F 140 -1.98 -28.02 29.91
CA HIS F 140 -1.47 -29.27 30.53
C HIS F 140 -0.04 -29.04 31.07
N VAL F 141 0.24 -27.83 31.54
CA VAL F 141 1.57 -27.52 32.14
C VAL F 141 1.48 -27.76 33.65
N HIS F 142 2.49 -28.41 34.21
CA HIS F 142 2.58 -28.70 35.66
C HIS F 142 3.70 -27.85 36.23
N VAL F 143 3.37 -26.94 37.13
CA VAL F 143 4.36 -26.12 37.89
C VAL F 143 4.34 -26.62 39.33
N ASP F 144 5.41 -27.29 39.75
CA ASP F 144 5.57 -27.91 41.09
C ASP F 144 6.00 -26.84 42.09
N ASP F 145 5.97 -27.19 43.37
CA ASP F 145 6.05 -26.23 44.51
C ASP F 145 7.31 -25.37 44.40
N TRP F 146 7.17 -24.07 44.73
CA TRP F 146 8.24 -23.06 44.93
C TRP F 146 8.90 -22.60 43.62
N ALA F 147 8.48 -23.09 42.45
CA ALA F 147 9.05 -22.68 41.14
C ALA F 147 8.77 -21.19 40.97
N ILE F 148 9.80 -20.44 40.56
CA ILE F 148 9.72 -19.02 40.10
C ILE F 148 9.98 -19.00 38.58
N LEU F 149 9.02 -18.49 37.82
CA LEU F 149 9.10 -18.21 36.38
C LEU F 149 9.14 -16.69 36.22
N SER F 150 10.28 -16.15 35.76
CA SER F 150 10.47 -14.69 35.60
C SER F 150 9.52 -14.18 34.50
N GLY F 151 9.45 -12.87 34.35
CA GLY F 151 8.57 -12.17 33.41
C GLY F 151 8.69 -12.75 32.02
N TYR F 152 7.57 -12.93 31.34
CA TYR F 152 7.54 -13.29 29.90
C TYR F 152 8.17 -14.67 29.69
N THR F 153 8.12 -15.55 30.69
CA THR F 153 8.45 -16.98 30.48
C THR F 153 7.28 -17.61 29.75
N LEU F 154 7.55 -18.32 28.66
CA LEU F 154 6.57 -19.09 27.86
C LEU F 154 6.86 -20.56 28.11
N VAL F 155 5.82 -21.37 28.36
CA VAL F 155 5.94 -22.83 28.58
C VAL F 155 5.00 -23.54 27.60
N HIS F 156 5.58 -24.36 26.72
CA HIS F 156 4.91 -25.27 25.77
C HIS F 156 3.99 -26.26 26.49
N GLN F 157 2.97 -26.74 25.79
CA GLN F 157 1.96 -27.64 26.40
C GLN F 157 2.68 -28.92 26.83
N TYR F 158 2.26 -29.45 27.99
CA TYR F 158 2.65 -30.74 28.60
C TYR F 158 4.00 -30.64 29.33
N CYS F 159 4.63 -29.47 29.35
CA CYS F 159 5.93 -29.28 30.01
C CYS F 159 5.73 -29.32 31.52
N ARG F 160 6.72 -29.85 32.23
CA ARG F 160 6.74 -29.96 33.69
C ARG F 160 7.81 -28.98 34.18
N ILE F 161 7.44 -28.10 35.11
CA ILE F 161 8.37 -27.13 35.77
C ILE F 161 8.61 -27.66 37.18
N GLY F 162 9.84 -28.11 37.44
CA GLY F 162 10.23 -28.79 38.68
C GLY F 162 10.14 -27.85 39.88
N ALA F 163 9.93 -28.40 41.08
CA ALA F 163 9.91 -27.66 42.35
C ALA F 163 11.23 -26.94 42.53
N HIS F 164 11.17 -25.71 43.05
CA HIS F 164 12.30 -24.84 43.43
C HIS F 164 13.13 -24.42 42.19
N SER F 165 12.60 -24.64 40.98
CA SER F 165 13.27 -24.27 39.70
C SER F 165 13.10 -22.78 39.46
N PHE F 166 13.85 -22.23 38.50
CA PHE F 166 13.85 -20.80 38.15
C PHE F 166 14.06 -20.65 36.64
N SER F 167 13.26 -19.80 36.00
CA SER F 167 13.44 -19.36 34.60
C SER F 167 13.75 -17.87 34.61
N GLY F 168 14.76 -17.47 33.84
CA GLY F 168 15.10 -16.06 33.58
C GLY F 168 14.08 -15.39 32.67
N MET F 169 13.99 -14.07 32.76
CA MET F 169 13.22 -13.15 31.89
C MET F 169 13.20 -13.70 30.48
N GLY F 170 12.02 -13.87 29.88
CA GLY F 170 11.87 -14.13 28.43
C GLY F 170 12.25 -15.56 28.07
N SER F 171 12.32 -16.47 29.04
CA SER F 171 12.67 -17.89 28.76
C SER F 171 11.53 -18.49 27.94
N ALA F 172 11.89 -19.29 26.94
CA ALA F 172 10.91 -20.08 26.17
C ALA F 172 11.23 -21.54 26.40
N ILE F 173 10.37 -22.21 27.17
CA ILE F 173 10.59 -23.59 27.70
C ILE F 173 9.77 -24.53 26.82
N GLY F 174 10.46 -25.48 26.18
CA GLY F 174 9.89 -26.48 25.28
C GLY F 174 10.05 -27.88 25.83
N LYS F 175 10.89 -28.05 26.84
CA LYS F 175 11.17 -29.37 27.48
C LYS F 175 11.07 -29.18 28.98
N ASP F 176 10.97 -30.28 29.71
CA ASP F 176 10.78 -30.29 31.17
C ASP F 176 11.98 -29.65 31.85
N VAL F 177 11.72 -28.84 32.86
CA VAL F 177 12.74 -28.20 33.72
C VAL F 177 12.79 -29.04 34.99
N PRO F 178 13.90 -29.74 35.24
CA PRO F 178 14.02 -30.50 36.48
C PRO F 178 13.91 -29.60 37.72
N ALA F 179 13.51 -30.22 38.84
CA ALA F 179 13.54 -29.64 40.18
C ALA F 179 14.86 -28.89 40.38
N TYR F 180 14.79 -27.70 40.98
CA TYR F 180 15.95 -26.83 41.36
C TYR F 180 16.70 -26.25 40.14
N VAL F 181 16.46 -26.71 38.92
CA VAL F 181 17.29 -26.28 37.76
C VAL F 181 16.93 -24.84 37.40
N THR F 182 17.94 -24.11 37.00
CA THR F 182 17.89 -22.69 36.57
C THR F 182 18.01 -22.72 35.04
N VAL F 183 17.03 -22.16 34.31
CA VAL F 183 17.04 -22.07 32.82
C VAL F 183 16.86 -20.60 32.38
N PHE F 184 17.31 -20.31 31.16
CA PHE F 184 17.34 -18.94 30.59
C PHE F 184 17.27 -19.04 29.08
N GLY F 185 16.62 -18.06 28.46
CA GLY F 185 16.72 -17.76 27.04
C GLY F 185 15.63 -18.41 26.22
N ASN F 186 15.63 -18.05 24.94
CA ASN F 186 14.77 -18.62 23.89
C ASN F 186 15.64 -19.23 22.80
N PRO F 187 15.79 -20.57 22.68
CA PRO F 187 15.19 -21.53 23.60
C PRO F 187 15.86 -21.62 24.98
N ALA F 188 15.15 -22.19 25.96
CA ALA F 188 15.62 -22.27 27.36
C ALA F 188 16.84 -23.18 27.38
N GLU F 189 17.87 -22.81 28.14
CA GLU F 189 19.08 -23.64 28.38
C GLU F 189 19.21 -23.82 29.90
N ALA F 190 19.60 -25.03 30.33
CA ALA F 190 20.03 -25.36 31.71
C ALA F 190 21.33 -24.62 32.06
N ARG F 191 21.35 -23.77 33.08
CA ARG F 191 22.58 -23.01 33.46
C ARG F 191 23.22 -23.62 34.72
N SER F 192 22.43 -23.93 35.73
CA SER F 192 22.85 -24.73 36.93
C SER F 192 21.64 -24.93 37.86
N MET F 193 21.84 -24.85 39.18
CA MET F 193 20.74 -24.97 40.15
C MET F 193 20.55 -23.69 40.97
N ASN F 194 19.35 -23.57 41.53
CA ASN F 194 18.84 -22.34 42.20
C ASN F 194 19.42 -22.26 43.63
N PHE F 195 20.76 -22.21 43.77
CA PHE F 195 21.47 -22.26 45.07
C PHE F 195 21.04 -21.08 45.94
N GLU F 196 20.74 -19.94 45.31
CA GLU F 196 20.30 -18.69 45.99
C GLU F 196 18.94 -18.94 46.64
N GLY F 197 17.97 -19.47 45.88
CA GLY F 197 16.63 -19.84 46.41
C GLY F 197 16.71 -20.99 47.41
N MET F 198 17.72 -21.85 47.29
CA MET F 198 17.90 -23.03 48.19
C MET F 198 18.45 -22.57 49.54
N ARG F 199 19.56 -21.81 49.54
CA ARG F 199 20.20 -21.28 50.76
C ARG F 199 19.21 -20.39 51.51
N ARG F 200 18.42 -19.57 50.80
CA ARG F 200 17.45 -18.65 51.47
C ARG F 200 16.25 -19.40 52.07
N ARG F 201 15.67 -20.39 51.38
CA ARG F 201 14.54 -21.21 51.92
C ARG F 201 15.06 -22.08 53.08
N GLY F 202 16.38 -22.25 53.19
CA GLY F 202 17.09 -22.86 54.33
C GLY F 202 17.30 -24.34 54.12
N PHE F 203 17.56 -24.75 52.87
CA PHE F 203 18.09 -26.09 52.54
C PHE F 203 19.44 -26.29 53.26
N SER F 204 19.71 -27.53 53.64
CA SER F 204 20.96 -27.99 54.32
C SER F 204 22.12 -27.91 53.32
N SER F 205 23.31 -27.59 53.84
CA SER F 205 24.57 -27.55 53.07
C SER F 205 24.80 -28.90 52.38
N GLU F 206 24.51 -30.01 53.08
CA GLU F 206 24.75 -31.40 52.59
C GLU F 206 23.80 -31.72 51.43
N ALA F 207 22.55 -31.26 51.52
CA ALA F 207 21.53 -31.47 50.46
C ALA F 207 22.02 -30.78 49.18
N ILE F 208 22.47 -29.54 49.32
CA ILE F 208 22.99 -28.72 48.18
C ILE F 208 24.17 -29.40 47.49
N HIS F 209 25.18 -29.83 48.26
CA HIS F 209 26.40 -30.54 47.75
C HIS F 209 25.98 -31.79 46.98
N ALA F 210 24.99 -32.54 47.47
CA ALA F 210 24.50 -33.78 46.82
C ALA F 210 23.79 -33.41 45.50
N LEU F 211 23.07 -32.29 45.47
CA LEU F 211 22.32 -31.81 44.25
C LEU F 211 23.33 -31.35 43.19
N ARG F 212 24.45 -30.76 43.63
CA ARG F 212 25.59 -30.37 42.75
C ARG F 212 26.08 -31.62 42.02
N ARG F 213 26.35 -32.71 42.75
CA ARG F 213 26.88 -33.93 42.11
C ARG F 213 25.79 -34.50 41.20
N ALA F 214 24.54 -34.46 41.67
CA ALA F 214 23.36 -34.90 40.90
C ALA F 214 23.29 -34.15 39.55
N TYR F 215 23.46 -32.83 39.56
CA TYR F 215 23.48 -32.01 38.32
C TYR F 215 24.55 -32.55 37.35
N LYS F 216 25.75 -32.86 37.88
CA LYS F 216 26.91 -33.36 37.08
C LYS F 216 26.54 -34.69 36.42
N VAL F 217 25.90 -35.58 37.17
CA VAL F 217 25.55 -36.96 36.71
C VAL F 217 24.66 -36.86 35.48
N VAL F 218 23.69 -35.95 35.53
CA VAL F 218 22.66 -35.75 34.47
C VAL F 218 23.30 -34.98 33.30
N TYR F 219 24.01 -33.90 33.58
CA TYR F 219 24.32 -32.87 32.56
C TYR F 219 25.76 -33.02 32.01
N ARG F 220 26.73 -33.47 32.82
CA ARG F 220 28.17 -33.23 32.55
C ARG F 220 29.02 -34.51 32.45
N GLN F 221 28.46 -35.71 32.63
CA GLN F 221 29.22 -36.99 32.60
C GLN F 221 28.88 -37.82 31.36
N GLY F 222 28.22 -37.22 30.36
CA GLY F 222 27.98 -37.82 29.03
C GLY F 222 26.86 -38.87 29.02
N HIS F 223 26.39 -39.28 30.20
CA HIS F 223 25.33 -40.32 30.41
C HIS F 223 24.07 -40.00 29.59
N THR F 224 23.36 -41.04 29.15
CA THR F 224 21.96 -40.95 28.66
C THR F 224 21.08 -40.66 29.89
N VAL F 225 19.79 -40.38 29.67
CA VAL F 225 18.79 -40.19 30.76
C VAL F 225 18.74 -41.50 31.56
N GLU F 226 18.50 -42.64 30.87
CA GLU F 226 18.48 -44.02 31.42
C GLU F 226 19.72 -44.25 32.31
N GLU F 227 20.92 -44.08 31.73
CA GLU F 227 22.23 -44.29 32.43
C GLU F 227 22.33 -43.36 33.65
N ALA F 228 21.87 -42.11 33.53
CA ALA F 228 21.97 -41.07 34.58
C ALA F 228 21.04 -41.39 35.75
N LEU F 229 19.83 -41.88 35.48
CA LEU F 229 18.82 -42.23 36.53
C LEU F 229 19.41 -43.29 37.47
N ALA F 230 20.05 -44.31 36.89
CA ALA F 230 20.73 -45.43 37.60
C ALA F 230 21.74 -44.87 38.62
N GLU F 231 22.56 -43.90 38.22
CA GLU F 231 23.67 -43.32 39.02
C GLU F 231 23.11 -42.47 40.17
N LEU F 232 21.93 -41.88 40.00
CA LEU F 232 21.24 -41.06 41.04
C LEU F 232 20.57 -42.00 42.05
N ALA F 233 20.21 -43.21 41.61
CA ALA F 233 19.46 -44.23 42.38
C ALA F 233 19.97 -44.19 43.83
N GLU F 234 21.28 -44.32 44.01
CA GLU F 234 21.97 -44.38 45.32
C GLU F 234 21.74 -43.09 46.11
N SER F 235 22.24 -41.94 45.63
CA SER F 235 22.16 -40.61 46.29
C SER F 235 20.69 -40.19 46.53
N ALA F 236 19.76 -40.59 45.66
CA ALA F 236 18.30 -40.30 45.80
C ALA F 236 17.78 -40.87 47.12
N ALA F 237 18.12 -42.11 47.43
CA ALA F 237 17.70 -42.82 48.67
C ALA F 237 18.22 -42.07 49.92
N GLN F 238 19.42 -41.49 49.86
CA GLN F 238 20.08 -40.85 51.03
C GLN F 238 19.57 -39.43 51.26
N PHE F 239 19.23 -38.69 50.19
CA PHE F 239 18.80 -37.27 50.24
C PHE F 239 17.45 -37.13 49.53
N PRO F 240 16.38 -36.67 50.22
CA PRO F 240 15.07 -36.52 49.58
C PRO F 240 15.17 -35.52 48.40
N GLU F 241 15.83 -34.40 48.64
CA GLU F 241 16.04 -33.32 47.63
C GLU F 241 16.55 -33.94 46.34
N VAL F 242 17.40 -34.97 46.42
CA VAL F 242 17.94 -35.67 45.20
C VAL F 242 16.85 -36.61 44.64
N ALA F 243 15.98 -37.15 45.50
CA ALA F 243 14.84 -37.99 45.05
C ALA F 243 13.90 -37.14 44.20
N VAL F 244 13.50 -35.97 44.70
CA VAL F 244 12.72 -34.95 43.94
C VAL F 244 13.38 -34.67 42.57
N PHE F 245 14.69 -34.41 42.56
CA PHE F 245 15.48 -34.12 41.33
C PHE F 245 15.41 -35.35 40.41
N ARG F 246 15.78 -36.52 40.93
CA ARG F 246 15.71 -37.79 40.16
C ARG F 246 14.28 -37.99 39.65
N ASP F 247 13.29 -37.75 40.50
CA ASP F 247 11.85 -37.93 40.16
C ASP F 247 11.52 -37.01 38.98
N SER F 248 11.91 -35.73 39.04
CA SER F 248 11.60 -34.70 38.00
C SER F 248 12.21 -35.14 36.66
N ILE F 249 13.35 -35.83 36.69
CA ILE F 249 14.02 -36.39 35.49
C ILE F 249 13.27 -37.65 35.01
N GLN F 250 12.94 -38.58 35.91
CA GLN F 250 12.20 -39.82 35.57
C GLN F 250 10.80 -39.45 35.03
N SER F 251 10.15 -38.45 35.62
CA SER F 251 8.75 -38.06 35.30
C SER F 251 8.70 -37.15 34.05
N ALA F 252 9.82 -37.00 33.32
CA ALA F 252 9.96 -36.06 32.18
C ALA F 252 9.48 -36.70 30.85
N THR F 253 8.30 -36.29 30.37
CA THR F 253 7.63 -36.87 29.18
C THR F 253 8.27 -36.32 27.89
N ARG F 254 8.81 -35.10 27.92
CA ARG F 254 9.27 -34.38 26.70
C ARG F 254 10.81 -34.35 26.64
N GLY F 255 11.48 -35.11 27.51
CA GLY F 255 12.94 -34.97 27.76
C GLY F 255 13.23 -33.69 28.54
N ILE F 256 14.46 -33.52 29.03
CA ILE F 256 14.80 -32.43 29.99
C ILE F 256 15.49 -31.28 29.23
N THR F 257 15.37 -30.07 29.76
CA THR F 257 16.06 -28.87 29.21
C THR F 257 17.57 -29.05 29.44
N ARG F 258 18.36 -28.98 28.37
CA ARG F 258 19.83 -29.19 28.41
C ARG F 258 20.55 -27.86 28.14
C10 F4L G . 11.93 5.90 -25.13
C15 F4L G . 13.71 5.18 -26.82
C17 F4L G . 13.79 3.60 -28.67
C20 F4L G . 11.65 8.39 -24.55
C22 F4L G . 12.53 10.71 -24.68
O01 F4L G . 8.28 8.17 -25.31
C02 F4L G . 8.62 7.40 -24.47
O03 F4L G . 7.83 7.06 -23.35
C04 F4L G . 6.45 7.09 -23.36
C05 F4L G . 6.06 6.93 -21.91
C06 F4L G . 5.90 5.95 -24.14
C07 F4L G . 5.89 8.40 -23.89
N08 F4L G . 9.88 6.73 -24.53
C09 F4L G . 11.08 7.15 -25.22
C11 F4L G . 13.30 5.98 -25.72
C12 F4L G . 14.38 6.75 -25.29
N13 F4L G . 15.41 6.48 -26.09
C14 F4L G . 15.05 5.53 -27.03
C16 F4L G . 13.07 4.20 -27.64
C18 F4L G . 15.15 3.94 -28.91
C19 F4L G . 15.77 4.90 -28.11
N21 F4L G . 12.04 9.52 -25.32
N23 F4L G . 11.91 11.87 -24.70
N24 F4L G . 12.61 12.76 -23.97
N25 F4L G . 13.68 12.11 -23.52
N26 F4L G . 13.64 10.83 -23.96
O27 F4L G . 11.75 8.51 -23.39
C10 F4L H . -8.89 16.35 -14.01
C15 F4L H . -8.74 14.67 -12.03
C17 F4L H . -9.51 12.41 -11.63
C20 F4L H . -7.11 17.91 -14.94
C22 F4L H . -5.17 19.42 -14.42
O01 F4L H . -6.62 15.32 -17.25
C02 F4L H . -7.65 15.88 -17.40
O03 F4L H . -8.20 16.29 -18.61
C04 F4L H . -8.26 15.47 -19.74
C05 F4L H . -8.88 14.14 -19.36
C06 F4L H . -6.89 15.23 -20.40
C07 F4L H . -9.16 16.22 -20.73
N08 F4L H . -8.39 16.27 -16.24
C09 F4L H . -7.74 16.51 -14.99
C11 F4L H . -8.47 15.93 -12.62
C12 F4L H . -7.79 16.71 -11.70
N13 F4L H . -7.63 15.96 -10.59
C14 F4L H . -8.21 14.73 -10.77
C16 F4L H . -9.41 13.50 -12.48
C18 F4L H . -8.94 12.47 -10.35
C19 F4L H . -8.30 13.62 -9.91
N21 F4L H . -5.75 18.09 -14.52
N23 F4L H . -5.41 20.27 -13.41
N24 F4L H . -4.67 21.38 -13.61
N25 F4L H . -4.01 21.24 -14.74
N26 F4L H . -4.31 20.02 -15.25
O27 F4L H . -7.72 18.88 -15.26
C10 F4L I . -4.72 20.15 -39.06
C15 F4L I . -7.20 20.13 -39.76
C17 F4L I . -8.84 21.88 -40.08
C20 F4L I . -2.67 20.39 -37.73
C22 F4L I . -2.09 22.37 -36.40
O01 F4L I . -3.53 17.86 -35.24
C02 F4L I . -3.41 17.70 -36.40
O03 F4L I . -2.59 16.68 -36.91
C04 F4L I . -2.18 15.62 -36.09
C05 F4L I . -3.33 14.76 -35.65
C06 F4L I . -1.38 15.96 -34.83
C07 F4L I . -1.30 14.70 -36.91
N08 F4L I . -4.23 18.59 -37.22
C09 F4L I . -3.67 19.37 -38.27
C11 F4L I . -6.01 19.42 -39.48
C12 F4L I . -6.24 18.06 -39.67
N13 F4L I . -7.52 17.94 -40.06
C14 F4L I . -8.12 19.17 -40.12
C16 F4L I . -7.55 21.51 -39.73
C18 F4L I . -9.79 20.92 -40.44
C19 F4L I . -9.44 19.58 -40.46
N21 F4L I . -3.06 21.41 -36.80
N23 F4L I . -1.44 23.25 -37.17
N24 F4L I . -0.59 23.96 -36.40
N25 F4L I . -0.73 23.51 -35.15
N26 F4L I . -1.70 22.56 -35.18
O27 F4L I . -1.57 20.40 -38.14
C10 F4L J . 0.76 -23.78 20.62
C15 F4L J . -0.68 -23.91 18.53
C17 F4L J . -2.82 -23.00 17.89
C20 F4L J . 3.25 -23.35 20.74
C22 F4L J . 5.50 -23.39 19.52
O01 F4L J . 2.48 -20.17 21.79
C02 F4L J . 2.19 -21.04 22.54
O03 F4L J . 2.48 -21.05 23.90
C04 F4L J . 2.09 -20.05 24.77
C05 F4L J . 0.60 -19.86 24.63
C06 F4L J . 2.55 -20.51 26.12
C07 F4L J . 2.78 -18.73 24.60
N08 F4L J . 1.54 -22.20 22.07
C09 F4L J . 1.84 -22.74 20.77
C11 F4L J . 0.49 -24.26 19.24
C12 F4L J . 1.26 -25.12 18.46
N13 F4L J . 0.61 -25.30 17.30
C14 F4L J . -0.57 -24.58 17.31
C16 F4L J . -1.81 -23.12 18.84
C18 F4L J . -2.69 -23.66 16.65
C19 F4L J . -1.59 -24.46 16.34
N21 F4L J . 4.16 -22.88 19.72
N23 F4L J . 6.64 -22.72 19.63
N24 F4L J . 7.66 -23.55 19.31
N25 F4L J . 7.14 -24.76 18.98
N26 F4L J . 5.78 -24.67 19.10
O27 F4L J . 3.63 -24.18 21.50
C10 F4L K . 9.20 0.46 16.03
C15 F4L K . 8.67 2.60 17.33
C17 F4L K . 6.70 3.38 18.44
C20 F4L K . 10.43 -1.57 16.36
C22 F4L K . 12.76 -2.32 16.53
O01 F4L K . 8.41 -2.77 18.85
C02 F4L K . 7.84 -2.64 17.84
O03 F4L K . 6.93 -3.58 17.37
C04 F4L K . 6.11 -4.35 18.21
C05 F4L K . 5.09 -3.50 18.96
C06 F4L K . 6.88 -5.28 19.15
C07 F4L K . 5.35 -5.25 17.25
N08 F4L K . 8.09 -1.49 17.00
C09 F4L K . 9.32 -0.72 16.96
C11 F4L K . 9.57 1.82 16.61
C12 F4L K . 10.76 2.53 16.46
N13 F4L K . 10.60 3.70 17.12
C14 F4L K . 9.34 3.76 17.64
C16 F4L K . 7.33 2.39 17.71
C18 F4L K . 7.37 4.58 18.78
C19 F4L K . 8.68 4.77 18.38
N21 F4L K . 11.69 -1.56 17.04
N23 F4L K . 13.67 -1.94 15.66
N24 F4L K . 14.50 -2.98 15.48
N25 F4L K . 14.09 -3.99 16.24
N26 F4L K . 13.00 -3.56 16.88
O27 F4L K . 10.25 -2.19 15.37
C10 F4L L . 13.24 -11.03 39.25
C15 F4L L . 11.97 -12.23 41.16
C17 F4L L . 12.47 -14.03 42.71
C20 F4L L . 14.22 -11.35 37.05
C22 F4L L . 15.86 -12.78 35.89
O01 F4L L . 10.96 -10.72 35.50
C02 F4L L . 11.45 -9.80 36.06
O03 F4L L . 11.35 -8.53 35.49
C04 F4L L . 10.59 -8.32 34.33
C05 F4L L . 9.10 -8.31 34.65
C06 F4L L . 10.92 -9.22 33.14
C07 F4L L . 11.07 -6.93 33.90
N08 F4L L . 12.20 -9.92 37.31
C09 F4L L . 12.90 -11.14 37.76
C11 F4L L . 12.04 -11.25 40.16
C12 F4L L . 10.84 -10.54 40.14
N13 F4L L . 10.07 -11.06 41.09
C14 F4L L . 10.72 -12.08 41.73
C16 F4L L . 12.87 -13.21 41.65
C18 F4L L . 11.20 -13.89 43.29
C19 F4L L . 10.32 -12.93 42.81
N21 F4L L . 14.61 -12.64 36.54
N23 F4L L . 16.01 -12.98 34.58
N24 F4L L . 17.35 -13.06 34.32
N25 F4L L . 17.98 -12.93 35.49
N26 F4L L . 17.05 -12.75 36.47
O27 F4L L . 14.95 -10.45 36.95
#